data_2FC9
#
_entry.id   2FC9
#
_entity_poly.entity_id   1
_entity_poly.type   'polypeptide(L)'
_entity_poly.pdbx_seq_one_letter_code
;GSSGSSGNSTWSGESKTLVLSNLSYSATEETLQEVFEKATFIKVPQNQNGKSKGYAFIEFASFEDAKEALNSCNKREIEG
RAIRLELQGPRGSPNSGPSSG
;
_entity_poly.pdbx_strand_id   A
#
# COMPACT_ATOMS: atom_id res chain seq x y z
N GLY A 1 15.05 -3.47 -5.05
CA GLY A 1 15.59 -2.35 -5.81
C GLY A 1 16.59 -2.80 -6.86
N SER A 2 16.17 -2.80 -8.12
CA SER A 2 17.04 -3.21 -9.21
C SER A 2 16.42 -2.83 -10.56
N SER A 3 17.15 -3.10 -11.63
CA SER A 3 16.69 -2.78 -12.98
C SER A 3 15.88 -3.94 -13.56
N GLY A 4 14.89 -4.40 -12.80
CA GLY A 4 14.06 -5.49 -13.25
C GLY A 4 13.13 -6.01 -12.16
N SER A 5 11.92 -6.39 -12.55
CA SER A 5 10.93 -6.90 -11.60
C SER A 5 11.37 -8.24 -11.03
N SER A 6 11.41 -8.32 -9.71
CA SER A 6 11.81 -9.54 -9.02
C SER A 6 10.61 -10.27 -8.44
N GLY A 7 9.79 -9.54 -7.70
CA GLY A 7 8.61 -10.13 -7.09
C GLY A 7 8.48 -9.80 -5.62
N ASN A 8 7.65 -10.56 -4.91
CA ASN A 8 7.44 -10.35 -3.48
C ASN A 8 8.62 -10.88 -2.67
N SER A 9 9.35 -9.96 -2.04
CA SER A 9 10.51 -10.35 -1.23
C SER A 9 10.27 -10.03 0.25
N THR A 10 10.91 -10.79 1.12
CA THR A 10 10.77 -10.59 2.56
C THR A 10 11.68 -9.46 3.04
N TRP A 11 11.12 -8.27 3.17
CA TRP A 11 11.88 -7.11 3.65
C TRP A 11 12.02 -7.11 5.15
N SER A 12 13.21 -6.78 5.64
CA SER A 12 13.47 -6.75 7.07
C SER A 12 12.64 -5.66 7.76
N GLY A 13 11.38 -5.97 8.03
CA GLY A 13 10.49 -5.02 8.67
C GLY A 13 9.05 -5.49 8.71
N GLU A 14 8.23 -4.75 9.44
CA GLU A 14 6.81 -5.11 9.57
C GLU A 14 5.94 -3.85 9.59
N SER A 15 4.95 -3.82 8.70
CA SER A 15 4.05 -2.67 8.61
C SER A 15 2.62 -3.14 8.34
N LYS A 16 1.70 -2.71 9.20
CA LYS A 16 0.29 -3.06 9.05
C LYS A 16 -0.40 -2.17 8.03
N THR A 17 0.27 -1.09 7.65
CA THR A 17 -0.28 -0.16 6.67
C THR A 17 0.28 -0.42 5.28
N LEU A 18 -0.61 -0.68 4.33
CA LEU A 18 -0.21 -0.95 2.95
C LEU A 18 -0.40 0.28 2.08
N VAL A 19 0.56 0.53 1.19
CA VAL A 19 0.50 1.68 0.29
C VAL A 19 0.05 1.26 -1.10
N LEU A 20 -1.16 1.67 -1.47
CA LEU A 20 -1.71 1.34 -2.78
C LEU A 20 -1.39 2.43 -3.80
N SER A 21 -1.01 2.02 -5.00
CA SER A 21 -0.68 2.95 -6.06
C SER A 21 -1.34 2.55 -7.38
N ASN A 22 -1.46 3.50 -8.29
CA ASN A 22 -2.07 3.26 -9.59
C ASN A 22 -3.58 3.08 -9.44
N LEU A 23 -4.16 3.78 -8.48
CA LEU A 23 -5.60 3.71 -8.24
C LEU A 23 -6.36 4.55 -9.26
N SER A 24 -7.51 4.05 -9.69
CA SER A 24 -8.35 4.74 -10.66
C SER A 24 -9.38 5.63 -9.97
N TYR A 25 -9.59 6.80 -10.53
CA TYR A 25 -10.55 7.76 -9.96
C TYR A 25 -11.91 7.08 -9.76
N SER A 26 -12.27 6.19 -10.67
CA SER A 26 -13.55 5.48 -10.59
C SER A 26 -13.58 4.59 -9.35
N ALA A 27 -12.41 4.22 -8.85
CA ALA A 27 -12.32 3.36 -7.67
C ALA A 27 -12.35 4.19 -6.39
N THR A 28 -13.13 3.75 -5.42
CA THR A 28 -13.25 4.44 -4.15
C THR A 28 -13.21 3.46 -2.98
N GLU A 29 -13.10 4.00 -1.77
CA GLU A 29 -13.04 3.18 -0.57
C GLU A 29 -14.00 1.98 -0.68
N GLU A 30 -15.13 2.21 -1.35
CA GLU A 30 -16.12 1.15 -1.54
C GLU A 30 -15.52 -0.05 -2.25
N THR A 31 -14.86 0.21 -3.37
CA THR A 31 -14.24 -0.85 -4.16
C THR A 31 -13.13 -1.54 -3.38
N LEU A 32 -12.35 -0.75 -2.64
CA LEU A 32 -11.25 -1.29 -1.85
C LEU A 32 -11.78 -2.19 -0.73
N GLN A 33 -12.85 -1.76 -0.08
CA GLN A 33 -13.45 -2.53 0.99
C GLN A 33 -13.80 -3.93 0.53
N GLU A 34 -13.86 -4.11 -0.79
CA GLU A 34 -14.19 -5.42 -1.36
C GLU A 34 -12.94 -6.27 -1.52
N VAL A 35 -11.88 -5.66 -2.02
CA VAL A 35 -10.61 -6.36 -2.22
C VAL A 35 -9.98 -6.74 -0.90
N PHE A 36 -9.99 -5.81 0.05
CA PHE A 36 -9.41 -6.07 1.36
C PHE A 36 -10.50 -6.18 2.43
N GLU A 37 -10.79 -7.41 2.84
CA GLU A 37 -11.81 -7.65 3.85
C GLU A 37 -11.23 -7.53 5.25
N LYS A 38 -9.94 -7.81 5.38
CA LYS A 38 -9.26 -7.73 6.68
C LYS A 38 -8.86 -6.29 6.99
N ALA A 39 -8.84 -5.45 5.96
CA ALA A 39 -8.48 -4.04 6.12
C ALA A 39 -9.32 -3.38 7.19
N THR A 40 -8.71 -3.08 8.33
CA THR A 40 -9.41 -2.45 9.44
C THR A 40 -9.82 -1.02 9.08
N PHE A 41 -9.19 -0.47 8.05
CA PHE A 41 -9.49 0.89 7.61
C PHE A 41 -8.86 1.16 6.24
N ILE A 42 -9.63 1.81 5.37
CA ILE A 42 -9.16 2.13 4.03
C ILE A 42 -9.26 3.63 3.76
N LYS A 43 -8.17 4.21 3.26
CA LYS A 43 -8.14 5.64 2.96
C LYS A 43 -7.77 5.87 1.49
N VAL A 44 -8.54 6.72 0.82
CA VAL A 44 -8.30 7.03 -0.59
C VAL A 44 -8.34 8.53 -0.83
N PRO A 45 -7.15 9.16 -0.88
CA PRO A 45 -7.03 10.60 -1.11
C PRO A 45 -7.41 10.99 -2.53
N GLN A 46 -8.35 11.91 -2.66
CA GLN A 46 -8.81 12.38 -3.96
C GLN A 46 -8.52 13.86 -4.14
N ASN A 47 -8.88 14.39 -5.30
CA ASN A 47 -8.65 15.81 -5.61
C ASN A 47 -9.91 16.63 -5.30
N GLN A 48 -9.76 17.95 -5.33
CA GLN A 48 -10.87 18.84 -5.05
C GLN A 48 -12.10 18.46 -5.87
N ASN A 49 -11.87 18.04 -7.11
CA ASN A 49 -12.95 17.63 -7.99
C ASN A 49 -13.51 16.28 -7.58
N GLY A 50 -12.63 15.32 -7.35
CA GLY A 50 -13.05 13.99 -6.95
C GLY A 50 -12.29 12.89 -7.66
N LYS A 51 -11.00 13.13 -7.90
CA LYS A 51 -10.16 12.16 -8.59
C LYS A 51 -9.08 11.63 -7.66
N SER A 52 -8.97 10.31 -7.57
CA SER A 52 -7.98 9.67 -6.70
C SER A 52 -6.57 10.10 -7.09
N LYS A 53 -5.87 10.72 -6.14
CA LYS A 53 -4.50 11.19 -6.38
C LYS A 53 -3.70 10.14 -7.15
N GLY A 54 -4.05 8.87 -6.96
CA GLY A 54 -3.35 7.79 -7.64
C GLY A 54 -2.81 6.75 -6.67
N TYR A 55 -3.15 6.90 -5.39
CA TYR A 55 -2.69 5.97 -4.37
C TYR A 55 -3.72 5.83 -3.26
N ALA A 56 -3.43 4.96 -2.30
CA ALA A 56 -4.34 4.73 -1.18
C ALA A 56 -3.58 4.19 0.03
N PHE A 57 -4.20 4.31 1.20
CA PHE A 57 -3.59 3.83 2.43
C PHE A 57 -4.47 2.79 3.12
N ILE A 58 -4.06 1.53 3.05
CA ILE A 58 -4.81 0.45 3.67
C ILE A 58 -4.30 0.14 5.07
N GLU A 59 -5.23 -0.12 5.99
CA GLU A 59 -4.88 -0.41 7.36
C GLU A 59 -5.40 -1.79 7.77
N PHE A 60 -4.59 -2.52 8.53
CA PHE A 60 -4.97 -3.86 8.99
C PHE A 60 -4.73 -4.01 10.49
N ALA A 61 -4.95 -5.21 11.00
CA ALA A 61 -4.76 -5.49 12.42
C ALA A 61 -3.28 -5.51 12.78
N SER A 62 -2.45 -5.98 11.85
CA SER A 62 -1.02 -6.06 12.07
C SER A 62 -0.29 -6.44 10.79
N PHE A 63 1.03 -6.53 10.87
CA PHE A 63 1.86 -6.89 9.71
C PHE A 63 1.46 -8.26 9.17
N GLU A 64 0.65 -8.99 9.94
CA GLU A 64 0.21 -10.32 9.55
C GLU A 64 -0.82 -10.23 8.43
N ASP A 65 -1.96 -9.61 8.72
CA ASP A 65 -3.02 -9.46 7.74
C ASP A 65 -2.58 -8.58 6.58
N ALA A 66 -2.02 -7.42 6.90
CA ALA A 66 -1.54 -6.49 5.89
C ALA A 66 -0.74 -7.21 4.82
N LYS A 67 0.13 -8.11 5.24
CA LYS A 67 0.97 -8.87 4.31
C LYS A 67 0.15 -9.94 3.60
N GLU A 68 -0.87 -10.45 4.29
CA GLU A 68 -1.74 -11.49 3.72
C GLU A 68 -2.41 -11.00 2.45
N ALA A 69 -2.83 -9.73 2.46
CA ALA A 69 -3.49 -9.13 1.30
C ALA A 69 -2.48 -8.53 0.34
N LEU A 70 -1.40 -7.98 0.88
CA LEU A 70 -0.35 -7.37 0.07
C LEU A 70 0.35 -8.42 -0.79
N ASN A 71 0.31 -9.67 -0.33
CA ASN A 71 0.94 -10.77 -1.05
C ASN A 71 0.10 -11.18 -2.27
N SER A 72 -1.22 -11.12 -2.10
CA SER A 72 -2.13 -11.49 -3.17
C SER A 72 -2.60 -10.25 -3.94
N CYS A 73 -3.35 -9.39 -3.26
CA CYS A 73 -3.86 -8.17 -3.87
C CYS A 73 -2.82 -7.54 -4.78
N ASN A 74 -1.54 -7.74 -4.45
CA ASN A 74 -0.45 -7.19 -5.24
C ASN A 74 -0.80 -7.18 -6.73
N LYS A 75 -0.69 -6.02 -7.35
CA LYS A 75 -0.99 -5.88 -8.77
C LYS A 75 -2.41 -6.33 -9.07
N ARG A 76 -3.38 -5.75 -8.36
CA ARG A 76 -4.78 -6.11 -8.55
C ARG A 76 -5.43 -5.21 -9.62
N GLU A 77 -5.97 -5.84 -10.65
CA GLU A 77 -6.61 -5.10 -11.74
C GLU A 77 -7.99 -4.62 -11.32
N ILE A 78 -8.09 -3.34 -10.98
CA ILE A 78 -9.36 -2.75 -10.56
C ILE A 78 -9.81 -1.67 -11.54
N GLU A 79 -11.07 -1.75 -11.95
CA GLU A 79 -11.62 -0.78 -12.88
C GLU A 79 -10.76 -0.66 -14.13
N GLY A 80 -10.08 -1.75 -14.48
CA GLY A 80 -9.24 -1.75 -15.66
C GLY A 80 -7.90 -1.08 -15.38
N ARG A 81 -7.48 -1.07 -14.12
CA ARG A 81 -6.22 -0.45 -13.74
C ARG A 81 -5.49 -1.31 -12.70
N ALA A 82 -4.28 -1.73 -13.02
CA ALA A 82 -3.48 -2.55 -12.12
C ALA A 82 -3.02 -1.73 -10.90
N ILE A 83 -3.38 -2.20 -9.72
CA ILE A 83 -3.00 -1.52 -8.48
C ILE A 83 -1.88 -2.27 -7.77
N ARG A 84 -0.88 -1.52 -7.31
CA ARG A 84 0.25 -2.12 -6.60
C ARG A 84 0.20 -1.78 -5.11
N LEU A 85 0.73 -2.67 -4.29
CA LEU A 85 0.74 -2.46 -2.84
C LEU A 85 2.15 -2.58 -2.29
N GLU A 86 2.53 -1.66 -1.42
CA GLU A 86 3.85 -1.66 -0.81
C GLU A 86 3.79 -1.28 0.66
N LEU A 87 4.47 -2.06 1.50
CA LEU A 87 4.49 -1.81 2.93
C LEU A 87 5.06 -0.44 3.24
N GLN A 88 4.20 0.46 3.71
CA GLN A 88 4.62 1.82 4.05
C GLN A 88 5.66 1.80 5.17
N GLY A 89 6.47 2.86 5.23
CA GLY A 89 7.49 2.94 6.26
C GLY A 89 8.85 3.31 5.69
N PRO A 90 9.91 3.05 6.48
CA PRO A 90 11.28 3.34 6.07
C PRO A 90 11.77 2.42 4.95
N ARG A 91 12.89 2.78 4.34
CA ARG A 91 13.46 1.99 3.26
C ARG A 91 14.50 1.00 3.78
N GLY A 92 14.07 -0.24 3.96
CA GLY A 92 14.98 -1.26 4.47
C GLY A 92 16.12 -1.54 3.51
N SER A 93 17.01 -2.45 3.91
CA SER A 93 18.16 -2.80 3.07
C SER A 93 18.56 -4.26 3.29
N PRO A 94 18.99 -4.93 2.21
CA PRO A 94 19.41 -6.33 2.26
C PRO A 94 20.72 -6.52 3.02
N ASN A 95 21.20 -7.76 3.07
CA ASN A 95 22.45 -8.06 3.76
C ASN A 95 23.48 -8.63 2.79
N SER A 96 24.55 -7.87 2.58
CA SER A 96 25.61 -8.29 1.67
C SER A 96 25.98 -9.75 1.90
N GLY A 97 26.48 -10.41 0.86
CA GLY A 97 26.86 -11.80 0.96
C GLY A 97 27.82 -12.23 -0.13
N PRO A 98 29.12 -11.92 0.05
CA PRO A 98 30.15 -12.27 -0.92
C PRO A 98 30.41 -13.77 -0.98
N SER A 99 30.42 -14.42 0.18
CA SER A 99 30.65 -15.85 0.26
C SER A 99 29.91 -16.47 1.44
N SER A 100 29.11 -17.50 1.16
CA SER A 100 28.35 -18.17 2.20
C SER A 100 29.26 -18.90 3.18
N GLY A 101 28.85 -18.97 4.44
CA GLY A 101 29.64 -19.64 5.44
C GLY A 101 28.90 -20.78 6.11
N GLY A 1 12.98 -25.45 -23.83
CA GLY A 1 11.93 -25.13 -22.88
C GLY A 1 12.44 -24.38 -21.67
N SER A 2 11.77 -23.30 -21.31
CA SER A 2 12.17 -22.48 -20.17
C SER A 2 11.00 -21.65 -19.65
N SER A 3 10.83 -21.64 -18.33
CA SER A 3 9.73 -20.89 -17.72
C SER A 3 9.84 -20.94 -16.19
N GLY A 4 9.18 -20.00 -15.53
CA GLY A 4 9.21 -19.95 -14.08
C GLY A 4 9.05 -18.55 -13.54
N SER A 5 7.93 -18.30 -12.85
CA SER A 5 7.65 -16.99 -12.29
C SER A 5 7.27 -17.10 -10.82
N SER A 6 7.78 -16.18 -10.01
CA SER A 6 7.50 -16.17 -8.58
C SER A 6 7.97 -14.87 -7.93
N GLY A 7 7.44 -14.58 -6.75
CA GLY A 7 7.82 -13.37 -6.05
C GLY A 7 7.49 -13.42 -4.57
N ASN A 8 8.51 -13.37 -3.73
CA ASN A 8 8.33 -13.43 -2.29
C ASN A 8 9.15 -12.35 -1.60
N SER A 9 9.15 -11.15 -2.17
CA SER A 9 9.90 -10.04 -1.61
C SER A 9 9.58 -9.85 -0.13
N THR A 10 10.53 -10.23 0.73
CA THR A 10 10.35 -10.11 2.17
C THR A 10 11.34 -9.11 2.76
N TRP A 11 10.83 -7.96 3.19
CA TRP A 11 11.66 -6.91 3.77
C TRP A 11 11.94 -7.22 5.24
N SER A 12 13.06 -6.68 5.75
CA SER A 12 13.45 -6.90 7.14
C SER A 12 12.73 -5.90 8.05
N GLY A 13 11.47 -6.18 8.35
CA GLY A 13 10.71 -5.31 9.21
C GLY A 13 9.27 -5.78 9.41
N GLU A 14 8.40 -4.88 9.85
CA GLU A 14 7.01 -5.21 10.07
C GLU A 14 6.11 -3.98 9.93
N SER A 15 5.11 -4.07 9.07
CA SER A 15 4.20 -2.96 8.84
C SER A 15 2.80 -3.47 8.48
N LYS A 16 1.81 -3.05 9.26
CA LYS A 16 0.43 -3.46 9.02
C LYS A 16 -0.25 -2.55 8.00
N THR A 17 0.31 -1.35 7.84
CA THR A 17 -0.24 -0.38 6.89
C THR A 17 0.33 -0.60 5.49
N LEU A 18 -0.55 -0.82 4.52
CA LEU A 18 -0.12 -1.03 3.15
C LEU A 18 -0.34 0.22 2.31
N VAL A 19 0.58 0.47 1.38
CA VAL A 19 0.50 1.64 0.51
C VAL A 19 0.14 1.24 -0.91
N LEU A 20 -1.03 1.71 -1.37
CA LEU A 20 -1.49 1.39 -2.72
C LEU A 20 -1.04 2.46 -3.71
N SER A 21 -0.55 2.02 -4.87
CA SER A 21 -0.09 2.94 -5.90
C SER A 21 -0.79 2.68 -7.22
N ASN A 22 -1.03 3.74 -7.98
CA ASN A 22 -1.70 3.63 -9.27
C ASN A 22 -3.17 3.27 -9.09
N LEU A 23 -3.84 4.00 -8.21
CA LEU A 23 -5.26 3.75 -7.94
C LEU A 23 -6.14 4.46 -8.97
N SER A 24 -7.14 3.75 -9.48
CA SER A 24 -8.05 4.30 -10.48
C SER A 24 -8.96 5.36 -9.85
N TYR A 25 -9.03 6.52 -10.49
CA TYR A 25 -9.85 7.61 -9.99
C TYR A 25 -11.32 7.19 -9.90
N SER A 26 -11.66 6.12 -10.62
CA SER A 26 -13.03 5.62 -10.62
C SER A 26 -13.26 4.67 -9.44
N ALA A 27 -12.18 4.33 -8.75
CA ALA A 27 -12.28 3.44 -7.59
C ALA A 27 -12.24 4.23 -6.28
N THR A 28 -13.09 3.82 -5.34
CA THR A 28 -13.15 4.49 -4.05
C THR A 28 -13.12 3.48 -2.90
N GLU A 29 -13.11 4.00 -1.67
CA GLU A 29 -13.09 3.13 -0.49
C GLU A 29 -14.02 1.94 -0.67
N GLU A 30 -15.04 2.12 -1.49
CA GLU A 30 -16.01 1.05 -1.75
C GLU A 30 -15.36 -0.11 -2.51
N THR A 31 -14.67 0.24 -3.60
CA THR A 31 -14.02 -0.77 -4.43
C THR A 31 -12.84 -1.40 -3.69
N LEU A 32 -12.24 -0.64 -2.79
CA LEU A 32 -11.10 -1.13 -2.01
C LEU A 32 -11.57 -2.03 -0.88
N GLN A 33 -12.72 -1.70 -0.29
CA GLN A 33 -13.28 -2.48 0.80
C GLN A 33 -13.62 -3.90 0.34
N GLU A 34 -13.80 -4.06 -0.97
CA GLU A 34 -14.13 -5.36 -1.54
C GLU A 34 -12.87 -6.21 -1.75
N VAL A 35 -11.78 -5.54 -2.11
CA VAL A 35 -10.52 -6.23 -2.33
C VAL A 35 -9.85 -6.60 -1.01
N PHE A 36 -9.98 -5.73 -0.03
CA PHE A 36 -9.38 -5.97 1.29
C PHE A 36 -10.47 -6.17 2.34
N GLU A 37 -10.66 -7.43 2.75
CA GLU A 37 -11.66 -7.77 3.75
C GLU A 37 -11.08 -7.66 5.17
N LYS A 38 -9.77 -7.86 5.27
CA LYS A 38 -9.09 -7.77 6.56
C LYS A 38 -8.72 -6.34 6.90
N ALA A 39 -8.70 -5.49 5.88
CA ALA A 39 -8.37 -4.07 6.07
C ALA A 39 -9.24 -3.44 7.14
N THR A 40 -8.64 -3.16 8.29
CA THR A 40 -9.36 -2.54 9.41
C THR A 40 -9.78 -1.12 9.08
N PHE A 41 -9.15 -0.54 8.06
CA PHE A 41 -9.45 0.83 7.64
C PHE A 41 -8.80 1.13 6.30
N ILE A 42 -9.56 1.77 5.41
CA ILE A 42 -9.06 2.13 4.08
C ILE A 42 -9.20 3.62 3.83
N LYS A 43 -8.13 4.22 3.30
CA LYS A 43 -8.14 5.66 3.01
C LYS A 43 -7.73 5.91 1.57
N VAL A 44 -8.49 6.76 0.88
CA VAL A 44 -8.20 7.09 -0.52
C VAL A 44 -8.29 8.59 -0.74
N PRO A 45 -7.13 9.27 -0.77
CA PRO A 45 -7.05 10.71 -0.98
C PRO A 45 -7.42 11.11 -2.41
N GLN A 46 -8.43 11.95 -2.54
CA GLN A 46 -8.89 12.41 -3.85
C GLN A 46 -8.72 13.91 -3.98
N ASN A 47 -8.93 14.42 -5.20
CA ASN A 47 -8.80 15.84 -5.47
C ASN A 47 -10.11 16.57 -5.20
N GLN A 48 -10.07 17.90 -5.23
CA GLN A 48 -11.25 18.71 -4.99
C GLN A 48 -12.40 18.27 -5.89
N ASN A 49 -12.07 17.79 -7.08
CA ASN A 49 -13.07 17.35 -8.03
C ASN A 49 -13.61 15.97 -7.65
N GLY A 50 -12.70 15.03 -7.44
CA GLY A 50 -13.10 13.67 -7.07
C GLY A 50 -12.26 12.61 -7.75
N LYS A 51 -10.97 12.89 -7.90
CA LYS A 51 -10.06 11.94 -8.54
C LYS A 51 -8.96 11.52 -7.57
N SER A 52 -8.86 10.22 -7.33
CA SER A 52 -7.84 9.68 -6.43
C SER A 52 -6.46 10.15 -6.83
N LYS A 53 -5.79 10.86 -5.92
CA LYS A 53 -4.44 11.37 -6.18
C LYS A 53 -3.62 10.35 -6.97
N GLY A 54 -3.90 9.08 -6.74
CA GLY A 54 -3.16 8.03 -7.43
C GLY A 54 -2.64 6.96 -6.49
N TYR A 55 -2.97 7.09 -5.22
CA TYR A 55 -2.52 6.13 -4.20
C TYR A 55 -3.56 5.97 -3.10
N ALA A 56 -3.32 5.03 -2.20
CA ALA A 56 -4.23 4.77 -1.10
C ALA A 56 -3.48 4.24 0.12
N PHE A 57 -4.15 4.27 1.28
CA PHE A 57 -3.55 3.79 2.51
C PHE A 57 -4.43 2.73 3.17
N ILE A 58 -3.97 1.48 3.14
CA ILE A 58 -4.71 0.38 3.74
C ILE A 58 -4.23 0.09 5.16
N GLU A 59 -5.17 -0.14 6.06
CA GLU A 59 -4.85 -0.43 7.45
C GLU A 59 -5.36 -1.80 7.85
N PHE A 60 -4.55 -2.53 8.61
CA PHE A 60 -4.92 -3.87 9.08
C PHE A 60 -4.66 -4.02 10.57
N ALA A 61 -4.92 -5.21 11.09
CA ALA A 61 -4.72 -5.49 12.50
C ALA A 61 -3.24 -5.53 12.85
N SER A 62 -2.42 -5.93 11.89
CA SER A 62 -0.97 -6.01 12.10
C SER A 62 -0.26 -6.38 10.79
N PHE A 63 1.06 -6.42 10.85
CA PHE A 63 1.87 -6.76 9.68
C PHE A 63 1.44 -8.10 9.09
N GLU A 64 0.67 -8.86 9.86
CA GLU A 64 0.18 -10.16 9.41
C GLU A 64 -0.92 -10.00 8.37
N ASP A 65 -2.08 -9.54 8.81
CA ASP A 65 -3.22 -9.35 7.92
C ASP A 65 -2.84 -8.47 6.74
N ALA A 66 -2.01 -7.46 7.00
CA ALA A 66 -1.57 -6.54 5.96
C ALA A 66 -0.76 -7.27 4.89
N LYS A 67 0.11 -8.18 5.33
CA LYS A 67 0.94 -8.95 4.40
C LYS A 67 0.10 -9.94 3.61
N GLU A 68 -0.98 -10.43 4.23
CA GLU A 68 -1.85 -11.39 3.58
C GLU A 68 -2.45 -10.80 2.31
N ALA A 69 -2.94 -9.56 2.41
CA ALA A 69 -3.54 -8.88 1.26
C ALA A 69 -2.46 -8.31 0.35
N LEU A 70 -1.34 -7.91 0.93
CA LEU A 70 -0.23 -7.34 0.17
C LEU A 70 0.42 -8.40 -0.71
N ASN A 71 0.27 -9.66 -0.32
CA ASN A 71 0.84 -10.77 -1.08
C ASN A 71 -0.09 -11.20 -2.21
N SER A 72 -1.39 -11.07 -1.98
CA SER A 72 -2.39 -11.44 -2.97
C SER A 72 -2.83 -10.24 -3.78
N CYS A 73 -3.52 -9.31 -3.11
CA CYS A 73 -4.01 -8.10 -3.77
C CYS A 73 -2.92 -7.47 -4.63
N ASN A 74 -1.67 -7.74 -4.28
CA ASN A 74 -0.53 -7.20 -5.02
C ASN A 74 -0.85 -7.09 -6.51
N LYS A 75 -0.75 -5.88 -7.04
CA LYS A 75 -1.03 -5.64 -8.45
C LYS A 75 -2.44 -6.11 -8.82
N ARG A 76 -3.43 -5.62 -8.08
CA ARG A 76 -4.82 -5.98 -8.33
C ARG A 76 -5.41 -5.12 -9.45
N GLU A 77 -5.90 -5.79 -10.49
CA GLU A 77 -6.49 -5.09 -11.62
C GLU A 77 -7.85 -4.50 -11.25
N ILE A 78 -7.88 -3.18 -11.07
CA ILE A 78 -9.11 -2.49 -10.71
C ILE A 78 -9.41 -1.35 -11.67
N GLU A 79 -10.62 -1.35 -12.23
CA GLU A 79 -11.03 -0.31 -13.17
C GLU A 79 -10.12 -0.31 -14.39
N GLY A 80 -9.53 -1.46 -14.70
CA GLY A 80 -8.66 -1.56 -15.85
C GLY A 80 -7.22 -1.18 -15.52
N ARG A 81 -7.02 -0.65 -14.32
CA ARG A 81 -5.69 -0.24 -13.89
C ARG A 81 -5.20 -1.10 -12.73
N ALA A 82 -4.01 -1.67 -12.88
CA ALA A 82 -3.43 -2.52 -11.85
C ALA A 82 -2.94 -1.69 -10.66
N ILE A 83 -3.31 -2.13 -9.46
CA ILE A 83 -2.92 -1.43 -8.24
C ILE A 83 -1.85 -2.21 -7.47
N ARG A 84 -0.74 -1.55 -7.19
CA ARG A 84 0.35 -2.18 -6.46
C ARG A 84 0.31 -1.80 -4.98
N LEU A 85 0.76 -2.71 -4.13
CA LEU A 85 0.78 -2.48 -2.69
C LEU A 85 2.19 -2.64 -2.12
N GLU A 86 2.58 -1.70 -1.27
CA GLU A 86 3.91 -1.73 -0.65
C GLU A 86 3.84 -1.33 0.81
N LEU A 87 4.52 -2.09 1.66
CA LEU A 87 4.54 -1.81 3.09
C LEU A 87 5.11 -0.44 3.38
N GLN A 88 4.43 0.33 4.22
CA GLN A 88 4.89 1.67 4.58
C GLN A 88 5.99 1.62 5.62
N GLY A 89 7.14 2.21 5.30
CA GLY A 89 8.26 2.21 6.23
C GLY A 89 8.20 3.37 7.20
N PRO A 90 8.94 3.25 8.32
CA PRO A 90 8.99 4.28 9.35
C PRO A 90 9.73 5.53 8.89
N ARG A 91 9.07 6.68 8.99
CA ARG A 91 9.67 7.95 8.59
C ARG A 91 10.41 8.60 9.75
N GLY A 92 11.71 8.81 9.59
CA GLY A 92 12.50 9.43 10.63
C GLY A 92 13.52 10.41 10.09
N SER A 93 13.16 11.68 10.06
CA SER A 93 14.04 12.72 9.55
C SER A 93 14.36 13.75 10.64
N PRO A 94 15.33 13.42 11.50
CA PRO A 94 15.74 14.31 12.61
C PRO A 94 16.47 15.55 12.11
N ASN A 95 16.09 16.70 12.63
CA ASN A 95 16.71 17.96 12.24
C ASN A 95 17.65 18.47 13.34
N SER A 96 18.74 19.11 12.93
CA SER A 96 19.71 19.64 13.87
C SER A 96 19.83 21.16 13.73
N GLY A 97 19.72 21.87 14.85
CA GLY A 97 19.82 23.31 14.84
C GLY A 97 21.24 23.80 15.02
N PRO A 98 21.51 25.03 14.55
CA PRO A 98 22.84 25.63 14.65
C PRO A 98 23.20 26.00 16.08
N SER A 99 24.39 25.56 16.51
CA SER A 99 24.86 25.84 17.86
C SER A 99 25.63 27.15 17.91
N SER A 100 25.21 28.06 18.78
CA SER A 100 25.87 29.36 18.93
C SER A 100 25.82 29.83 20.37
N GLY A 101 26.77 30.69 20.74
CA GLY A 101 26.83 31.20 22.09
C GLY A 101 27.98 30.65 22.88
N GLY A 1 18.62 -13.33 -12.18
CA GLY A 1 18.32 -12.41 -11.11
C GLY A 1 16.84 -12.13 -10.98
N SER A 2 16.07 -13.17 -10.68
CA SER A 2 14.62 -13.04 -10.53
C SER A 2 14.23 -12.84 -9.07
N SER A 3 13.29 -11.94 -8.83
CA SER A 3 12.83 -11.65 -7.48
C SER A 3 12.64 -12.93 -6.67
N GLY A 4 13.34 -13.02 -5.55
CA GLY A 4 13.25 -14.20 -4.72
C GLY A 4 14.61 -14.82 -4.41
N SER A 5 14.87 -15.97 -5.00
CA SER A 5 16.14 -16.67 -4.78
C SER A 5 17.31 -15.70 -4.88
N SER A 6 17.37 -14.98 -6.00
CA SER A 6 18.45 -14.02 -6.22
C SER A 6 18.51 -13.00 -5.09
N GLY A 7 17.40 -12.29 -4.89
CA GLY A 7 17.34 -11.29 -3.84
C GLY A 7 15.93 -11.05 -3.34
N ASN A 8 15.74 -9.98 -2.58
CA ASN A 8 14.43 -9.66 -2.03
C ASN A 8 14.43 -8.26 -1.40
N SER A 9 13.29 -7.59 -1.47
CA SER A 9 13.16 -6.25 -0.91
C SER A 9 13.82 -6.16 0.45
N THR A 10 14.84 -5.30 0.56
CA THR A 10 15.57 -5.12 1.81
C THR A 10 14.66 -4.54 2.89
N TRP A 11 13.91 -5.41 3.55
CA TRP A 11 12.99 -4.97 4.61
C TRP A 11 12.77 -6.09 5.62
N SER A 12 13.21 -5.86 6.86
CA SER A 12 13.05 -6.85 7.91
C SER A 12 12.23 -6.29 9.07
N GLY A 13 11.13 -5.62 8.73
CA GLY A 13 10.27 -5.04 9.74
C GLY A 13 8.83 -5.49 9.62
N GLU A 14 7.94 -4.87 10.38
CA GLU A 14 6.53 -5.22 10.35
C GLU A 14 5.67 -3.98 10.09
N SER A 15 4.98 -3.96 8.97
CA SER A 15 4.12 -2.84 8.60
C SER A 15 2.70 -3.30 8.34
N LYS A 16 1.77 -2.80 9.15
CA LYS A 16 0.36 -3.16 9.02
C LYS A 16 -0.34 -2.25 8.00
N THR A 17 0.33 -1.16 7.64
CA THR A 17 -0.23 -0.22 6.69
C THR A 17 0.30 -0.49 5.28
N LEU A 18 -0.62 -0.64 4.33
CA LEU A 18 -0.25 -0.91 2.95
C LEU A 18 -0.45 0.33 2.08
N VAL A 19 0.53 0.62 1.23
CA VAL A 19 0.46 1.78 0.34
C VAL A 19 0.04 1.37 -1.06
N LEU A 20 -1.11 1.88 -1.50
CA LEU A 20 -1.62 1.57 -2.83
C LEU A 20 -1.13 2.59 -3.86
N SER A 21 -0.79 2.10 -5.05
CA SER A 21 -0.31 2.97 -6.12
C SER A 21 -1.00 2.65 -7.44
N ASN A 22 -1.27 3.67 -8.23
CA ASN A 22 -1.93 3.50 -9.52
C ASN A 22 -3.41 3.21 -9.34
N LEU A 23 -4.07 4.02 -8.52
CA LEU A 23 -5.50 3.86 -8.26
C LEU A 23 -6.33 4.69 -9.24
N SER A 24 -7.30 4.03 -9.86
CA SER A 24 -8.17 4.70 -10.83
C SER A 24 -9.20 5.58 -10.11
N TYR A 25 -9.44 6.77 -10.68
CA TYR A 25 -10.40 7.71 -10.10
C TYR A 25 -11.76 7.05 -9.92
N SER A 26 -12.06 6.09 -10.79
CA SER A 26 -13.34 5.38 -10.74
C SER A 26 -13.41 4.47 -9.51
N ALA A 27 -12.25 4.17 -8.95
CA ALA A 27 -12.17 3.31 -7.77
C ALA A 27 -12.18 4.13 -6.48
N THR A 28 -12.97 3.69 -5.51
CA THR A 28 -13.07 4.39 -4.24
C THR A 28 -13.01 3.41 -3.07
N GLU A 29 -13.04 3.94 -1.85
CA GLU A 29 -12.99 3.12 -0.65
C GLU A 29 -13.93 1.92 -0.78
N GLU A 30 -14.99 2.09 -1.57
CA GLU A 30 -15.97 1.03 -1.79
C GLU A 30 -15.35 -0.15 -2.51
N THR A 31 -14.55 0.15 -3.54
CA THR A 31 -13.89 -0.89 -4.32
C THR A 31 -12.78 -1.55 -3.53
N LEU A 32 -12.08 -0.76 -2.72
CA LEU A 32 -10.98 -1.28 -1.91
C LEU A 32 -11.51 -2.17 -0.78
N GLN A 33 -12.67 -1.80 -0.24
CA GLN A 33 -13.27 -2.57 0.85
C GLN A 33 -13.62 -3.98 0.38
N GLU A 34 -13.81 -4.14 -0.93
CA GLU A 34 -14.14 -5.43 -1.50
C GLU A 34 -12.90 -6.28 -1.69
N VAL A 35 -11.80 -5.64 -2.07
CA VAL A 35 -10.53 -6.33 -2.29
C VAL A 35 -9.88 -6.70 -0.98
N PHE A 36 -9.92 -5.79 -0.02
CA PHE A 36 -9.32 -6.02 1.30
C PHE A 36 -10.41 -6.20 2.35
N GLU A 37 -10.62 -7.46 2.75
CA GLU A 37 -11.63 -7.77 3.75
C GLU A 37 -11.06 -7.61 5.16
N LYS A 38 -9.76 -7.83 5.29
CA LYS A 38 -9.10 -7.70 6.59
C LYS A 38 -8.75 -6.25 6.88
N ALA A 39 -8.77 -5.42 5.85
CA ALA A 39 -8.47 -4.00 5.99
C ALA A 39 -9.32 -3.37 7.07
N THR A 40 -8.72 -3.12 8.23
CA THR A 40 -9.42 -2.51 9.35
C THR A 40 -9.80 -1.07 9.05
N PHE A 41 -9.14 -0.48 8.07
CA PHE A 41 -9.40 0.90 7.68
C PHE A 41 -8.81 1.21 6.31
N ILE A 42 -9.60 1.86 5.46
CA ILE A 42 -9.15 2.21 4.12
C ILE A 42 -9.30 3.70 3.86
N LYS A 43 -8.25 4.31 3.33
CA LYS A 43 -8.27 5.74 3.04
C LYS A 43 -7.83 6.00 1.59
N VAL A 44 -8.62 6.81 0.87
CA VAL A 44 -8.32 7.14 -0.50
C VAL A 44 -8.44 8.64 -0.75
N PRO A 45 -7.30 9.33 -0.76
CA PRO A 45 -7.24 10.78 -0.98
C PRO A 45 -7.60 11.16 -2.42
N GLN A 46 -8.52 12.11 -2.57
CA GLN A 46 -8.94 12.56 -3.89
C GLN A 46 -8.78 14.07 -4.02
N ASN A 47 -9.20 14.61 -5.16
CA ASN A 47 -9.10 16.04 -5.41
C ASN A 47 -10.41 16.74 -5.05
N GLN A 48 -10.38 18.07 -5.07
CA GLN A 48 -11.57 18.86 -4.75
C GLN A 48 -12.81 18.27 -5.40
N ASN A 49 -12.66 17.80 -6.62
CA ASN A 49 -13.78 17.21 -7.36
C ASN A 49 -14.12 15.83 -6.82
N GLY A 50 -13.17 14.90 -6.94
CA GLY A 50 -13.38 13.55 -6.46
C GLY A 50 -12.56 12.53 -7.21
N LYS A 51 -11.37 12.92 -7.62
CA LYS A 51 -10.47 12.03 -8.36
C LYS A 51 -9.34 11.54 -7.46
N SER A 52 -9.17 10.22 -7.41
CA SER A 52 -8.12 9.61 -6.59
C SER A 52 -6.74 10.08 -7.04
N LYS A 53 -6.00 10.70 -6.13
CA LYS A 53 -4.67 11.19 -6.42
C LYS A 53 -3.84 10.13 -7.15
N GLY A 54 -4.24 8.88 -6.99
CA GLY A 54 -3.53 7.78 -7.63
C GLY A 54 -2.93 6.81 -6.64
N TYR A 55 -3.25 7.00 -5.36
CA TYR A 55 -2.75 6.13 -4.30
C TYR A 55 -3.76 6.00 -3.17
N ALA A 56 -3.54 5.02 -2.31
CA ALA A 56 -4.44 4.79 -1.18
C ALA A 56 -3.66 4.26 0.02
N PHE A 57 -4.29 4.32 1.20
CA PHE A 57 -3.66 3.86 2.43
C PHE A 57 -4.54 2.81 3.12
N ILE A 58 -4.09 1.56 3.10
CA ILE A 58 -4.83 0.47 3.72
C ILE A 58 -4.30 0.18 5.13
N GLU A 59 -5.22 -0.14 6.04
CA GLU A 59 -4.84 -0.44 7.42
C GLU A 59 -5.37 -1.81 7.84
N PHE A 60 -4.56 -2.54 8.59
CA PHE A 60 -4.94 -3.87 9.06
C PHE A 60 -4.69 -4.01 10.55
N ALA A 61 -4.98 -5.20 11.09
CA ALA A 61 -4.78 -5.47 12.51
C ALA A 61 -3.30 -5.53 12.85
N SER A 62 -2.49 -6.00 11.90
CA SER A 62 -1.05 -6.12 12.10
C SER A 62 -0.35 -6.54 10.82
N PHE A 63 0.97 -6.64 10.87
CA PHE A 63 1.76 -7.03 9.71
C PHE A 63 1.34 -8.41 9.21
N GLU A 64 0.53 -9.11 10.02
CA GLU A 64 0.07 -10.44 9.66
C GLU A 64 -0.99 -10.36 8.55
N ASP A 65 -2.10 -9.71 8.84
CA ASP A 65 -3.18 -9.58 7.86
C ASP A 65 -2.76 -8.67 6.72
N ALA A 66 -2.06 -7.59 7.06
CA ALA A 66 -1.60 -6.63 6.06
C ALA A 66 -0.80 -7.33 4.97
N LYS A 67 0.20 -8.11 5.38
CA LYS A 67 1.05 -8.83 4.44
C LYS A 67 0.25 -9.91 3.71
N GLU A 68 -0.78 -10.42 4.36
CA GLU A 68 -1.63 -11.46 3.78
C GLU A 68 -2.35 -10.93 2.54
N ALA A 69 -2.88 -9.72 2.65
CA ALA A 69 -3.60 -9.10 1.54
C ALA A 69 -2.65 -8.46 0.55
N LEU A 70 -1.49 -8.01 1.05
CA LEU A 70 -0.49 -7.39 0.20
C LEU A 70 0.22 -8.42 -0.67
N ASN A 71 0.23 -9.66 -0.20
CA ASN A 71 0.88 -10.74 -0.94
C ASN A 71 0.05 -11.13 -2.16
N SER A 72 -1.26 -11.07 -2.02
CA SER A 72 -2.17 -11.43 -3.11
C SER A 72 -2.61 -10.18 -3.88
N CYS A 73 -3.36 -9.31 -3.21
CA CYS A 73 -3.85 -8.08 -3.82
C CYS A 73 -2.79 -7.48 -4.75
N ASN A 74 -1.52 -7.69 -4.40
CA ASN A 74 -0.42 -7.16 -5.19
C ASN A 74 -0.76 -7.20 -6.68
N LYS A 75 -0.64 -6.05 -7.33
CA LYS A 75 -0.94 -5.94 -8.76
C LYS A 75 -2.35 -6.42 -9.07
N ARG A 76 -3.33 -5.84 -8.38
CA ARG A 76 -4.73 -6.21 -8.57
C ARG A 76 -5.37 -5.36 -9.66
N GLU A 77 -5.87 -6.01 -10.70
CA GLU A 77 -6.51 -5.31 -11.81
C GLU A 77 -7.88 -4.78 -11.40
N ILE A 78 -7.94 -3.48 -11.11
CA ILE A 78 -9.20 -2.85 -10.70
C ILE A 78 -9.62 -1.78 -11.70
N GLU A 79 -10.88 -1.85 -12.12
CA GLU A 79 -11.41 -0.89 -13.09
C GLU A 79 -10.52 -0.78 -14.31
N GLY A 80 -9.90 -1.90 -14.68
CA GLY A 80 -9.02 -1.92 -15.83
C GLY A 80 -7.67 -1.27 -15.55
N ARG A 81 -7.33 -1.16 -14.27
CA ARG A 81 -6.07 -0.56 -13.87
C ARG A 81 -5.40 -1.37 -12.76
N ALA A 82 -4.23 -1.93 -13.08
CA ALA A 82 -3.49 -2.74 -12.12
C ALA A 82 -3.03 -1.89 -10.94
N ILE A 83 -3.36 -2.33 -9.73
CA ILE A 83 -2.98 -1.61 -8.52
C ILE A 83 -1.86 -2.33 -7.79
N ARG A 84 -0.87 -1.57 -7.32
CA ARG A 84 0.26 -2.14 -6.60
C ARG A 84 0.22 -1.75 -5.13
N LEU A 85 0.67 -2.65 -4.26
CA LEU A 85 0.69 -2.40 -2.83
C LEU A 85 2.10 -2.56 -2.26
N GLU A 86 2.50 -1.62 -1.43
CA GLU A 86 3.83 -1.66 -0.81
C GLU A 86 3.76 -1.26 0.66
N LEU A 87 4.46 -2.01 1.50
CA LEU A 87 4.48 -1.74 2.93
C LEU A 87 5.07 -0.36 3.21
N GLN A 88 4.33 0.45 3.95
CA GLN A 88 4.76 1.80 4.29
C GLN A 88 5.86 1.75 5.36
N GLY A 89 6.87 2.61 5.21
CA GLY A 89 7.95 2.65 6.16
C GLY A 89 7.95 3.91 7.00
N PRO A 90 8.90 4.01 7.94
CA PRO A 90 9.02 5.17 8.82
C PRO A 90 9.48 6.42 8.09
N ARG A 91 9.12 7.58 8.62
CA ARG A 91 9.51 8.85 8.01
C ARG A 91 11.01 9.08 8.14
N GLY A 92 11.78 8.34 7.35
CA GLY A 92 13.22 8.48 7.39
C GLY A 92 13.78 8.45 8.81
N SER A 93 15.00 8.97 8.98
CA SER A 93 15.63 8.99 10.29
C SER A 93 14.78 9.77 11.30
N PRO A 94 14.78 9.30 12.55
CA PRO A 94 14.02 9.92 13.63
C PRO A 94 14.58 11.28 14.03
N ASN A 95 15.70 11.65 13.41
CA ASN A 95 16.34 12.93 13.71
C ASN A 95 16.21 13.89 12.53
N SER A 96 15.95 15.15 12.83
CA SER A 96 15.80 16.17 11.80
C SER A 96 17.03 16.22 10.89
N GLY A 97 18.20 16.27 11.51
CA GLY A 97 19.44 16.33 10.74
C GLY A 97 20.20 17.61 10.96
N PRO A 98 20.99 17.66 12.05
CA PRO A 98 21.79 18.83 12.39
C PRO A 98 22.95 19.05 11.44
N SER A 99 23.43 20.29 11.35
CA SER A 99 24.54 20.62 10.47
C SER A 99 25.41 21.73 11.07
N SER A 100 26.65 21.81 10.61
CA SER A 100 27.58 22.82 11.11
C SER A 100 28.28 23.52 9.96
N GLY A 101 28.27 24.85 9.99
CA GLY A 101 28.92 25.62 8.93
C GLY A 101 28.82 27.11 9.17
N GLY A 1 6.97 -18.44 -18.11
CA GLY A 1 6.39 -17.15 -17.82
C GLY A 1 7.40 -16.02 -18.00
N SER A 2 7.98 -15.57 -16.90
CA SER A 2 8.97 -14.48 -16.94
C SER A 2 10.13 -14.76 -16.01
N SER A 3 11.32 -14.31 -16.39
CA SER A 3 12.52 -14.52 -15.59
C SER A 3 12.34 -13.92 -14.20
N GLY A 4 11.88 -12.67 -14.15
CA GLY A 4 11.68 -12.00 -12.88
C GLY A 4 12.98 -11.75 -12.14
N SER A 5 13.41 -10.49 -12.12
CA SER A 5 14.64 -10.11 -11.45
C SER A 5 14.47 -10.14 -9.93
N SER A 6 13.30 -9.71 -9.47
CA SER A 6 13.01 -9.69 -8.04
C SER A 6 12.46 -11.03 -7.57
N GLY A 7 12.65 -11.32 -6.29
CA GLY A 7 12.17 -12.57 -5.73
C GLY A 7 11.46 -12.38 -4.40
N ASN A 8 10.26 -12.95 -4.29
CA ASN A 8 9.48 -12.83 -3.06
C ASN A 8 10.34 -13.17 -1.84
N SER A 9 10.75 -12.14 -1.11
CA SER A 9 11.58 -12.31 0.07
C SER A 9 11.19 -11.31 1.15
N THR A 10 10.67 -11.81 2.27
CA THR A 10 10.27 -10.96 3.38
C THR A 10 11.19 -9.75 3.51
N TRP A 11 10.61 -8.60 3.82
CA TRP A 11 11.39 -7.38 3.97
C TRP A 11 11.89 -7.23 5.40
N SER A 12 12.88 -6.37 5.59
CA SER A 12 13.46 -6.15 6.91
C SER A 12 12.60 -5.16 7.71
N GLY A 13 11.71 -5.70 8.53
CA GLY A 13 10.85 -4.87 9.35
C GLY A 13 9.43 -5.40 9.43
N GLU A 14 8.51 -4.57 9.90
CA GLU A 14 7.12 -4.97 10.04
C GLU A 14 6.18 -3.77 9.89
N SER A 15 5.16 -3.92 9.07
CA SER A 15 4.20 -2.84 8.84
C SER A 15 2.82 -3.40 8.49
N LYS A 16 1.80 -2.92 9.18
CA LYS A 16 0.43 -3.37 8.95
C LYS A 16 -0.26 -2.48 7.92
N THR A 17 0.29 -1.30 7.71
CA THR A 17 -0.27 -0.36 6.75
C THR A 17 0.31 -0.56 5.36
N LEU A 18 -0.56 -0.80 4.38
CA LEU A 18 -0.13 -1.01 3.01
C LEU A 18 -0.35 0.24 2.16
N VAL A 19 0.54 0.48 1.22
CA VAL A 19 0.45 1.64 0.34
C VAL A 19 0.04 1.23 -1.07
N LEU A 20 -1.09 1.73 -1.53
CA LEU A 20 -1.59 1.42 -2.86
C LEU A 20 -1.10 2.45 -3.88
N SER A 21 -0.69 1.96 -5.05
CA SER A 21 -0.20 2.84 -6.11
C SER A 21 -0.91 2.56 -7.42
N ASN A 22 -1.15 3.61 -8.20
CA ASN A 22 -1.82 3.47 -9.49
C ASN A 22 -3.32 3.20 -9.30
N LEU A 23 -3.91 3.89 -8.33
CA LEU A 23 -5.33 3.72 -8.04
C LEU A 23 -6.19 4.51 -9.03
N SER A 24 -7.28 3.90 -9.48
CA SER A 24 -8.18 4.53 -10.43
C SER A 24 -9.13 5.50 -9.73
N TYR A 25 -9.30 6.68 -10.30
CA TYR A 25 -10.18 7.69 -9.73
C TYR A 25 -11.58 7.13 -9.51
N SER A 26 -12.02 6.26 -10.42
CA SER A 26 -13.34 5.65 -10.33
C SER A 26 -13.42 4.71 -9.13
N ALA A 27 -12.27 4.33 -8.61
CA ALA A 27 -12.21 3.42 -7.46
C ALA A 27 -12.32 4.20 -6.15
N THR A 28 -13.10 3.66 -5.21
CA THR A 28 -13.29 4.31 -3.92
C THR A 28 -13.22 3.29 -2.78
N GLU A 29 -13.04 3.78 -1.57
CA GLU A 29 -12.97 2.91 -0.39
C GLU A 29 -13.96 1.76 -0.51
N GLU A 30 -15.08 2.01 -1.17
CA GLU A 30 -16.11 1.00 -1.35
C GLU A 30 -15.56 -0.21 -2.09
N THR A 31 -14.95 0.05 -3.26
CA THR A 31 -14.38 -1.02 -4.06
C THR A 31 -13.20 -1.68 -3.35
N LEU A 32 -12.40 -0.88 -2.67
CA LEU A 32 -11.24 -1.38 -1.94
C LEU A 32 -11.66 -2.35 -0.84
N GLN A 33 -12.67 -1.96 -0.08
CA GLN A 33 -13.18 -2.80 1.01
C GLN A 33 -13.52 -4.19 0.51
N GLU A 34 -13.84 -4.29 -0.78
CA GLU A 34 -14.19 -5.58 -1.38
C GLU A 34 -12.94 -6.43 -1.58
N VAL A 35 -11.86 -5.80 -2.06
CA VAL A 35 -10.61 -6.51 -2.29
C VAL A 35 -9.92 -6.86 -0.98
N PHE A 36 -9.98 -5.94 -0.03
CA PHE A 36 -9.35 -6.16 1.27
C PHE A 36 -10.41 -6.35 2.36
N GLU A 37 -10.54 -7.59 2.83
CA GLU A 37 -11.51 -7.91 3.87
C GLU A 37 -10.90 -7.77 5.26
N LYS A 38 -9.58 -7.89 5.32
CA LYS A 38 -8.87 -7.77 6.60
C LYS A 38 -8.54 -6.31 6.89
N ALA A 39 -8.58 -5.48 5.86
CA ALA A 39 -8.28 -4.06 6.02
C ALA A 39 -9.20 -3.42 7.07
N THR A 40 -8.62 -3.06 8.22
CA THR A 40 -9.37 -2.45 9.29
C THR A 40 -9.82 -1.04 8.92
N PHE A 41 -9.16 -0.47 7.92
CA PHE A 41 -9.49 0.88 7.48
C PHE A 41 -8.86 1.16 6.11
N ILE A 42 -9.62 1.83 5.24
CA ILE A 42 -9.14 2.16 3.90
C ILE A 42 -9.28 3.65 3.63
N LYS A 43 -8.22 4.26 3.11
CA LYS A 43 -8.23 5.68 2.79
C LYS A 43 -7.75 5.93 1.36
N VAL A 44 -8.49 6.75 0.63
CA VAL A 44 -8.14 7.08 -0.74
C VAL A 44 -8.23 8.57 -1.00
N PRO A 45 -7.07 9.24 -1.00
CA PRO A 45 -6.98 10.69 -1.22
C PRO A 45 -7.30 11.06 -2.67
N GLN A 46 -8.25 11.97 -2.85
CA GLN A 46 -8.63 12.42 -4.18
C GLN A 46 -8.39 13.91 -4.35
N ASN A 47 -8.77 14.45 -5.52
CA ASN A 47 -8.58 15.86 -5.80
C ASN A 47 -9.86 16.65 -5.48
N GLN A 48 -9.74 17.97 -5.52
CA GLN A 48 -10.88 18.84 -5.23
C GLN A 48 -12.14 18.34 -5.94
N ASN A 49 -11.98 17.93 -7.19
CA ASN A 49 -13.11 17.42 -7.98
C ASN A 49 -13.54 16.05 -7.48
N GLY A 50 -12.58 15.22 -7.13
CA GLY A 50 -12.88 13.88 -6.65
C GLY A 50 -12.13 12.80 -7.40
N LYS A 51 -10.87 13.08 -7.74
CA LYS A 51 -10.04 12.13 -8.45
C LYS A 51 -8.91 11.61 -7.56
N SER A 52 -8.84 10.30 -7.41
CA SER A 52 -7.81 9.68 -6.59
C SER A 52 -6.41 10.13 -7.03
N LYS A 53 -5.71 10.81 -6.14
CA LYS A 53 -4.36 11.29 -6.44
C LYS A 53 -3.56 10.24 -7.19
N GLY A 54 -3.93 8.98 -7.00
CA GLY A 54 -3.24 7.89 -7.67
C GLY A 54 -2.70 6.86 -6.70
N TYR A 55 -3.00 7.04 -5.43
CA TYR A 55 -2.55 6.12 -4.39
C TYR A 55 -3.57 6.01 -3.26
N ALA A 56 -3.34 5.06 -2.36
CA ALA A 56 -4.24 4.85 -1.24
C ALA A 56 -3.48 4.33 -0.02
N PHE A 57 -4.16 4.33 1.13
CA PHE A 57 -3.54 3.86 2.36
C PHE A 57 -4.43 2.82 3.05
N ILE A 58 -3.99 1.57 3.00
CA ILE A 58 -4.74 0.47 3.61
C ILE A 58 -4.24 0.19 5.02
N GLU A 59 -5.17 -0.05 5.94
CA GLU A 59 -4.82 -0.34 7.32
C GLU A 59 -5.34 -1.72 7.74
N PHE A 60 -4.52 -2.45 8.47
CA PHE A 60 -4.89 -3.79 8.94
C PHE A 60 -4.67 -3.92 10.44
N ALA A 61 -4.89 -5.12 10.96
CA ALA A 61 -4.71 -5.39 12.38
C ALA A 61 -3.23 -5.42 12.75
N SER A 62 -2.40 -5.85 11.81
CA SER A 62 -0.96 -5.93 12.04
C SER A 62 -0.22 -6.32 10.76
N PHE A 63 1.10 -6.32 10.82
CA PHE A 63 1.92 -6.68 9.67
C PHE A 63 1.52 -8.03 9.11
N GLU A 64 0.77 -8.79 9.90
CA GLU A 64 0.31 -10.11 9.48
C GLU A 64 -0.76 -10.00 8.40
N ASP A 65 -1.94 -9.54 8.78
CA ASP A 65 -3.05 -9.38 7.85
C ASP A 65 -2.63 -8.53 6.65
N ALA A 66 -1.91 -7.45 6.93
CA ALA A 66 -1.45 -6.54 5.88
C ALA A 66 -0.65 -7.30 4.83
N LYS A 67 0.21 -8.20 5.27
CA LYS A 67 1.03 -8.99 4.37
C LYS A 67 0.20 -10.02 3.62
N GLU A 68 -0.84 -10.53 4.28
CA GLU A 68 -1.72 -11.52 3.67
C GLU A 68 -2.40 -10.94 2.43
N ALA A 69 -2.90 -9.72 2.54
CA ALA A 69 -3.57 -9.07 1.43
C ALA A 69 -2.55 -8.42 0.48
N LEU A 70 -1.42 -8.02 1.02
CA LEU A 70 -0.36 -7.39 0.23
C LEU A 70 0.27 -8.39 -0.73
N ASN A 71 0.28 -9.66 -0.32
CA ASN A 71 0.85 -10.72 -1.15
C ASN A 71 -0.16 -11.19 -2.20
N SER A 72 -1.43 -11.07 -1.89
CA SER A 72 -2.49 -11.49 -2.81
C SER A 72 -2.95 -10.32 -3.67
N CYS A 73 -3.58 -9.34 -3.04
CA CYS A 73 -4.07 -8.17 -3.74
C CYS A 73 -3.00 -7.60 -4.66
N ASN A 74 -1.74 -7.86 -4.33
CA ASN A 74 -0.63 -7.37 -5.14
C ASN A 74 -0.99 -7.35 -6.61
N LYS A 75 -0.82 -6.18 -7.24
CA LYS A 75 -1.13 -6.02 -8.66
C LYS A 75 -2.57 -6.44 -8.96
N ARG A 76 -3.50 -5.84 -8.22
CA ARG A 76 -4.92 -6.15 -8.41
C ARG A 76 -5.53 -5.26 -9.49
N GLU A 77 -6.12 -5.90 -10.50
CA GLU A 77 -6.74 -5.17 -11.60
C GLU A 77 -8.10 -4.61 -11.18
N ILE A 78 -8.13 -3.32 -10.85
CA ILE A 78 -9.37 -2.67 -10.45
C ILE A 78 -9.76 -1.58 -11.43
N GLU A 79 -11.01 -1.62 -11.88
CA GLU A 79 -11.53 -0.64 -12.82
C GLU A 79 -10.66 -0.60 -14.09
N GLY A 80 -10.10 -1.76 -14.44
CA GLY A 80 -9.27 -1.84 -15.62
C GLY A 80 -7.88 -1.27 -15.41
N ARG A 81 -7.50 -1.12 -14.14
CA ARG A 81 -6.19 -0.57 -13.80
C ARG A 81 -5.52 -1.41 -12.71
N ALA A 82 -4.32 -1.89 -13.01
CA ALA A 82 -3.57 -2.70 -12.06
C ALA A 82 -3.08 -1.87 -10.88
N ILE A 83 -3.37 -2.33 -9.68
CA ILE A 83 -2.96 -1.63 -8.46
C ILE A 83 -1.89 -2.41 -7.71
N ARG A 84 -0.84 -1.71 -7.29
CA ARG A 84 0.25 -2.34 -6.56
C ARG A 84 0.22 -1.93 -5.08
N LEU A 85 0.71 -2.82 -4.22
CA LEU A 85 0.73 -2.55 -2.78
C LEU A 85 2.15 -2.66 -2.24
N GLU A 86 2.51 -1.74 -1.34
CA GLU A 86 3.84 -1.74 -0.74
C GLU A 86 3.77 -1.32 0.73
N LEU A 87 4.47 -2.07 1.58
CA LEU A 87 4.48 -1.79 3.01
C LEU A 87 5.06 -0.40 3.27
N GLN A 88 4.29 0.43 3.98
CA GLN A 88 4.73 1.78 4.30
C GLN A 88 5.85 1.75 5.34
N GLY A 89 6.89 2.55 5.11
CA GLY A 89 8.01 2.61 6.02
C GLY A 89 9.22 3.31 5.44
N PRO A 90 10.17 3.68 6.31
CA PRO A 90 11.40 4.37 5.89
C PRO A 90 12.32 3.48 5.07
N ARG A 91 11.88 2.25 4.82
CA ARG A 91 12.68 1.30 4.06
C ARG A 91 14.02 1.05 4.73
N GLY A 92 14.02 0.99 6.06
CA GLY A 92 15.24 0.76 6.79
C GLY A 92 15.01 0.62 8.28
N SER A 93 15.58 1.53 9.07
CA SER A 93 15.43 1.49 10.52
C SER A 93 14.14 2.19 10.95
N PRO A 94 13.50 1.65 11.98
CA PRO A 94 12.24 2.19 12.52
C PRO A 94 12.45 3.53 13.23
N ASN A 95 11.35 4.21 13.54
CA ASN A 95 11.42 5.50 14.22
C ASN A 95 12.18 5.39 15.53
N SER A 96 13.41 5.90 15.54
CA SER A 96 14.24 5.86 16.74
C SER A 96 13.84 6.93 17.73
N GLY A 97 14.45 6.92 18.91
CA GLY A 97 14.13 7.91 19.93
C GLY A 97 14.61 9.30 19.56
N PRO A 98 15.93 9.44 19.38
CA PRO A 98 16.54 10.72 19.02
C PRO A 98 16.20 11.15 17.60
N SER A 99 15.57 10.25 16.85
CA SER A 99 15.20 10.54 15.48
C SER A 99 13.75 11.04 15.39
N SER A 100 13.45 11.79 14.35
CA SER A 100 12.12 12.34 14.15
C SER A 100 11.51 11.85 12.84
N GLY A 101 10.19 11.71 12.83
CA GLY A 101 9.51 11.25 11.62
C GLY A 101 8.60 12.31 11.03
N GLY A 1 13.96 -6.62 -27.27
CA GLY A 1 14.63 -6.20 -26.06
C GLY A 1 14.54 -7.23 -24.96
N SER A 2 15.39 -7.08 -23.95
CA SER A 2 15.41 -8.02 -22.82
C SER A 2 15.04 -7.31 -21.52
N SER A 3 13.86 -7.64 -21.00
CA SER A 3 13.38 -7.03 -19.76
C SER A 3 12.71 -8.07 -18.87
N GLY A 4 12.63 -7.77 -17.59
CA GLY A 4 12.01 -8.69 -16.64
C GLY A 4 11.50 -8.00 -15.40
N SER A 5 11.43 -8.73 -14.30
CA SER A 5 10.95 -8.18 -13.04
C SER A 5 11.88 -8.56 -11.90
N SER A 6 12.68 -7.58 -11.45
CA SER A 6 13.62 -7.82 -10.35
C SER A 6 12.90 -8.34 -9.12
N GLY A 7 13.66 -8.93 -8.20
CA GLY A 7 13.07 -9.48 -6.99
C GLY A 7 14.06 -9.50 -5.83
N ASN A 8 14.18 -8.38 -5.13
CA ASN A 8 15.10 -8.28 -4.00
C ASN A 8 14.77 -7.06 -3.14
N SER A 9 14.76 -7.25 -1.82
CA SER A 9 14.46 -6.17 -0.89
C SER A 9 14.80 -6.59 0.53
N THR A 10 14.77 -5.61 1.44
CA THR A 10 15.08 -5.87 2.84
C THR A 10 13.97 -5.33 3.75
N TRP A 11 13.62 -6.11 4.76
CA TRP A 11 12.57 -5.72 5.70
C TRP A 11 12.60 -6.59 6.95
N SER A 12 12.90 -5.98 8.08
CA SER A 12 12.97 -6.70 9.35
C SER A 12 12.03 -6.08 10.38
N GLY A 13 10.86 -5.65 9.93
CA GLY A 13 9.89 -5.05 10.82
C GLY A 13 8.47 -5.51 10.54
N GLU A 14 7.50 -4.77 11.08
CA GLU A 14 6.09 -5.12 10.88
C GLU A 14 5.27 -3.88 10.53
N SER A 15 4.76 -3.84 9.31
CA SER A 15 3.96 -2.70 8.85
C SER A 15 2.59 -3.17 8.38
N LYS A 16 1.56 -2.84 9.17
CA LYS A 16 0.20 -3.22 8.84
C LYS A 16 -0.46 -2.17 7.95
N THR A 17 0.35 -1.24 7.44
CA THR A 17 -0.15 -0.18 6.58
C THR A 17 0.33 -0.36 5.14
N LEU A 18 -0.55 -0.83 4.28
CA LEU A 18 -0.22 -1.05 2.88
C LEU A 18 -0.50 0.20 2.06
N VAL A 19 0.49 0.63 1.27
CA VAL A 19 0.34 1.81 0.43
C VAL A 19 -0.06 1.42 -1.00
N LEU A 20 -1.21 1.92 -1.44
CA LEU A 20 -1.70 1.62 -2.77
C LEU A 20 -1.20 2.66 -3.78
N SER A 21 -0.81 2.19 -4.96
CA SER A 21 -0.30 3.07 -6.01
C SER A 21 -0.98 2.78 -7.34
N ASN A 22 -1.23 3.83 -8.11
CA ASN A 22 -1.88 3.69 -9.41
C ASN A 22 -3.36 3.38 -9.25
N LEU A 23 -4.03 4.15 -8.40
CA LEU A 23 -5.46 3.98 -8.15
C LEU A 23 -6.28 4.76 -9.17
N SER A 24 -7.29 4.09 -9.73
CA SER A 24 -8.16 4.72 -10.72
C SER A 24 -9.18 5.63 -10.05
N TYR A 25 -9.37 6.82 -10.62
CA TYR A 25 -10.31 7.78 -10.08
C TYR A 25 -11.68 7.15 -9.85
N SER A 26 -12.08 6.28 -10.78
CA SER A 26 -13.37 5.60 -10.69
C SER A 26 -13.42 4.69 -9.46
N ALA A 27 -12.24 4.30 -8.97
CA ALA A 27 -12.15 3.44 -7.81
C ALA A 27 -12.18 4.25 -6.52
N THR A 28 -12.98 3.79 -5.56
CA THR A 28 -13.11 4.48 -4.28
C THR A 28 -13.09 3.49 -3.12
N GLU A 29 -13.06 4.01 -1.90
CA GLU A 29 -13.04 3.16 -0.71
C GLU A 29 -14.00 1.99 -0.86
N GLU A 30 -15.10 2.23 -1.55
CA GLU A 30 -16.11 1.19 -1.77
C GLU A 30 -15.51 -0.01 -2.49
N THR A 31 -14.73 0.27 -3.54
CA THR A 31 -14.09 -0.79 -4.32
C THR A 31 -12.96 -1.44 -3.53
N LEU A 32 -12.23 -0.63 -2.78
CA LEU A 32 -11.11 -1.13 -1.98
C LEU A 32 -11.61 -2.07 -0.88
N GLN A 33 -12.66 -1.66 -0.19
CA GLN A 33 -13.24 -2.45 0.89
C GLN A 33 -13.58 -3.86 0.40
N GLU A 34 -13.66 -4.01 -0.92
CA GLU A 34 -13.98 -5.31 -1.51
C GLU A 34 -12.71 -6.13 -1.73
N VAL A 35 -11.65 -5.46 -2.16
CA VAL A 35 -10.37 -6.13 -2.43
C VAL A 35 -9.73 -6.59 -1.12
N PHE A 36 -9.79 -5.75 -0.10
CA PHE A 36 -9.21 -6.06 1.20
C PHE A 36 -10.31 -6.23 2.26
N GLU A 37 -10.56 -7.47 2.64
CA GLU A 37 -11.59 -7.76 3.64
C GLU A 37 -11.01 -7.66 5.05
N LYS A 38 -9.69 -7.81 5.16
CA LYS A 38 -9.01 -7.73 6.45
C LYS A 38 -8.67 -6.29 6.79
N ALA A 39 -8.61 -5.44 5.77
CA ALA A 39 -8.30 -4.02 5.97
C ALA A 39 -9.17 -3.42 7.05
N THR A 40 -8.57 -3.11 8.20
CA THR A 40 -9.30 -2.52 9.31
C THR A 40 -9.73 -1.09 9.00
N PHE A 41 -9.08 -0.49 8.00
CA PHE A 41 -9.40 0.87 7.60
C PHE A 41 -8.80 1.19 6.23
N ILE A 42 -9.59 1.84 5.38
CA ILE A 42 -9.14 2.20 4.04
C ILE A 42 -9.29 3.70 3.80
N LYS A 43 -8.22 4.33 3.33
CA LYS A 43 -8.25 5.76 3.05
C LYS A 43 -7.86 6.03 1.59
N VAL A 44 -8.65 6.87 0.93
CA VAL A 44 -8.40 7.22 -0.47
C VAL A 44 -8.52 8.72 -0.69
N PRO A 45 -7.36 9.41 -0.71
CA PRO A 45 -7.31 10.85 -0.92
C PRO A 45 -7.70 11.25 -2.34
N GLN A 46 -8.69 12.12 -2.47
CA GLN A 46 -9.15 12.59 -3.77
C GLN A 46 -8.95 14.09 -3.92
N ASN A 47 -9.21 14.60 -5.11
CA ASN A 47 -9.06 16.03 -5.38
C ASN A 47 -10.34 16.78 -5.03
N GLN A 48 -10.29 18.11 -5.14
CA GLN A 48 -11.44 18.94 -4.84
C GLN A 48 -12.62 18.61 -5.76
N ASN A 49 -12.31 18.03 -6.91
CA ASN A 49 -13.34 17.66 -7.88
C ASN A 49 -13.93 16.29 -7.55
N GLY A 50 -13.07 15.28 -7.48
CA GLY A 50 -13.52 13.94 -7.16
C GLY A 50 -12.69 12.87 -7.85
N LYS A 51 -11.38 13.12 -7.96
CA LYS A 51 -10.49 12.18 -8.60
C LYS A 51 -9.33 11.80 -7.68
N SER A 52 -9.20 10.50 -7.41
CA SER A 52 -8.14 10.01 -6.53
C SER A 52 -6.78 10.54 -6.96
N LYS A 53 -5.94 10.89 -6.00
CA LYS A 53 -4.61 11.42 -6.28
C LYS A 53 -3.77 10.38 -7.02
N GLY A 54 -4.18 9.12 -6.92
CA GLY A 54 -3.45 8.05 -7.58
C GLY A 54 -2.91 7.03 -6.60
N TYR A 55 -3.20 7.22 -5.32
CA TYR A 55 -2.72 6.31 -4.28
C TYR A 55 -3.74 6.22 -3.15
N ALA A 56 -3.50 5.27 -2.24
CA ALA A 56 -4.39 5.06 -1.10
C ALA A 56 -3.62 4.55 0.11
N PHE A 57 -4.32 4.39 1.23
CA PHE A 57 -3.71 3.90 2.46
C PHE A 57 -4.55 2.81 3.09
N ILE A 58 -4.05 1.58 3.07
CA ILE A 58 -4.76 0.44 3.65
C ILE A 58 -4.22 0.11 5.04
N GLU A 59 -5.13 -0.08 5.99
CA GLU A 59 -4.76 -0.41 7.36
C GLU A 59 -5.29 -1.78 7.76
N PHE A 60 -4.47 -2.55 8.45
CA PHE A 60 -4.85 -3.90 8.90
C PHE A 60 -4.66 -4.04 10.41
N ALA A 61 -4.89 -5.25 10.90
CA ALA A 61 -4.74 -5.53 12.33
C ALA A 61 -3.27 -5.62 12.72
N SER A 62 -2.44 -6.03 11.77
CA SER A 62 -1.01 -6.17 12.02
C SER A 62 -0.26 -6.56 10.74
N PHE A 63 1.04 -6.76 10.86
CA PHE A 63 1.86 -7.14 9.72
C PHE A 63 1.44 -8.49 9.17
N GLU A 64 0.58 -9.19 9.91
CA GLU A 64 0.10 -10.50 9.50
C GLU A 64 -0.91 -10.38 8.36
N ASP A 65 -2.04 -9.76 8.64
CA ASP A 65 -3.09 -9.57 7.65
C ASP A 65 -2.58 -8.74 6.47
N ALA A 66 -2.09 -7.55 6.77
CA ALA A 66 -1.57 -6.66 5.73
C ALA A 66 -0.74 -7.43 4.72
N LYS A 67 0.11 -8.32 5.21
CA LYS A 67 0.97 -9.12 4.34
C LYS A 67 0.15 -10.17 3.58
N GLU A 68 -0.92 -10.65 4.21
CA GLU A 68 -1.78 -11.64 3.60
C GLU A 68 -2.43 -11.09 2.32
N ALA A 69 -2.78 -9.81 2.36
CA ALA A 69 -3.40 -9.16 1.21
C ALA A 69 -2.36 -8.59 0.27
N LEU A 70 -1.27 -8.08 0.84
CA LEU A 70 -0.20 -7.50 0.05
C LEU A 70 0.46 -8.54 -0.84
N ASN A 71 0.34 -9.81 -0.45
CA ASN A 71 0.91 -10.91 -1.20
C ASN A 71 0.08 -11.21 -2.45
N SER A 72 -1.24 -11.13 -2.30
CA SER A 72 -2.14 -11.40 -3.41
C SER A 72 -2.58 -10.10 -4.09
N CYS A 73 -3.34 -9.29 -3.36
CA CYS A 73 -3.81 -8.01 -3.89
C CYS A 73 -2.75 -7.36 -4.77
N ASN A 74 -1.48 -7.61 -4.46
CA ASN A 74 -0.38 -7.04 -5.22
C ASN A 74 -0.73 -6.96 -6.71
N LYS A 75 -0.63 -5.76 -7.26
CA LYS A 75 -0.93 -5.55 -8.67
C LYS A 75 -2.35 -6.00 -9.00
N ARG A 76 -3.31 -5.55 -8.22
CA ARG A 76 -4.71 -5.91 -8.43
C ARG A 76 -5.36 -5.03 -9.50
N GLU A 77 -5.85 -5.67 -10.56
CA GLU A 77 -6.48 -4.95 -11.65
C GLU A 77 -7.86 -4.43 -11.24
N ILE A 78 -7.94 -3.13 -10.98
CA ILE A 78 -9.20 -2.51 -10.59
C ILE A 78 -9.63 -1.44 -11.58
N GLU A 79 -10.82 -1.62 -12.16
CA GLU A 79 -11.35 -0.67 -13.13
C GLU A 79 -10.44 -0.58 -14.35
N GLY A 80 -9.74 -1.67 -14.63
CA GLY A 80 -8.84 -1.70 -15.78
C GLY A 80 -7.45 -1.20 -15.44
N ARG A 81 -7.30 -0.61 -14.25
CA ARG A 81 -6.02 -0.08 -13.81
C ARG A 81 -5.40 -0.97 -12.74
N ALA A 82 -4.14 -1.35 -12.95
CA ALA A 82 -3.43 -2.20 -12.00
C ALA A 82 -3.00 -1.41 -10.76
N ILE A 83 -3.31 -1.94 -9.59
CA ILE A 83 -2.96 -1.30 -8.33
C ILE A 83 -1.87 -2.07 -7.60
N ARG A 84 -0.82 -1.36 -7.20
CA ARG A 84 0.29 -1.97 -6.48
C ARG A 84 0.24 -1.63 -5.00
N LEU A 85 0.78 -2.52 -4.17
CA LEU A 85 0.79 -2.31 -2.72
C LEU A 85 2.21 -2.39 -2.19
N GLU A 86 2.56 -1.44 -1.31
CA GLU A 86 3.89 -1.41 -0.72
C GLU A 86 3.81 -1.07 0.77
N LEU A 87 4.55 -1.82 1.58
CA LEU A 87 4.56 -1.59 3.02
C LEU A 87 5.08 -0.20 3.35
N GLN A 88 4.21 0.63 3.92
CA GLN A 88 4.57 2.00 4.28
C GLN A 88 5.60 2.00 5.42
N GLY A 89 6.37 3.08 5.51
CA GLY A 89 7.37 3.19 6.55
C GLY A 89 6.75 3.42 7.92
N PRO A 90 7.55 3.19 8.97
CA PRO A 90 7.11 3.37 10.36
C PRO A 90 6.87 4.83 10.71
N ARG A 91 5.63 5.18 11.02
CA ARG A 91 5.27 6.54 11.37
C ARG A 91 6.26 7.12 12.37
N GLY A 92 6.67 8.37 12.16
CA GLY A 92 7.62 9.01 13.05
C GLY A 92 8.20 10.28 12.46
N SER A 93 8.52 11.24 13.32
CA SER A 93 9.07 12.51 12.88
C SER A 93 10.48 12.71 13.45
N PRO A 94 11.35 13.34 12.63
CA PRO A 94 12.74 13.60 13.04
C PRO A 94 12.84 14.66 14.12
N ASN A 95 13.31 14.25 15.30
CA ASN A 95 13.45 15.17 16.41
C ASN A 95 14.68 16.07 16.23
N SER A 96 14.43 17.36 16.10
CA SER A 96 15.50 18.34 15.92
C SER A 96 15.01 19.76 16.16
N GLY A 97 15.94 20.70 16.23
CA GLY A 97 15.58 22.09 16.45
C GLY A 97 15.80 22.95 15.23
N PRO A 98 14.94 23.96 15.04
CA PRO A 98 15.01 24.88 13.91
C PRO A 98 16.22 25.80 14.00
N SER A 99 16.89 26.00 12.87
CA SER A 99 18.07 26.86 12.82
C SER A 99 18.06 27.72 11.56
N SER A 100 18.67 28.90 11.66
CA SER A 100 18.72 29.83 10.53
C SER A 100 19.87 30.82 10.69
N GLY A 101 20.10 31.63 9.66
CA GLY A 101 21.16 32.62 9.71
C GLY A 101 22.46 32.10 9.15
N GLY A 1 10.95 -14.84 -19.53
CA GLY A 1 10.09 -15.36 -18.48
C GLY A 1 10.68 -15.17 -17.09
N SER A 2 10.55 -13.97 -16.56
CA SER A 2 11.08 -13.66 -15.24
C SER A 2 10.30 -14.40 -14.16
N SER A 3 10.95 -15.37 -13.53
CA SER A 3 10.31 -16.15 -12.48
C SER A 3 10.61 -15.57 -11.11
N GLY A 4 10.55 -14.24 -11.01
CA GLY A 4 10.82 -13.57 -9.75
C GLY A 4 11.07 -12.09 -9.92
N SER A 5 11.07 -11.36 -8.81
CA SER A 5 11.29 -9.92 -8.84
C SER A 5 12.77 -9.59 -8.64
N SER A 6 13.33 -8.83 -9.58
CA SER A 6 14.74 -8.45 -9.51
C SER A 6 15.07 -7.85 -8.15
N GLY A 7 16.35 -7.78 -7.83
CA GLY A 7 16.78 -7.23 -6.56
C GLY A 7 16.24 -8.01 -5.37
N ASN A 8 16.89 -7.86 -4.22
CA ASN A 8 16.47 -8.55 -3.01
C ASN A 8 16.07 -7.55 -1.93
N SER A 9 14.85 -7.67 -1.43
CA SER A 9 14.35 -6.79 -0.38
C SER A 9 14.15 -7.54 0.92
N THR A 10 14.95 -7.20 1.94
CA THR A 10 14.85 -7.85 3.23
C THR A 10 14.11 -6.97 4.23
N TRP A 11 12.84 -7.27 4.44
CA TRP A 11 12.02 -6.49 5.39
C TRP A 11 11.92 -7.20 6.73
N SER A 12 12.66 -6.70 7.71
CA SER A 12 12.67 -7.27 9.05
C SER A 12 11.58 -6.65 9.92
N GLY A 13 11.41 -5.34 9.80
CA GLY A 13 10.41 -4.64 10.58
C GLY A 13 9.01 -5.17 10.33
N GLU A 14 8.02 -4.49 10.87
CA GLU A 14 6.62 -4.90 10.70
C GLU A 14 5.73 -3.70 10.41
N SER A 15 4.97 -3.78 9.33
CA SER A 15 4.06 -2.70 8.95
C SER A 15 2.70 -3.24 8.56
N LYS A 16 1.68 -2.89 9.35
CA LYS A 16 0.32 -3.35 9.09
C LYS A 16 -0.35 -2.46 8.05
N THR A 17 0.23 -1.29 7.81
CA THR A 17 -0.32 -0.36 6.83
C THR A 17 0.28 -0.59 5.44
N LEU A 18 -0.59 -0.76 4.45
CA LEU A 18 -0.15 -1.00 3.08
C LEU A 18 -0.37 0.24 2.23
N VAL A 19 0.56 0.49 1.30
CA VAL A 19 0.47 1.64 0.42
C VAL A 19 0.08 1.22 -1.00
N LEU A 20 -1.05 1.71 -1.47
CA LEU A 20 -1.53 1.38 -2.81
C LEU A 20 -1.05 2.40 -3.82
N SER A 21 -0.66 1.91 -5.00
CA SER A 21 -0.17 2.78 -6.06
C SER A 21 -0.91 2.51 -7.38
N ASN A 22 -1.17 3.57 -8.13
CA ASN A 22 -1.87 3.44 -9.40
C ASN A 22 -3.35 3.17 -9.18
N LEU A 23 -3.95 3.92 -8.27
CA LEU A 23 -5.38 3.75 -7.96
C LEU A 23 -6.24 4.54 -8.95
N SER A 24 -7.19 3.85 -9.58
CA SER A 24 -8.07 4.48 -10.54
C SER A 24 -8.99 5.50 -9.86
N TYR A 25 -9.09 6.69 -10.46
CA TYR A 25 -9.93 7.75 -9.90
C TYR A 25 -11.36 7.25 -9.70
N SER A 26 -11.80 6.35 -10.56
CA SER A 26 -13.15 5.81 -10.49
C SER A 26 -13.29 4.88 -9.28
N ALA A 27 -12.16 4.37 -8.79
CA ALA A 27 -12.16 3.47 -7.65
C ALA A 27 -12.21 4.26 -6.34
N THR A 28 -13.05 3.80 -5.41
CA THR A 28 -13.20 4.47 -4.13
C THR A 28 -13.15 3.46 -2.98
N GLU A 29 -13.11 3.97 -1.75
CA GLU A 29 -13.05 3.11 -0.58
C GLU A 29 -13.99 1.91 -0.74
N GLU A 30 -15.05 2.10 -1.51
CA GLU A 30 -16.02 1.03 -1.74
C GLU A 30 -15.39 -0.13 -2.51
N THR A 31 -14.75 0.20 -3.63
CA THR A 31 -14.11 -0.81 -4.47
C THR A 31 -12.97 -1.49 -3.71
N LEU A 32 -12.25 -0.72 -2.91
CA LEU A 32 -11.13 -1.26 -2.13
C LEU A 32 -11.62 -2.19 -1.04
N GLN A 33 -12.72 -1.81 -0.39
CA GLN A 33 -13.30 -2.63 0.68
C GLN A 33 -13.64 -4.02 0.18
N GLU A 34 -13.80 -4.15 -1.14
CA GLU A 34 -14.12 -5.44 -1.74
C GLU A 34 -12.86 -6.29 -1.93
N VAL A 35 -11.76 -5.62 -2.28
CA VAL A 35 -10.50 -6.31 -2.50
C VAL A 35 -9.84 -6.69 -1.17
N PHE A 36 -9.88 -5.77 -0.21
CA PHE A 36 -9.30 -6.01 1.10
C PHE A 36 -10.38 -6.25 2.15
N GLU A 37 -10.55 -7.52 2.52
CA GLU A 37 -11.55 -7.90 3.51
C GLU A 37 -11.00 -7.75 4.93
N LYS A 38 -9.70 -8.00 5.08
CA LYS A 38 -9.05 -7.90 6.38
C LYS A 38 -8.70 -6.45 6.70
N ALA A 39 -8.70 -5.61 5.68
CA ALA A 39 -8.39 -4.20 5.85
C ALA A 39 -9.27 -3.55 6.91
N THR A 40 -8.69 -3.31 8.09
CA THR A 40 -9.43 -2.71 9.18
C THR A 40 -9.88 -1.29 8.83
N PHE A 41 -9.25 -0.71 7.82
CA PHE A 41 -9.59 0.64 7.38
C PHE A 41 -8.92 0.96 6.05
N ILE A 42 -9.65 1.67 5.19
CA ILE A 42 -9.14 2.04 3.87
C ILE A 42 -9.24 3.54 3.66
N LYS A 43 -8.14 4.15 3.22
CA LYS A 43 -8.11 5.58 2.97
C LYS A 43 -7.73 5.87 1.51
N VAL A 44 -8.51 6.73 0.87
CA VAL A 44 -8.25 7.09 -0.53
C VAL A 44 -8.32 8.60 -0.73
N PRO A 45 -7.16 9.25 -0.76
CA PRO A 45 -7.07 10.71 -0.94
C PRO A 45 -7.45 11.14 -2.36
N GLN A 46 -8.40 12.07 -2.45
CA GLN A 46 -8.84 12.56 -3.75
C GLN A 46 -8.64 14.08 -3.86
N ASN A 47 -8.83 14.61 -5.06
CA ASN A 47 -8.67 16.03 -5.29
C ASN A 47 -9.98 16.77 -5.08
N GLN A 48 -9.93 18.10 -5.14
CA GLN A 48 -11.12 18.91 -4.95
C GLN A 48 -12.18 18.59 -6.00
N ASN A 49 -11.72 18.06 -7.13
CA ASN A 49 -12.63 17.70 -8.22
C ASN A 49 -13.29 16.35 -7.97
N GLY A 50 -12.49 15.39 -7.51
CA GLY A 50 -13.00 14.07 -7.23
C GLY A 50 -12.19 12.98 -7.90
N LYS A 51 -10.89 13.23 -8.08
CA LYS A 51 -10.01 12.26 -8.72
C LYS A 51 -8.90 11.84 -7.77
N SER A 52 -8.85 10.55 -7.45
CA SER A 52 -7.84 10.01 -6.55
C SER A 52 -6.44 10.49 -6.97
N LYS A 53 -5.61 10.80 -5.99
CA LYS A 53 -4.25 11.27 -6.25
C LYS A 53 -3.45 10.19 -6.99
N GLY A 54 -3.92 8.95 -6.91
CA GLY A 54 -3.24 7.85 -7.58
C GLY A 54 -2.72 6.82 -6.61
N TYR A 55 -3.01 7.02 -5.33
CA TYR A 55 -2.55 6.10 -4.29
C TYR A 55 -3.56 6.02 -3.15
N ALA A 56 -3.39 5.02 -2.28
CA ALA A 56 -4.29 4.83 -1.16
C ALA A 56 -3.55 4.25 0.05
N PHE A 57 -4.15 4.36 1.22
CA PHE A 57 -3.55 3.85 2.44
C PHE A 57 -4.44 2.78 3.08
N ILE A 58 -3.98 1.53 3.05
CA ILE A 58 -4.73 0.43 3.62
C ILE A 58 -4.27 0.13 5.05
N GLU A 59 -5.22 -0.17 5.92
CA GLU A 59 -4.91 -0.48 7.31
C GLU A 59 -5.39 -1.88 7.68
N PHE A 60 -4.62 -2.56 8.53
CA PHE A 60 -4.96 -3.91 8.96
C PHE A 60 -4.75 -4.07 10.46
N ALA A 61 -4.95 -5.29 10.95
CA ALA A 61 -4.77 -5.58 12.37
C ALA A 61 -3.30 -5.57 12.76
N SER A 62 -2.44 -5.96 11.82
CA SER A 62 -1.01 -6.01 12.07
C SER A 62 -0.24 -6.36 10.80
N PHE A 63 1.08 -6.32 10.88
CA PHE A 63 1.93 -6.64 9.73
C PHE A 63 1.54 -7.99 9.13
N GLU A 64 0.80 -8.78 9.89
CA GLU A 64 0.37 -10.10 9.44
C GLU A 64 -0.70 -9.97 8.36
N ASP A 65 -1.89 -9.56 8.77
CA ASP A 65 -3.01 -9.40 7.84
C ASP A 65 -2.61 -8.52 6.66
N ALA A 66 -1.93 -7.42 6.96
CA ALA A 66 -1.48 -6.49 5.91
C ALA A 66 -0.68 -7.21 4.85
N LYS A 67 0.27 -8.03 5.28
CA LYS A 67 1.12 -8.79 4.36
C LYS A 67 0.30 -9.81 3.58
N GLU A 68 -0.70 -10.39 4.25
CA GLU A 68 -1.55 -11.39 3.62
C GLU A 68 -2.25 -10.82 2.39
N ALA A 69 -2.84 -9.64 2.55
CA ALA A 69 -3.54 -8.97 1.46
C ALA A 69 -2.57 -8.31 0.51
N LEU A 70 -1.41 -7.91 1.04
CA LEU A 70 -0.39 -7.25 0.23
C LEU A 70 0.27 -8.24 -0.73
N ASN A 71 0.29 -9.51 -0.34
CA ASN A 71 0.88 -10.56 -1.17
C ASN A 71 -0.12 -11.06 -2.21
N SER A 72 -1.40 -10.98 -1.87
CA SER A 72 -2.46 -11.43 -2.77
C SER A 72 -2.96 -10.28 -3.63
N CYS A 73 -3.58 -9.29 -2.99
CA CYS A 73 -4.11 -8.13 -3.70
C CYS A 73 -3.06 -7.52 -4.60
N ASN A 74 -1.79 -7.76 -4.28
CA ASN A 74 -0.68 -7.23 -5.07
C ASN A 74 -1.05 -7.16 -6.55
N LYS A 75 -0.85 -5.99 -7.15
CA LYS A 75 -1.15 -5.80 -8.57
C LYS A 75 -2.59 -6.21 -8.87
N ARG A 76 -3.53 -5.66 -8.13
CA ARG A 76 -4.95 -5.96 -8.33
C ARG A 76 -5.54 -5.11 -9.44
N GLU A 77 -6.17 -5.76 -10.41
CA GLU A 77 -6.79 -5.07 -11.54
C GLU A 77 -8.11 -4.43 -11.12
N ILE A 78 -8.11 -3.11 -10.97
CA ILE A 78 -9.31 -2.39 -10.58
C ILE A 78 -9.66 -1.30 -11.61
N GLU A 79 -10.82 -1.44 -12.23
CA GLU A 79 -11.26 -0.47 -13.23
C GLU A 79 -10.34 -0.48 -14.44
N GLY A 80 -9.76 -1.64 -14.72
CA GLY A 80 -8.85 -1.76 -15.86
C GLY A 80 -7.48 -1.19 -15.57
N ARG A 81 -7.16 -1.06 -14.29
CA ARG A 81 -5.85 -0.53 -13.88
C ARG A 81 -5.27 -1.35 -12.74
N ALA A 82 -4.09 -1.92 -12.97
CA ALA A 82 -3.42 -2.72 -11.96
C ALA A 82 -2.92 -1.86 -10.81
N ILE A 83 -3.24 -2.28 -9.59
CA ILE A 83 -2.82 -1.55 -8.39
C ILE A 83 -1.78 -2.33 -7.60
N ARG A 84 -0.65 -1.69 -7.32
CA ARG A 84 0.42 -2.32 -6.57
C ARG A 84 0.38 -1.91 -5.10
N LEU A 85 0.82 -2.80 -4.22
CA LEU A 85 0.82 -2.52 -2.79
C LEU A 85 2.24 -2.63 -2.22
N GLU A 86 2.57 -1.75 -1.29
CA GLU A 86 3.89 -1.75 -0.67
C GLU A 86 3.80 -1.32 0.79
N LEU A 87 4.48 -2.06 1.66
CA LEU A 87 4.48 -1.75 3.08
C LEU A 87 5.05 -0.37 3.35
N GLN A 88 4.35 0.42 4.16
CA GLN A 88 4.79 1.76 4.49
C GLN A 88 5.89 1.73 5.55
N GLY A 89 6.71 2.78 5.57
CA GLY A 89 7.79 2.85 6.54
C GLY A 89 9.16 2.73 5.88
N PRO A 90 10.21 3.12 6.63
CA PRO A 90 11.58 3.06 6.13
C PRO A 90 12.09 1.63 5.99
N ARG A 91 12.66 1.33 4.83
CA ARG A 91 13.18 -0.01 4.56
C ARG A 91 14.20 -0.42 5.64
N GLY A 92 14.65 -1.66 5.56
CA GLY A 92 15.61 -2.15 6.53
C GLY A 92 16.72 -2.96 5.89
N SER A 93 17.81 -3.16 6.62
CA SER A 93 18.95 -3.91 6.12
C SER A 93 19.61 -4.73 7.22
N PRO A 94 19.93 -5.99 6.93
CA PRO A 94 20.56 -6.90 7.89
C PRO A 94 22.01 -6.50 8.19
N ASN A 95 22.47 -5.45 7.54
CA ASN A 95 23.84 -4.96 7.74
C ASN A 95 24.28 -5.16 9.19
N SER A 96 25.34 -5.93 9.39
CA SER A 96 25.86 -6.20 10.72
C SER A 96 27.28 -5.67 10.87
N GLY A 97 27.42 -4.56 11.60
CA GLY A 97 28.74 -3.97 11.80
C GLY A 97 28.96 -3.55 13.24
N PRO A 98 29.38 -4.52 14.08
CA PRO A 98 29.64 -4.26 15.50
C PRO A 98 30.88 -3.39 15.71
N SER A 99 30.68 -2.23 16.32
CA SER A 99 31.77 -1.30 16.58
C SER A 99 31.63 -0.67 17.97
N SER A 100 32.58 -0.98 18.85
CA SER A 100 32.57 -0.46 20.21
C SER A 100 32.61 1.07 20.20
N GLY A 101 31.53 1.69 20.65
CA GLY A 101 31.46 3.14 20.69
C GLY A 101 30.06 3.65 20.95
N GLY A 1 16.71 9.25 -6.57
CA GLY A 1 16.90 8.05 -5.77
C GLY A 1 16.54 6.79 -6.53
N SER A 2 17.05 6.66 -7.74
CA SER A 2 16.77 5.49 -8.58
C SER A 2 16.88 4.21 -7.76
N SER A 3 15.74 3.68 -7.34
CA SER A 3 15.71 2.46 -6.55
C SER A 3 16.63 1.41 -7.14
N GLY A 4 17.85 1.31 -6.59
CA GLY A 4 18.81 0.34 -7.08
C GLY A 4 19.28 -0.61 -5.99
N SER A 5 20.42 -0.31 -5.40
CA SER A 5 20.98 -1.14 -4.34
C SER A 5 20.91 -0.44 -3.00
N SER A 6 19.89 -0.77 -2.21
CA SER A 6 19.70 -0.17 -0.89
C SER A 6 19.27 -1.21 0.13
N GLY A 7 19.71 -1.03 1.37
CA GLY A 7 19.37 -1.97 2.42
C GLY A 7 19.18 -1.28 3.77
N ASN A 8 17.93 -1.23 4.23
CA ASN A 8 17.62 -0.61 5.51
C ASN A 8 18.66 -0.97 6.56
N SER A 9 18.73 -0.16 7.62
CA SER A 9 19.68 -0.40 8.70
C SER A 9 19.00 -1.09 9.88
N THR A 10 17.84 -0.57 10.27
CA THR A 10 17.09 -1.12 11.39
C THR A 10 15.64 -1.38 11.01
N TRP A 11 15.40 -2.54 10.40
CA TRP A 11 14.05 -2.90 9.98
C TRP A 11 14.00 -4.35 9.49
N SER A 12 12.94 -5.07 9.87
CA SER A 12 12.78 -6.46 9.48
C SER A 12 11.54 -6.64 8.60
N GLY A 13 11.33 -5.69 7.68
CA GLY A 13 10.19 -5.76 6.80
C GLY A 13 8.91 -6.11 7.53
N GLU A 14 8.36 -5.13 8.27
CA GLU A 14 7.14 -5.35 9.02
C GLU A 14 6.30 -4.08 9.06
N SER A 15 5.06 -4.18 8.60
CA SER A 15 4.15 -3.04 8.57
C SER A 15 2.72 -3.48 8.30
N LYS A 16 1.79 -3.02 9.13
CA LYS A 16 0.38 -3.36 8.98
C LYS A 16 -0.29 -2.45 7.96
N THR A 17 0.32 -1.30 7.70
CA THR A 17 -0.23 -0.35 6.74
C THR A 17 0.35 -0.58 5.34
N LEU A 18 -0.53 -0.66 4.35
CA LEU A 18 -0.12 -0.88 2.97
C LEU A 18 -0.31 0.39 2.14
N VAL A 19 0.60 0.61 1.20
CA VAL A 19 0.53 1.78 0.33
C VAL A 19 0.12 1.40 -1.08
N LEU A 20 -1.08 1.83 -1.48
CA LEU A 20 -1.60 1.53 -2.81
C LEU A 20 -1.12 2.56 -3.83
N SER A 21 -0.75 2.09 -5.02
CA SER A 21 -0.27 2.97 -6.08
C SER A 21 -0.96 2.66 -7.41
N ASN A 22 -1.21 3.69 -8.20
CA ASN A 22 -1.86 3.52 -9.49
C ASN A 22 -3.35 3.26 -9.32
N LEU A 23 -3.98 4.03 -8.44
CA LEU A 23 -5.41 3.88 -8.19
C LEU A 23 -6.24 4.62 -9.24
N SER A 24 -7.37 4.05 -9.61
CA SER A 24 -8.25 4.65 -10.61
C SER A 24 -9.30 5.54 -9.94
N TYR A 25 -9.55 6.70 -10.53
CA TYR A 25 -10.53 7.63 -9.99
C TYR A 25 -11.88 6.95 -9.78
N SER A 26 -12.22 6.04 -10.69
CA SER A 26 -13.49 5.32 -10.61
C SER A 26 -13.52 4.43 -9.37
N ALA A 27 -12.34 4.12 -8.83
CA ALA A 27 -12.24 3.28 -7.65
C ALA A 27 -12.34 4.11 -6.37
N THR A 28 -13.08 3.60 -5.40
CA THR A 28 -13.25 4.29 -4.13
C THR A 28 -13.16 3.32 -2.95
N GLU A 29 -13.06 3.88 -1.75
CA GLU A 29 -12.96 3.05 -0.55
C GLU A 29 -13.97 1.91 -0.57
N GLU A 30 -15.03 2.10 -1.36
CA GLU A 30 -16.07 1.09 -1.47
C GLU A 30 -15.56 -0.15 -2.21
N THR A 31 -14.89 0.09 -3.34
CA THR A 31 -14.35 -1.00 -4.14
C THR A 31 -13.21 -1.71 -3.41
N LEU A 32 -12.38 -0.92 -2.73
CA LEU A 32 -11.25 -1.48 -1.99
C LEU A 32 -11.73 -2.37 -0.85
N GLN A 33 -12.75 -1.90 -0.14
CA GLN A 33 -13.30 -2.65 0.99
C GLN A 33 -13.64 -4.08 0.58
N GLU A 34 -13.81 -4.29 -0.73
CA GLU A 34 -14.14 -5.61 -1.25
C GLU A 34 -12.87 -6.43 -1.48
N VAL A 35 -11.83 -5.77 -1.96
CA VAL A 35 -10.55 -6.44 -2.23
C VAL A 35 -9.83 -6.77 -0.92
N PHE A 36 -9.97 -5.91 0.07
CA PHE A 36 -9.33 -6.11 1.36
C PHE A 36 -10.37 -6.34 2.46
N GLU A 37 -10.46 -7.58 2.91
CA GLU A 37 -11.41 -7.94 3.97
C GLU A 37 -10.79 -7.82 5.34
N LYS A 38 -9.46 -7.97 5.40
CA LYS A 38 -8.73 -7.87 6.66
C LYS A 38 -8.41 -6.42 6.99
N ALA A 39 -8.41 -5.57 5.97
CA ALA A 39 -8.13 -4.15 6.16
C ALA A 39 -9.07 -3.53 7.17
N THR A 40 -8.54 -3.17 8.34
CA THR A 40 -9.33 -2.57 9.40
C THR A 40 -9.82 -1.17 9.00
N PHE A 41 -9.22 -0.63 7.93
CA PHE A 41 -9.59 0.69 7.45
C PHE A 41 -8.94 0.98 6.10
N ILE A 42 -9.63 1.75 5.27
CA ILE A 42 -9.12 2.10 3.96
C ILE A 42 -9.28 3.59 3.67
N LYS A 43 -8.22 4.21 3.16
CA LYS A 43 -8.25 5.63 2.85
C LYS A 43 -7.80 5.88 1.42
N VAL A 44 -8.58 6.70 0.70
CA VAL A 44 -8.27 7.03 -0.68
C VAL A 44 -8.36 8.52 -0.94
N PRO A 45 -7.20 9.19 -0.97
CA PRO A 45 -7.12 10.64 -1.20
C PRO A 45 -7.50 11.02 -2.63
N GLN A 46 -8.51 11.86 -2.77
CA GLN A 46 -8.96 12.30 -4.09
C GLN A 46 -8.81 13.81 -4.25
N ASN A 47 -9.16 14.32 -5.42
CA ASN A 47 -9.06 15.75 -5.69
C ASN A 47 -10.40 16.45 -5.44
N GLN A 48 -10.39 17.77 -5.53
CA GLN A 48 -11.60 18.55 -5.31
C GLN A 48 -12.75 18.03 -6.17
N ASN A 49 -12.46 17.73 -7.42
CA ASN A 49 -13.46 17.21 -8.34
C ASN A 49 -13.90 15.81 -7.94
N GLY A 50 -12.95 14.99 -7.49
CA GLY A 50 -13.27 13.64 -7.09
C GLY A 50 -12.42 12.61 -7.80
N LYS A 51 -11.17 12.97 -8.08
CA LYS A 51 -10.26 12.07 -8.77
C LYS A 51 -9.14 11.60 -7.83
N SER A 52 -9.05 10.29 -7.63
CA SER A 52 -8.03 9.72 -6.76
C SER A 52 -6.64 10.21 -7.15
N LYS A 53 -5.95 10.84 -6.21
CA LYS A 53 -4.61 11.36 -6.45
C LYS A 53 -3.77 10.34 -7.22
N GLY A 54 -4.07 9.07 -7.02
CA GLY A 54 -3.33 8.01 -7.71
C GLY A 54 -2.80 6.96 -6.75
N TYR A 55 -3.09 7.14 -5.47
CA TYR A 55 -2.64 6.19 -4.45
C TYR A 55 -3.64 6.09 -3.31
N ALA A 56 -3.40 5.17 -2.39
CA ALA A 56 -4.29 4.98 -1.24
C ALA A 56 -3.52 4.41 -0.05
N PHE A 57 -4.13 4.48 1.13
CA PHE A 57 -3.51 3.97 2.35
C PHE A 57 -4.40 2.92 3.01
N ILE A 58 -3.96 1.67 2.96
CA ILE A 58 -4.71 0.58 3.56
C ILE A 58 -4.20 0.26 4.96
N GLU A 59 -5.14 0.09 5.89
CA GLU A 59 -4.79 -0.22 7.27
C GLU A 59 -5.22 -1.63 7.64
N PHE A 60 -4.40 -2.31 8.45
CA PHE A 60 -4.69 -3.66 8.88
C PHE A 60 -4.48 -3.82 10.38
N ALA A 61 -4.65 -5.05 10.87
CA ALA A 61 -4.47 -5.32 12.29
C ALA A 61 -3.00 -5.38 12.67
N SER A 62 -2.18 -5.83 11.74
CA SER A 62 -0.74 -5.93 11.97
C SER A 62 -0.01 -6.37 10.70
N PHE A 63 1.31 -6.46 10.79
CA PHE A 63 2.12 -6.87 9.64
C PHE A 63 1.66 -8.22 9.10
N GLU A 64 0.84 -8.91 9.87
CA GLU A 64 0.32 -10.21 9.46
C GLU A 64 -0.91 -10.05 8.57
N ASP A 65 -1.91 -9.32 9.07
CA ASP A 65 -3.14 -9.10 8.32
C ASP A 65 -2.86 -8.31 7.05
N ALA A 66 -1.91 -7.38 7.14
CA ALA A 66 -1.54 -6.56 5.99
C ALA A 66 -0.82 -7.37 4.93
N LYS A 67 0.15 -8.18 5.36
CA LYS A 67 0.91 -9.02 4.45
C LYS A 67 0.02 -10.08 3.81
N GLU A 68 -1.06 -10.43 4.49
CA GLU A 68 -1.99 -11.43 3.98
C GLU A 68 -2.66 -10.95 2.69
N ALA A 69 -2.99 -9.66 2.65
CA ALA A 69 -3.63 -9.08 1.48
C ALA A 69 -2.60 -8.54 0.50
N LEU A 70 -1.48 -8.06 1.03
CA LEU A 70 -0.41 -7.51 0.20
C LEU A 70 0.22 -8.60 -0.66
N ASN A 71 0.10 -9.85 -0.21
CA ASN A 71 0.66 -10.98 -0.93
C ASN A 71 -0.17 -11.30 -2.18
N SER A 72 -1.49 -11.18 -2.04
CA SER A 72 -2.40 -11.47 -3.16
C SER A 72 -2.80 -10.18 -3.87
N CYS A 73 -3.50 -9.31 -3.15
CA CYS A 73 -3.95 -8.03 -3.70
C CYS A 73 -2.89 -7.44 -4.62
N ASN A 74 -1.62 -7.70 -4.29
CA ASN A 74 -0.51 -7.19 -5.09
C ASN A 74 -0.87 -7.16 -6.58
N LYS A 75 -0.78 -5.99 -7.18
CA LYS A 75 -1.09 -5.82 -8.60
C LYS A 75 -2.52 -6.25 -8.88
N ARG A 76 -3.48 -5.68 -8.16
CA ARG A 76 -4.88 -6.01 -8.34
C ARG A 76 -5.51 -5.13 -9.41
N GLU A 77 -6.04 -5.77 -10.46
CA GLU A 77 -6.67 -5.05 -11.56
C GLU A 77 -8.04 -4.52 -11.14
N ILE A 78 -8.11 -3.22 -10.86
CA ILE A 78 -9.36 -2.59 -10.46
C ILE A 78 -9.74 -1.46 -11.41
N GLU A 79 -11.00 -1.47 -11.85
CA GLU A 79 -11.49 -0.45 -12.77
C GLU A 79 -10.64 -0.40 -14.03
N GLY A 80 -10.00 -1.52 -14.35
CA GLY A 80 -9.17 -1.58 -15.54
C GLY A 80 -7.80 -0.96 -15.31
N ARG A 81 -7.39 -0.88 -14.06
CA ARG A 81 -6.09 -0.30 -13.72
C ARG A 81 -5.41 -1.11 -12.62
N ALA A 82 -4.30 -1.75 -12.95
CA ALA A 82 -3.55 -2.55 -12.00
C ALA A 82 -3.10 -1.71 -10.81
N ILE A 83 -3.36 -2.20 -9.61
CA ILE A 83 -2.99 -1.49 -8.39
C ILE A 83 -1.89 -2.24 -7.64
N ARG A 84 -0.84 -1.52 -7.26
CA ARG A 84 0.27 -2.12 -6.53
C ARG A 84 0.22 -1.74 -5.06
N LEU A 85 0.72 -2.63 -4.21
CA LEU A 85 0.73 -2.40 -2.76
C LEU A 85 2.13 -2.56 -2.19
N GLU A 86 2.56 -1.58 -1.40
CA GLU A 86 3.88 -1.62 -0.79
C GLU A 86 3.81 -1.27 0.70
N LEU A 87 4.50 -2.05 1.52
CA LEU A 87 4.51 -1.81 2.96
C LEU A 87 5.07 -0.44 3.29
N GLN A 88 4.31 0.34 4.05
CA GLN A 88 4.73 1.68 4.44
C GLN A 88 5.84 1.63 5.48
N GLY A 89 6.64 2.68 5.53
CA GLY A 89 7.74 2.73 6.49
C GLY A 89 7.25 2.94 7.92
N PRO A 90 8.10 2.57 8.89
CA PRO A 90 7.77 2.71 10.31
C PRO A 90 7.73 4.16 10.76
N ARG A 91 6.55 4.62 11.18
CA ARG A 91 6.38 5.99 11.63
C ARG A 91 7.12 6.22 12.95
N GLY A 92 7.40 7.49 13.25
CA GLY A 92 8.10 7.82 14.48
C GLY A 92 9.61 7.84 14.31
N SER A 93 10.29 6.91 14.97
CA SER A 93 11.75 6.83 14.88
C SER A 93 12.20 6.57 13.45
N PRO A 94 13.31 7.20 13.05
CA PRO A 94 13.87 7.06 11.70
C PRO A 94 14.46 5.67 11.47
N ASN A 95 14.55 5.28 10.21
CA ASN A 95 15.09 3.97 9.85
C ASN A 95 16.57 3.89 10.21
N SER A 96 17.35 4.87 9.76
CA SER A 96 18.78 4.91 10.03
C SER A 96 19.04 5.24 11.50
N GLY A 97 19.78 4.36 12.17
CA GLY A 97 20.09 4.58 13.57
C GLY A 97 21.32 3.82 14.01
N PRO A 98 21.41 3.54 15.33
CA PRO A 98 22.55 2.82 15.91
C PRO A 98 22.55 1.34 15.50
N SER A 99 23.60 0.93 14.79
CA SER A 99 23.72 -0.45 14.35
C SER A 99 23.97 -1.39 15.52
N SER A 100 24.93 -1.01 16.37
CA SER A 100 25.28 -1.82 17.53
C SER A 100 24.14 -1.81 18.55
N GLY A 101 23.66 -3.01 18.90
CA GLY A 101 22.58 -3.12 19.86
C GLY A 101 21.29 -2.48 19.36
N GLY A 1 14.81 -8.61 -5.32
CA GLY A 1 14.25 -9.66 -4.49
C GLY A 1 15.05 -10.94 -4.57
N SER A 2 15.73 -11.29 -3.48
CA SER A 2 16.54 -12.50 -3.44
C SER A 2 15.83 -13.60 -2.67
N SER A 3 15.61 -14.73 -3.33
CA SER A 3 14.93 -15.86 -2.72
C SER A 3 15.92 -16.95 -2.33
N GLY A 4 15.92 -17.31 -1.04
CA GLY A 4 16.82 -18.34 -0.56
C GLY A 4 16.10 -19.54 -0.02
N SER A 5 16.59 -20.07 1.11
CA SER A 5 15.98 -21.24 1.73
C SER A 5 15.73 -21.00 3.21
N SER A 6 16.80 -20.69 3.94
CA SER A 6 16.71 -20.44 5.37
C SER A 6 15.79 -19.26 5.66
N GLY A 7 15.95 -18.19 4.88
CA GLY A 7 15.11 -17.01 5.07
C GLY A 7 14.10 -16.84 3.95
N ASN A 8 12.93 -16.30 4.30
CA ASN A 8 11.87 -16.09 3.32
C ASN A 8 12.13 -14.82 2.50
N SER A 9 12.18 -13.68 3.19
CA SER A 9 12.41 -12.41 2.54
C SER A 9 13.47 -11.60 3.28
N THR A 10 14.20 -10.77 2.55
CA THR A 10 15.26 -9.94 3.14
C THR A 10 14.72 -8.56 3.49
N TRP A 11 13.49 -8.50 3.99
CA TRP A 11 12.87 -7.24 4.36
C TRP A 11 12.73 -7.13 5.87
N SER A 12 13.21 -6.02 6.43
CA SER A 12 13.14 -5.81 7.88
C SER A 12 12.40 -4.51 8.18
N GLY A 13 11.07 -4.57 8.13
CA GLY A 13 10.26 -3.39 8.41
C GLY A 13 8.79 -3.72 8.59
N GLU A 14 8.52 -4.73 9.41
CA GLU A 14 7.15 -5.16 9.66
C GLU A 14 6.20 -3.95 9.66
N SER A 15 5.29 -3.93 8.69
CA SER A 15 4.33 -2.84 8.57
C SER A 15 2.92 -3.37 8.30
N LYS A 16 1.92 -2.73 8.88
CA LYS A 16 0.54 -3.14 8.71
C LYS A 16 -0.17 -2.24 7.70
N THR A 17 0.39 -1.05 7.48
CA THR A 17 -0.19 -0.11 6.54
C THR A 17 0.31 -0.36 5.12
N LEU A 18 -0.61 -0.63 4.22
CA LEU A 18 -0.26 -0.90 2.82
C LEU A 18 -0.51 0.33 1.95
N VAL A 19 0.49 0.70 1.15
CA VAL A 19 0.37 1.86 0.27
C VAL A 19 0.00 1.44 -1.14
N LEU A 20 -1.17 1.86 -1.60
CA LEU A 20 -1.64 1.53 -2.94
C LEU A 20 -1.13 2.53 -3.97
N SER A 21 -0.83 2.05 -5.16
CA SER A 21 -0.33 2.91 -6.24
C SER A 21 -1.06 2.63 -7.54
N ASN A 22 -1.31 3.69 -8.31
CA ASN A 22 -2.00 3.55 -9.59
C ASN A 22 -3.49 3.29 -9.38
N LEU A 23 -4.08 3.99 -8.43
CA LEU A 23 -5.50 3.83 -8.12
C LEU A 23 -6.36 4.60 -9.12
N SER A 24 -7.45 3.98 -9.56
CA SER A 24 -8.36 4.60 -10.51
C SER A 24 -9.36 5.52 -9.80
N TYR A 25 -9.55 6.70 -10.34
CA TYR A 25 -10.48 7.66 -9.76
C TYR A 25 -11.85 7.04 -9.52
N SER A 26 -12.30 6.25 -10.49
CA SER A 26 -13.59 5.57 -10.38
C SER A 26 -13.62 4.64 -9.17
N ALA A 27 -12.44 4.23 -8.72
CA ALA A 27 -12.33 3.34 -7.58
C ALA A 27 -12.28 4.12 -6.26
N THR A 28 -13.06 3.68 -5.29
CA THR A 28 -13.10 4.33 -3.98
C THR A 28 -13.05 3.32 -2.85
N GLU A 29 -13.16 3.81 -1.62
CA GLU A 29 -13.13 2.95 -0.44
C GLU A 29 -14.09 1.76 -0.62
N GLU A 30 -15.17 2.00 -1.35
CA GLU A 30 -16.17 0.96 -1.60
C GLU A 30 -15.56 -0.21 -2.37
N THR A 31 -14.66 0.11 -3.29
CA THR A 31 -14.01 -0.92 -4.10
C THR A 31 -12.86 -1.58 -3.33
N LEU A 32 -12.16 -0.79 -2.52
CA LEU A 32 -11.04 -1.29 -1.74
C LEU A 32 -11.55 -2.17 -0.59
N GLN A 33 -12.71 -1.82 -0.05
CA GLN A 33 -13.30 -2.56 1.06
C GLN A 33 -13.59 -4.01 0.64
N GLU A 34 -13.72 -4.22 -0.66
CA GLU A 34 -14.00 -5.55 -1.19
C GLU A 34 -12.71 -6.34 -1.39
N VAL A 35 -11.66 -5.65 -1.84
CA VAL A 35 -10.37 -6.28 -2.08
C VAL A 35 -9.68 -6.61 -0.76
N PHE A 36 -9.80 -5.71 0.20
CA PHE A 36 -9.17 -5.90 1.51
C PHE A 36 -10.23 -6.09 2.59
N GLU A 37 -10.54 -7.34 2.91
CA GLU A 37 -11.54 -7.66 3.92
C GLU A 37 -10.91 -7.63 5.31
N LYS A 38 -9.58 -7.72 5.37
CA LYS A 38 -8.88 -7.69 6.64
C LYS A 38 -8.47 -6.27 7.02
N ALA A 39 -8.54 -5.37 6.05
CA ALA A 39 -8.20 -3.97 6.27
C ALA A 39 -9.10 -3.34 7.33
N THR A 40 -8.53 -3.00 8.47
CA THR A 40 -9.28 -2.39 9.56
C THR A 40 -9.71 -0.97 9.20
N PHE A 41 -9.04 -0.40 8.21
CA PHE A 41 -9.35 0.96 7.77
C PHE A 41 -8.76 1.24 6.39
N ILE A 42 -9.55 1.88 5.54
CA ILE A 42 -9.11 2.20 4.19
C ILE A 42 -9.27 3.69 3.90
N LYS A 43 -8.22 4.29 3.33
CA LYS A 43 -8.24 5.71 3.00
C LYS A 43 -7.87 5.94 1.54
N VAL A 44 -8.62 6.80 0.87
CA VAL A 44 -8.37 7.10 -0.54
C VAL A 44 -8.40 8.61 -0.79
N PRO A 45 -7.20 9.21 -0.88
CA PRO A 45 -7.05 10.66 -1.12
C PRO A 45 -7.48 11.05 -2.52
N GLN A 46 -8.56 11.82 -2.62
CA GLN A 46 -9.06 12.27 -3.91
C GLN A 46 -9.14 13.79 -3.97
N ASN A 47 -9.26 14.33 -5.18
CA ASN A 47 -9.34 15.77 -5.37
C ASN A 47 -10.75 16.29 -5.06
N GLN A 48 -10.86 17.59 -4.86
CA GLN A 48 -12.15 18.20 -4.55
C GLN A 48 -13.25 17.60 -5.40
N ASN A 49 -12.98 17.41 -6.68
CA ASN A 49 -13.95 16.83 -7.61
C ASN A 49 -14.24 15.37 -7.24
N GLY A 50 -13.23 14.67 -6.74
CA GLY A 50 -13.40 13.28 -6.37
C GLY A 50 -12.51 12.35 -7.15
N LYS A 51 -11.34 12.84 -7.55
CA LYS A 51 -10.39 12.05 -8.32
C LYS A 51 -9.24 11.58 -7.44
N SER A 52 -9.06 10.26 -7.36
CA SER A 52 -7.99 9.69 -6.55
C SER A 52 -6.63 10.16 -7.04
N LYS A 53 -5.87 10.77 -6.13
CA LYS A 53 -4.54 11.28 -6.47
C LYS A 53 -3.73 10.22 -7.21
N GLY A 54 -4.00 8.95 -6.91
CA GLY A 54 -3.29 7.86 -7.56
C GLY A 54 -2.76 6.85 -6.57
N TYR A 55 -3.02 7.08 -5.29
CA TYR A 55 -2.57 6.18 -4.24
C TYR A 55 -3.55 6.15 -3.07
N ALA A 56 -3.47 5.10 -2.26
CA ALA A 56 -4.36 4.94 -1.12
C ALA A 56 -3.59 4.46 0.11
N PHE A 57 -4.28 4.39 1.25
CA PHE A 57 -3.67 3.95 2.49
C PHE A 57 -4.53 2.90 3.18
N ILE A 58 -4.07 1.66 3.14
CA ILE A 58 -4.80 0.55 3.76
C ILE A 58 -4.25 0.25 5.14
N GLU A 59 -5.15 -0.05 6.07
CA GLU A 59 -4.76 -0.36 7.45
C GLU A 59 -5.29 -1.74 7.86
N PHE A 60 -4.44 -2.50 8.55
CA PHE A 60 -4.82 -3.83 9.01
C PHE A 60 -4.63 -3.96 10.52
N ALA A 61 -4.85 -5.17 11.03
CA ALA A 61 -4.70 -5.43 12.46
C ALA A 61 -3.24 -5.55 12.86
N SER A 62 -2.42 -6.00 11.91
CA SER A 62 -0.99 -6.17 12.16
C SER A 62 -0.26 -6.59 10.90
N PHE A 63 1.05 -6.79 11.00
CA PHE A 63 1.87 -7.18 9.86
C PHE A 63 1.41 -8.54 9.32
N GLU A 64 0.50 -9.19 10.05
CA GLU A 64 -0.01 -10.49 9.63
C GLU A 64 -1.07 -10.33 8.54
N ASP A 65 -2.19 -9.74 8.89
CA ASP A 65 -3.28 -9.54 7.94
C ASP A 65 -2.83 -8.63 6.80
N ALA A 66 -1.96 -7.67 7.11
CA ALA A 66 -1.45 -6.74 6.11
C ALA A 66 -0.69 -7.48 5.01
N LYS A 67 0.34 -8.22 5.42
CA LYS A 67 1.16 -8.97 4.48
C LYS A 67 0.34 -10.05 3.78
N GLU A 68 -0.77 -10.44 4.41
CA GLU A 68 -1.64 -11.46 3.85
C GLU A 68 -2.38 -10.93 2.63
N ALA A 69 -2.83 -9.69 2.71
CA ALA A 69 -3.56 -9.06 1.61
C ALA A 69 -2.60 -8.39 0.64
N LEU A 70 -1.40 -8.05 1.12
CA LEU A 70 -0.40 -7.40 0.30
C LEU A 70 0.30 -8.41 -0.61
N ASN A 71 0.26 -9.68 -0.22
CA ASN A 71 0.88 -10.74 -1.00
C ASN A 71 -0.01 -11.15 -2.17
N SER A 72 -1.33 -11.10 -1.95
CA SER A 72 -2.29 -11.47 -2.98
C SER A 72 -2.74 -10.25 -3.77
N CYS A 73 -3.45 -9.36 -3.11
CA CYS A 73 -3.96 -8.15 -3.75
C CYS A 73 -2.90 -7.55 -4.68
N ASN A 74 -1.63 -7.73 -4.31
CA ASN A 74 -0.53 -7.21 -5.11
C ASN A 74 -0.86 -7.26 -6.60
N LYS A 75 -0.75 -6.11 -7.27
CA LYS A 75 -1.04 -6.04 -8.70
C LYS A 75 -2.47 -6.49 -8.99
N ARG A 76 -3.43 -5.87 -8.32
CA ARG A 76 -4.84 -6.21 -8.52
C ARG A 76 -5.46 -5.35 -9.61
N GLU A 77 -6.04 -6.00 -10.61
CA GLU A 77 -6.67 -5.29 -11.72
C GLU A 77 -8.06 -4.80 -11.33
N ILE A 78 -8.15 -3.50 -11.02
CA ILE A 78 -9.43 -2.90 -10.64
C ILE A 78 -9.82 -1.80 -11.60
N GLU A 79 -11.08 -1.81 -12.03
CA GLU A 79 -11.59 -0.81 -12.95
C GLU A 79 -10.72 -0.73 -14.21
N GLY A 80 -10.07 -1.84 -14.53
CA GLY A 80 -9.22 -1.87 -15.71
C GLY A 80 -7.86 -1.23 -15.46
N ARG A 81 -7.47 -1.15 -14.19
CA ARG A 81 -6.20 -0.54 -13.84
C ARG A 81 -5.51 -1.35 -12.74
N ALA A 82 -4.34 -1.91 -13.07
CA ALA A 82 -3.58 -2.71 -12.12
C ALA A 82 -3.12 -1.86 -10.94
N ILE A 83 -3.39 -2.34 -9.73
CA ILE A 83 -3.00 -1.63 -8.52
C ILE A 83 -1.90 -2.38 -7.77
N ARG A 84 -0.91 -1.63 -7.29
CA ARG A 84 0.19 -2.22 -6.55
C ARG A 84 0.16 -1.79 -5.08
N LEU A 85 0.71 -2.64 -4.22
CA LEU A 85 0.75 -2.36 -2.79
C LEU A 85 2.17 -2.45 -2.24
N GLU A 86 2.54 -1.49 -1.40
CA GLU A 86 3.88 -1.47 -0.81
C GLU A 86 3.81 -1.08 0.65
N LEU A 87 4.49 -1.84 1.49
CA LEU A 87 4.52 -1.57 2.92
C LEU A 87 5.11 -0.19 3.21
N GLN A 88 4.40 0.60 4.00
CA GLN A 88 4.85 1.94 4.34
C GLN A 88 5.99 1.89 5.35
N GLY A 89 7.03 2.68 5.10
CA GLY A 89 8.18 2.69 5.99
C GLY A 89 9.31 3.55 5.46
N PRO A 90 10.38 3.69 6.27
CA PRO A 90 11.55 4.49 5.89
C PRO A 90 12.36 3.85 4.77
N ARG A 91 12.55 4.58 3.68
CA ARG A 91 13.31 4.08 2.53
C ARG A 91 14.69 3.61 2.97
N GLY A 92 15.41 4.49 3.67
CA GLY A 92 16.75 4.14 4.12
C GLY A 92 17.78 5.19 3.74
N SER A 93 18.22 5.97 4.72
CA SER A 93 19.21 7.01 4.49
C SER A 93 20.50 6.43 3.93
N PRO A 94 21.15 7.17 3.02
CA PRO A 94 22.40 6.75 2.39
C PRO A 94 23.57 6.75 3.37
N ASN A 95 24.26 5.62 3.46
CA ASN A 95 25.40 5.49 4.36
C ASN A 95 26.32 6.70 4.24
N SER A 96 26.91 7.10 5.36
CA SER A 96 27.81 8.24 5.38
C SER A 96 29.26 7.79 5.37
N GLY A 97 30.02 8.26 4.38
CA GLY A 97 31.42 7.89 4.26
C GLY A 97 31.75 7.32 2.90
N PRO A 98 31.30 6.08 2.65
CA PRO A 98 31.55 5.38 1.38
C PRO A 98 30.78 6.01 0.22
N SER A 99 29.88 6.94 0.54
CA SER A 99 29.07 7.60 -0.47
C SER A 99 29.57 9.04 -0.69
N SER A 100 29.84 9.37 -1.95
CA SER A 100 30.32 10.70 -2.30
C SER A 100 29.21 11.52 -2.96
N GLY A 101 29.13 12.80 -2.59
CA GLY A 101 28.11 13.67 -3.15
C GLY A 101 27.72 14.78 -2.21
N GLY A 1 16.59 -8.77 -21.36
CA GLY A 1 15.22 -8.90 -20.91
C GLY A 1 14.96 -8.20 -19.60
N SER A 2 14.39 -8.91 -18.63
CA SER A 2 14.10 -8.33 -17.33
C SER A 2 14.86 -9.07 -16.22
N SER A 3 15.35 -8.30 -15.25
CA SER A 3 16.11 -8.87 -14.14
C SER A 3 15.23 -9.00 -12.90
N GLY A 4 14.73 -10.22 -12.66
CA GLY A 4 13.88 -10.46 -11.51
C GLY A 4 14.67 -10.59 -10.23
N SER A 5 14.20 -9.92 -9.18
CA SER A 5 14.88 -9.95 -7.89
C SER A 5 14.07 -10.76 -6.88
N SER A 6 14.70 -11.79 -6.31
CA SER A 6 14.04 -12.65 -5.34
C SER A 6 14.21 -12.09 -3.92
N GLY A 7 14.08 -10.77 -3.80
CA GLY A 7 14.22 -10.14 -2.50
C GLY A 7 15.36 -10.71 -1.69
N ASN A 8 16.59 -10.49 -2.16
CA ASN A 8 17.77 -11.00 -1.47
C ASN A 8 18.22 -10.04 -0.38
N SER A 9 17.25 -9.44 0.32
CA SER A 9 17.55 -8.49 1.38
C SER A 9 16.47 -8.55 2.47
N THR A 10 16.83 -9.14 3.61
CA THR A 10 15.90 -9.26 4.72
C THR A 10 15.20 -7.93 5.01
N TRP A 11 13.93 -8.01 5.40
CA TRP A 11 13.15 -6.82 5.69
C TRP A 11 12.57 -6.89 7.10
N SER A 12 13.02 -5.98 7.97
CA SER A 12 12.53 -5.94 9.35
C SER A 12 11.74 -4.67 9.61
N GLY A 13 10.85 -4.34 8.68
CA GLY A 13 10.03 -3.14 8.83
C GLY A 13 8.55 -3.46 8.95
N GLU A 14 8.23 -4.46 9.75
CA GLU A 14 6.84 -4.87 9.94
C GLU A 14 5.91 -3.66 9.89
N SER A 15 5.05 -3.63 8.88
CA SER A 15 4.11 -2.53 8.71
C SER A 15 2.71 -3.06 8.41
N LYS A 16 1.75 -2.64 9.23
CA LYS A 16 0.36 -3.07 9.06
C LYS A 16 -0.35 -2.20 8.01
N THR A 17 0.23 -1.04 7.72
CA THR A 17 -0.34 -0.13 6.74
C THR A 17 0.23 -0.38 5.35
N LEU A 18 -0.65 -0.63 4.39
CA LEU A 18 -0.22 -0.87 3.01
C LEU A 18 -0.44 0.35 2.14
N VAL A 19 0.46 0.56 1.17
CA VAL A 19 0.36 1.70 0.27
C VAL A 19 0.00 1.26 -1.14
N LEU A 20 -1.16 1.71 -1.62
CA LEU A 20 -1.62 1.35 -2.96
C LEU A 20 -1.19 2.40 -3.97
N SER A 21 -0.68 1.94 -5.11
CA SER A 21 -0.23 2.84 -6.16
C SER A 21 -0.96 2.56 -7.47
N ASN A 22 -1.21 3.61 -8.24
CA ASN A 22 -1.91 3.48 -9.52
C ASN A 22 -3.40 3.23 -9.30
N LEU A 23 -3.97 3.94 -8.33
CA LEU A 23 -5.40 3.81 -8.02
C LEU A 23 -6.25 4.60 -9.01
N SER A 24 -7.22 3.92 -9.62
CA SER A 24 -8.11 4.56 -10.59
C SER A 24 -9.06 5.52 -9.90
N TYR A 25 -9.21 6.71 -10.46
CA TYR A 25 -10.09 7.72 -9.89
C TYR A 25 -11.49 7.16 -9.66
N SER A 26 -11.95 6.35 -10.60
CA SER A 26 -13.27 5.75 -10.51
C SER A 26 -13.36 4.82 -9.30
N ALA A 27 -12.20 4.39 -8.81
CA ALA A 27 -12.16 3.50 -7.65
C ALA A 27 -12.28 4.29 -6.35
N THR A 28 -13.10 3.77 -5.43
CA THR A 28 -13.31 4.43 -4.14
C THR A 28 -13.23 3.42 -3.00
N GLU A 29 -13.16 3.93 -1.77
CA GLU A 29 -13.08 3.08 -0.60
C GLU A 29 -14.08 1.93 -0.69
N GLU A 30 -15.15 2.15 -1.44
CA GLU A 30 -16.18 1.12 -1.61
C GLU A 30 -15.62 -0.09 -2.35
N THR A 31 -14.83 0.17 -3.39
CA THR A 31 -14.24 -0.91 -4.18
C THR A 31 -13.11 -1.59 -3.42
N LEU A 32 -12.35 -0.80 -2.66
CA LEU A 32 -11.23 -1.33 -1.89
C LEU A 32 -11.72 -2.25 -0.78
N GLN A 33 -12.77 -1.81 -0.08
CA GLN A 33 -13.33 -2.61 1.01
C GLN A 33 -13.65 -4.02 0.54
N GLU A 34 -13.80 -4.19 -0.77
CA GLU A 34 -14.12 -5.50 -1.34
C GLU A 34 -12.84 -6.32 -1.54
N VAL A 35 -11.79 -5.67 -2.01
CA VAL A 35 -10.51 -6.33 -2.24
C VAL A 35 -9.86 -6.74 -0.92
N PHE A 36 -9.86 -5.82 0.04
CA PHE A 36 -9.26 -6.08 1.34
C PHE A 36 -10.35 -6.27 2.41
N GLU A 37 -10.56 -7.52 2.82
CA GLU A 37 -11.57 -7.83 3.83
C GLU A 37 -10.99 -7.69 5.23
N LYS A 38 -9.68 -7.83 5.34
CA LYS A 38 -9.00 -7.73 6.63
C LYS A 38 -8.66 -6.27 6.95
N ALA A 39 -8.65 -5.44 5.91
CA ALA A 39 -8.35 -4.02 6.08
C ALA A 39 -9.28 -3.38 7.10
N THR A 40 -8.74 -3.06 8.28
CA THR A 40 -9.52 -2.44 9.34
C THR A 40 -9.94 -1.03 8.97
N PHE A 41 -9.27 -0.47 7.97
CA PHE A 41 -9.57 0.89 7.51
C PHE A 41 -8.94 1.16 6.15
N ILE A 42 -9.68 1.83 5.28
CA ILE A 42 -9.21 2.15 3.94
C ILE A 42 -9.34 3.65 3.65
N LYS A 43 -8.28 4.25 3.14
CA LYS A 43 -8.28 5.67 2.81
C LYS A 43 -7.83 5.89 1.39
N VAL A 44 -8.57 6.73 0.66
CA VAL A 44 -8.25 7.03 -0.74
C VAL A 44 -8.28 8.53 -0.99
N PRO A 45 -7.08 9.15 -1.02
CA PRO A 45 -6.96 10.59 -1.25
C PRO A 45 -7.31 10.98 -2.69
N GLN A 46 -8.07 12.06 -2.83
CA GLN A 46 -8.48 12.54 -4.15
C GLN A 46 -8.08 13.99 -4.35
N ASN A 47 -8.22 14.48 -5.58
CA ASN A 47 -7.87 15.85 -5.90
C ASN A 47 -9.00 16.80 -5.53
N GLN A 48 -8.75 18.10 -5.68
CA GLN A 48 -9.74 19.11 -5.36
C GLN A 48 -11.08 18.79 -6.02
N ASN A 49 -11.02 18.25 -7.23
CA ASN A 49 -12.23 17.90 -7.97
C ASN A 49 -12.88 16.65 -7.38
N GLY A 50 -12.16 15.53 -7.43
CA GLY A 50 -12.69 14.29 -6.89
C GLY A 50 -12.08 13.07 -7.56
N LYS A 51 -10.80 13.16 -7.90
CA LYS A 51 -10.11 12.05 -8.55
C LYS A 51 -8.95 11.54 -7.69
N SER A 52 -8.94 10.24 -7.42
CA SER A 52 -7.90 9.63 -6.62
C SER A 52 -6.52 10.09 -7.07
N LYS A 53 -5.82 10.81 -6.19
CA LYS A 53 -4.49 11.31 -6.51
C LYS A 53 -3.69 10.27 -7.28
N GLY A 54 -3.93 8.99 -6.97
CA GLY A 54 -3.22 7.92 -7.65
C GLY A 54 -2.72 6.86 -6.69
N TYR A 55 -3.03 7.03 -5.41
CA TYR A 55 -2.61 6.09 -4.38
C TYR A 55 -3.64 6.00 -3.26
N ALA A 56 -3.45 5.03 -2.38
CA ALA A 56 -4.37 4.83 -1.26
C ALA A 56 -3.65 4.24 -0.05
N PHE A 57 -4.19 4.48 1.14
CA PHE A 57 -3.60 3.97 2.37
C PHE A 57 -4.50 2.93 3.01
N ILE A 58 -4.03 1.69 3.06
CA ILE A 58 -4.79 0.60 3.65
C ILE A 58 -4.31 0.29 5.06
N GLU A 59 -5.25 0.00 5.95
CA GLU A 59 -4.92 -0.31 7.34
C GLU A 59 -5.44 -1.69 7.73
N PHE A 60 -4.61 -2.46 8.43
CA PHE A 60 -4.98 -3.80 8.87
C PHE A 60 -4.76 -3.96 10.36
N ALA A 61 -5.01 -5.17 10.85
CA ALA A 61 -4.84 -5.47 12.28
C ALA A 61 -3.37 -5.44 12.67
N SER A 62 -2.51 -5.87 11.77
CA SER A 62 -1.07 -5.91 12.02
C SER A 62 -0.30 -6.27 10.75
N PHE A 63 1.02 -6.17 10.83
CA PHE A 63 1.88 -6.49 9.69
C PHE A 63 1.48 -7.83 9.07
N GLU A 64 0.84 -8.68 9.87
CA GLU A 64 0.41 -9.99 9.41
C GLU A 64 -0.62 -9.87 8.29
N ASP A 65 -1.83 -9.45 8.67
CA ASP A 65 -2.91 -9.30 7.70
C ASP A 65 -2.46 -8.47 6.50
N ALA A 66 -1.88 -7.31 6.78
CA ALA A 66 -1.39 -6.43 5.72
C ALA A 66 -0.57 -7.21 4.70
N LYS A 67 0.31 -8.08 5.19
CA LYS A 67 1.16 -8.88 4.31
C LYS A 67 0.33 -9.92 3.56
N GLU A 68 -0.67 -10.48 4.24
CA GLU A 68 -1.53 -11.49 3.64
C GLU A 68 -2.21 -10.95 2.38
N ALA A 69 -2.69 -9.71 2.46
CA ALA A 69 -3.35 -9.08 1.34
C ALA A 69 -2.35 -8.46 0.38
N LEU A 70 -1.24 -7.96 0.93
CA LEU A 70 -0.21 -7.35 0.11
C LEU A 70 0.43 -8.37 -0.82
N ASN A 71 0.40 -9.63 -0.42
CA ASN A 71 0.98 -10.71 -1.21
C ASN A 71 -0.02 -11.20 -2.26
N SER A 72 -1.30 -11.12 -1.92
CA SER A 72 -2.36 -11.56 -2.84
C SER A 72 -2.86 -10.40 -3.69
N CYS A 73 -3.52 -9.44 -3.05
CA CYS A 73 -4.05 -8.27 -3.74
C CYS A 73 -2.99 -7.67 -4.68
N ASN A 74 -1.73 -7.90 -4.36
CA ASN A 74 -0.63 -7.38 -5.17
C ASN A 74 -1.01 -7.36 -6.65
N LYS A 75 -0.90 -6.19 -7.26
CA LYS A 75 -1.23 -6.04 -8.68
C LYS A 75 -2.68 -6.44 -8.94
N ARG A 76 -3.59 -5.84 -8.19
CA ARG A 76 -5.02 -6.14 -8.35
C ARG A 76 -5.64 -5.23 -9.41
N GLU A 77 -6.14 -5.85 -10.48
CA GLU A 77 -6.76 -5.10 -11.56
C GLU A 77 -8.10 -4.52 -11.13
N ILE A 78 -8.12 -3.21 -10.91
CA ILE A 78 -9.34 -2.53 -10.48
C ILE A 78 -9.74 -1.44 -11.47
N GLU A 79 -10.96 -1.53 -11.98
CA GLU A 79 -11.45 -0.55 -12.95
C GLU A 79 -10.58 -0.52 -14.20
N GLY A 80 -10.01 -1.67 -14.54
CA GLY A 80 -9.15 -1.75 -15.71
C GLY A 80 -7.79 -1.15 -15.46
N ARG A 81 -7.38 -1.09 -14.20
CA ARG A 81 -6.09 -0.54 -13.83
C ARG A 81 -5.44 -1.35 -12.72
N ALA A 82 -4.28 -1.93 -13.03
CA ALA A 82 -3.55 -2.73 -12.05
C ALA A 82 -3.11 -1.89 -10.86
N ILE A 83 -3.39 -2.37 -9.66
CA ILE A 83 -3.02 -1.67 -8.44
C ILE A 83 -1.95 -2.43 -7.67
N ARG A 84 -0.86 -1.74 -7.34
CA ARG A 84 0.24 -2.35 -6.59
C ARG A 84 0.21 -1.93 -5.12
N LEU A 85 0.68 -2.80 -4.25
CA LEU A 85 0.71 -2.52 -2.82
C LEU A 85 2.13 -2.64 -2.26
N GLU A 86 2.49 -1.70 -1.40
CA GLU A 86 3.81 -1.70 -0.79
C GLU A 86 3.75 -1.26 0.66
N LEU A 87 4.46 -1.99 1.52
CA LEU A 87 4.48 -1.68 2.95
C LEU A 87 5.03 -0.28 3.19
N GLN A 88 4.30 0.51 3.97
CA GLN A 88 4.71 1.88 4.29
C GLN A 88 5.78 1.87 5.37
N GLY A 89 6.85 2.64 5.14
CA GLY A 89 7.92 2.71 6.12
C GLY A 89 9.07 3.57 5.64
N PRO A 90 10.01 3.90 6.55
CA PRO A 90 11.18 4.72 6.24
C PRO A 90 12.17 4.00 5.34
N ARG A 91 12.38 4.55 4.14
CA ARG A 91 13.30 3.95 3.19
C ARG A 91 14.69 4.60 3.30
N GLY A 92 15.73 3.78 3.27
CA GLY A 92 17.08 4.29 3.36
C GLY A 92 17.31 5.11 4.62
N SER A 93 17.50 4.42 5.75
CA SER A 93 17.72 5.10 7.02
C SER A 93 19.17 4.97 7.46
N PRO A 94 19.74 6.09 7.94
CA PRO A 94 21.13 6.13 8.40
C PRO A 94 21.34 5.34 9.69
N ASN A 95 22.48 4.66 9.79
CA ASN A 95 22.80 3.87 10.98
C ASN A 95 24.28 4.00 11.33
N SER A 96 24.56 4.54 12.51
CA SER A 96 25.93 4.71 12.97
C SER A 96 26.47 3.42 13.56
N GLY A 97 27.56 2.92 12.99
CA GLY A 97 28.17 1.69 13.47
C GLY A 97 28.59 1.79 14.92
N PRO A 98 28.94 0.64 15.52
CA PRO A 98 29.37 0.57 16.92
C PRO A 98 30.73 1.20 17.14
N SER A 99 30.73 2.48 17.52
CA SER A 99 31.97 3.21 17.76
C SER A 99 33.01 2.86 16.70
N SER A 100 32.59 2.80 15.45
CA SER A 100 33.48 2.48 14.34
C SER A 100 33.39 3.54 13.25
N GLY A 101 34.54 4.11 12.89
CA GLY A 101 34.58 5.13 11.86
C GLY A 101 35.62 6.19 12.13
N GLY A 1 16.93 -22.22 -16.50
CA GLY A 1 16.29 -21.07 -17.12
C GLY A 1 15.98 -19.98 -16.12
N SER A 2 16.99 -19.17 -15.79
CA SER A 2 16.81 -18.09 -14.83
C SER A 2 17.72 -16.91 -15.17
N SER A 3 17.39 -15.74 -14.63
CA SER A 3 18.17 -14.53 -14.88
C SER A 3 18.47 -13.80 -13.58
N GLY A 4 18.82 -14.56 -12.55
CA GLY A 4 19.14 -13.96 -11.26
C GLY A 4 17.97 -13.16 -10.70
N SER A 5 18.27 -12.31 -9.72
CA SER A 5 17.24 -11.49 -9.09
C SER A 5 17.71 -10.04 -8.95
N SER A 6 16.81 -9.11 -9.22
CA SER A 6 17.13 -7.69 -9.13
C SER A 6 16.30 -7.02 -8.04
N GLY A 7 16.75 -5.85 -7.60
CA GLY A 7 16.04 -5.11 -6.58
C GLY A 7 16.90 -4.85 -5.35
N ASN A 8 17.32 -3.60 -5.18
CA ASN A 8 18.16 -3.22 -4.05
C ASN A 8 17.32 -2.63 -2.93
N SER A 9 16.88 -3.49 -2.01
CA SER A 9 16.05 -3.04 -0.88
C SER A 9 16.36 -3.87 0.36
N THR A 10 16.51 -3.19 1.50
CA THR A 10 16.80 -3.86 2.76
C THR A 10 15.71 -3.60 3.79
N TRP A 11 14.46 -3.66 3.34
CA TRP A 11 13.31 -3.42 4.22
C TRP A 11 13.30 -4.43 5.37
N SER A 12 12.93 -5.67 5.04
CA SER A 12 12.86 -6.73 6.05
C SER A 12 12.32 -6.19 7.37
N GLY A 13 11.34 -5.31 7.29
CA GLY A 13 10.76 -4.74 8.50
C GLY A 13 9.37 -5.26 8.78
N GLU A 14 8.56 -4.46 9.48
CA GLU A 14 7.20 -4.85 9.81
C GLU A 14 6.25 -3.66 9.72
N SER A 15 5.27 -3.76 8.82
CA SER A 15 4.30 -2.70 8.62
C SER A 15 2.92 -3.27 8.29
N LYS A 16 1.90 -2.79 9.00
CA LYS A 16 0.53 -3.25 8.77
C LYS A 16 -0.18 -2.33 7.79
N THR A 17 0.43 -1.20 7.48
CA THR A 17 -0.17 -0.24 6.55
C THR A 17 0.33 -0.48 5.13
N LEU A 18 -0.61 -0.69 4.21
CA LEU A 18 -0.27 -0.93 2.81
C LEU A 18 -0.52 0.32 1.97
N VAL A 19 0.41 0.61 1.07
CA VAL A 19 0.28 1.77 0.20
C VAL A 19 -0.11 1.36 -1.21
N LEU A 20 -1.30 1.80 -1.64
CA LEU A 20 -1.80 1.47 -2.97
C LEU A 20 -1.31 2.49 -4.00
N SER A 21 -0.98 2.01 -5.19
CA SER A 21 -0.50 2.87 -6.26
C SER A 21 -1.24 2.60 -7.56
N ASN A 22 -1.53 3.66 -8.31
CA ASN A 22 -2.23 3.52 -9.57
C ASN A 22 -3.71 3.25 -9.35
N LEU A 23 -4.32 4.01 -8.44
CA LEU A 23 -5.73 3.85 -8.13
C LEU A 23 -6.60 4.66 -9.09
N SER A 24 -7.58 3.99 -9.70
CA SER A 24 -8.47 4.65 -10.64
C SER A 24 -9.46 5.57 -9.92
N TYR A 25 -9.70 6.73 -10.50
CA TYR A 25 -10.63 7.69 -9.90
C TYR A 25 -12.00 7.07 -9.66
N SER A 26 -12.40 6.17 -10.56
CA SER A 26 -13.69 5.51 -10.44
C SER A 26 -13.71 4.57 -9.24
N ALA A 27 -12.52 4.25 -8.73
CA ALA A 27 -12.39 3.37 -7.58
C ALA A 27 -12.34 4.16 -6.27
N THR A 28 -13.13 3.74 -5.29
CA THR A 28 -13.16 4.42 -4.00
C THR A 28 -13.16 3.41 -2.86
N GLU A 29 -13.03 3.92 -1.63
CA GLU A 29 -13.01 3.06 -0.46
C GLU A 29 -13.97 1.90 -0.61
N GLU A 30 -15.04 2.11 -1.37
CA GLU A 30 -16.04 1.07 -1.61
C GLU A 30 -15.44 -0.10 -2.37
N THR A 31 -14.72 0.20 -3.45
CA THR A 31 -14.10 -0.83 -4.26
C THR A 31 -12.95 -1.51 -3.51
N LEU A 32 -12.28 -0.74 -2.67
CA LEU A 32 -11.16 -1.27 -1.89
C LEU A 32 -11.66 -2.20 -0.79
N GLN A 33 -12.74 -1.80 -0.13
CA GLN A 33 -13.33 -2.59 0.94
C GLN A 33 -13.68 -4.00 0.46
N GLU A 34 -13.73 -4.16 -0.86
CA GLU A 34 -14.07 -5.45 -1.46
C GLU A 34 -12.81 -6.29 -1.67
N VAL A 35 -11.71 -5.62 -2.01
CA VAL A 35 -10.45 -6.31 -2.23
C VAL A 35 -9.76 -6.65 -0.91
N PHE A 36 -9.89 -5.77 0.06
CA PHE A 36 -9.28 -5.98 1.37
C PHE A 36 -10.36 -6.16 2.44
N GLU A 37 -10.58 -7.41 2.83
CA GLU A 37 -11.59 -7.72 3.85
C GLU A 37 -11.00 -7.59 5.25
N LYS A 38 -9.70 -7.85 5.37
CA LYS A 38 -9.01 -7.77 6.65
C LYS A 38 -8.66 -6.32 6.98
N ALA A 39 -8.62 -5.48 5.95
CA ALA A 39 -8.29 -4.07 6.13
C ALA A 39 -9.16 -3.44 7.21
N THR A 40 -8.55 -3.15 8.36
CA THR A 40 -9.27 -2.55 9.47
C THR A 40 -9.71 -1.13 9.14
N PHE A 41 -9.05 -0.52 8.15
CA PHE A 41 -9.37 0.84 7.73
C PHE A 41 -8.79 1.13 6.35
N ILE A 42 -9.55 1.89 5.55
CA ILE A 42 -9.12 2.23 4.21
C ILE A 42 -9.28 3.73 3.95
N LYS A 43 -8.22 4.36 3.46
CA LYS A 43 -8.26 5.79 3.17
C LYS A 43 -7.83 6.06 1.72
N VAL A 44 -8.62 6.87 1.02
CA VAL A 44 -8.33 7.21 -0.35
C VAL A 44 -8.47 8.71 -0.60
N PRO A 45 -7.33 9.42 -0.62
CA PRO A 45 -7.30 10.87 -0.85
C PRO A 45 -7.68 11.24 -2.28
N GLN A 46 -8.60 12.19 -2.41
CA GLN A 46 -9.05 12.64 -3.72
C GLN A 46 -8.84 14.15 -3.89
N ASN A 47 -9.27 14.68 -5.02
CA ASN A 47 -9.13 16.10 -5.30
C ASN A 47 -10.42 16.85 -4.98
N GLN A 48 -10.37 18.17 -5.09
CA GLN A 48 -11.54 19.01 -4.80
C GLN A 48 -12.77 18.49 -5.52
N ASN A 49 -12.56 17.86 -6.67
CA ASN A 49 -13.66 17.30 -7.46
C ASN A 49 -14.09 15.95 -6.91
N GLY A 50 -13.14 15.03 -6.77
CA GLY A 50 -13.44 13.71 -6.25
C GLY A 50 -12.69 12.63 -6.99
N LYS A 51 -11.49 12.94 -7.46
CA LYS A 51 -10.66 11.98 -8.18
C LYS A 51 -9.52 11.46 -7.30
N SER A 52 -9.34 10.15 -7.30
CA SER A 52 -8.29 9.53 -6.49
C SER A 52 -6.91 9.97 -6.96
N LYS A 53 -6.22 10.71 -6.11
CA LYS A 53 -4.88 11.20 -6.43
C LYS A 53 -4.09 10.14 -7.20
N GLY A 54 -4.37 8.88 -6.93
CA GLY A 54 -3.68 7.80 -7.60
C GLY A 54 -3.10 6.79 -6.63
N TYR A 55 -3.40 6.97 -5.35
CA TYR A 55 -2.90 6.07 -4.31
C TYR A 55 -3.91 5.92 -3.18
N ALA A 56 -3.59 5.04 -2.24
CA ALA A 56 -4.47 4.81 -1.08
C ALA A 56 -3.70 4.26 0.11
N PHE A 57 -4.25 4.42 1.29
CA PHE A 57 -3.62 3.96 2.52
C PHE A 57 -4.47 2.89 3.21
N ILE A 58 -4.07 1.63 3.06
CA ILE A 58 -4.79 0.53 3.66
C ILE A 58 -4.24 0.19 5.04
N GLU A 59 -5.14 -0.12 5.97
CA GLU A 59 -4.75 -0.44 7.34
C GLU A 59 -5.25 -1.84 7.73
N PHE A 60 -4.43 -2.57 8.47
CA PHE A 60 -4.80 -3.91 8.91
C PHE A 60 -4.52 -4.08 10.40
N ALA A 61 -4.84 -5.27 10.92
CA ALA A 61 -4.63 -5.56 12.33
C ALA A 61 -3.15 -5.53 12.69
N SER A 62 -2.30 -5.94 11.74
CA SER A 62 -0.86 -5.95 11.96
C SER A 62 -0.12 -6.30 10.67
N PHE A 63 1.20 -6.28 10.74
CA PHE A 63 2.02 -6.59 9.57
C PHE A 63 1.59 -7.91 8.93
N GLU A 64 0.89 -8.74 9.71
CA GLU A 64 0.41 -10.03 9.21
C GLU A 64 -0.75 -9.84 8.25
N ASP A 65 -1.92 -9.49 8.79
CA ASP A 65 -3.10 -9.29 7.98
C ASP A 65 -2.78 -8.48 6.73
N ALA A 66 -1.96 -7.45 6.89
CA ALA A 66 -1.58 -6.60 5.76
C ALA A 66 -0.79 -7.40 4.72
N LYS A 67 0.20 -8.14 5.18
CA LYS A 67 1.03 -8.95 4.28
C LYS A 67 0.18 -10.00 3.57
N GLU A 68 -0.90 -10.43 4.22
CA GLU A 68 -1.80 -11.43 3.65
C GLU A 68 -2.46 -10.90 2.37
N ALA A 69 -2.87 -9.64 2.42
CA ALA A 69 -3.52 -9.01 1.26
C ALA A 69 -2.49 -8.43 0.30
N LEU A 70 -1.37 -7.98 0.85
CA LEU A 70 -0.30 -7.40 0.04
C LEU A 70 0.36 -8.46 -0.84
N ASN A 71 0.26 -9.72 -0.42
CA ASN A 71 0.84 -10.82 -1.17
C ASN A 71 -0.06 -11.22 -2.35
N SER A 72 -1.36 -11.10 -2.14
CA SER A 72 -2.34 -11.44 -3.17
C SER A 72 -2.78 -10.20 -3.93
N CYS A 73 -3.48 -9.30 -3.24
CA CYS A 73 -3.97 -8.08 -3.85
C CYS A 73 -2.91 -7.45 -4.75
N ASN A 74 -1.65 -7.72 -4.43
CA ASN A 74 -0.53 -7.18 -5.21
C ASN A 74 -0.90 -7.09 -6.69
N LYS A 75 -0.82 -5.89 -7.24
CA LYS A 75 -1.14 -5.67 -8.65
C LYS A 75 -2.55 -6.15 -8.97
N ARG A 76 -3.52 -5.70 -8.19
CA ARG A 76 -4.92 -6.10 -8.39
C ARG A 76 -5.56 -5.26 -9.50
N GLU A 77 -6.10 -5.94 -10.49
CA GLU A 77 -6.75 -5.26 -11.62
C GLU A 77 -8.09 -4.65 -11.18
N ILE A 78 -8.09 -3.34 -10.98
CA ILE A 78 -9.30 -2.64 -10.56
C ILE A 78 -9.61 -1.47 -11.49
N GLU A 79 -10.84 -1.43 -12.00
CA GLU A 79 -11.26 -0.36 -12.90
C GLU A 79 -10.42 -0.38 -14.18
N GLY A 80 -10.06 -1.57 -14.63
CA GLY A 80 -9.26 -1.71 -15.84
C GLY A 80 -7.81 -1.30 -15.62
N ARG A 81 -7.48 -0.93 -14.39
CA ARG A 81 -6.12 -0.50 -14.07
C ARG A 81 -5.56 -1.33 -12.91
N ALA A 82 -4.36 -1.84 -13.08
CA ALA A 82 -3.71 -2.64 -12.05
C ALA A 82 -3.26 -1.78 -10.88
N ILE A 83 -3.51 -2.25 -9.67
CA ILE A 83 -3.13 -1.53 -8.46
C ILE A 83 -2.04 -2.26 -7.69
N ARG A 84 -0.94 -1.57 -7.43
CA ARG A 84 0.18 -2.15 -6.70
C ARG A 84 0.15 -1.73 -5.24
N LEU A 85 0.63 -2.61 -4.36
CA LEU A 85 0.66 -2.33 -2.93
C LEU A 85 2.09 -2.39 -2.40
N GLU A 86 2.42 -1.49 -1.48
CA GLU A 86 3.75 -1.44 -0.88
C GLU A 86 3.68 -1.00 0.57
N LEU A 87 4.35 -1.74 1.44
CA LEU A 87 4.36 -1.44 2.87
C LEU A 87 4.96 -0.06 3.12
N GLN A 88 4.28 0.75 3.92
CA GLN A 88 4.75 2.08 4.25
C GLN A 88 5.89 2.03 5.27
N GLY A 89 6.74 3.05 5.24
CA GLY A 89 7.86 3.11 6.17
C GLY A 89 8.83 4.23 5.84
N PRO A 90 9.61 4.65 6.85
CA PRO A 90 10.59 5.72 6.69
C PRO A 90 11.77 5.30 5.82
N ARG A 91 12.39 6.28 5.17
CA ARG A 91 13.53 6.01 4.30
C ARG A 91 14.78 6.72 4.81
N GLY A 92 14.64 7.44 5.92
CA GLY A 92 15.76 8.16 6.49
C GLY A 92 16.20 9.32 5.64
N SER A 93 17.23 10.04 6.08
CA SER A 93 17.74 11.19 5.35
C SER A 93 19.00 11.74 6.02
N PRO A 94 19.91 12.30 5.21
CA PRO A 94 21.16 12.88 5.70
C PRO A 94 20.94 14.17 6.50
N ASN A 95 21.61 14.27 7.63
CA ASN A 95 21.49 15.44 8.50
C ASN A 95 22.86 15.89 8.99
N SER A 96 23.21 17.14 8.69
CA SER A 96 24.48 17.70 9.11
C SER A 96 24.49 18.01 10.60
N GLY A 97 25.42 17.41 11.33
CA GLY A 97 25.51 17.64 12.76
C GLY A 97 24.27 17.18 13.49
N PRO A 98 24.45 16.69 14.72
CA PRO A 98 23.34 16.21 15.56
C PRO A 98 22.45 17.35 16.05
N SER A 99 23.08 18.46 16.44
CA SER A 99 22.33 19.62 16.92
C SER A 99 22.70 20.86 16.12
N SER A 100 21.68 21.51 15.56
CA SER A 100 21.88 22.71 14.76
C SER A 100 21.21 23.92 15.42
N GLY A 101 21.87 25.06 15.35
CA GLY A 101 21.33 26.27 15.94
C GLY A 101 21.93 26.59 17.30
N GLY A 1 7.20 -10.78 -18.82
CA GLY A 1 8.08 -10.04 -17.92
C GLY A 1 8.33 -8.63 -18.41
N SER A 2 9.15 -7.89 -17.66
CA SER A 2 9.47 -6.51 -18.02
C SER A 2 10.97 -6.27 -17.91
N SER A 3 11.39 -5.06 -18.27
CA SER A 3 12.80 -4.69 -18.22
C SER A 3 13.13 -3.97 -16.91
N GLY A 4 12.45 -2.86 -16.68
CA GLY A 4 12.68 -2.09 -15.46
C GLY A 4 11.66 -2.40 -14.38
N SER A 5 10.38 -2.26 -14.72
CA SER A 5 9.31 -2.51 -13.76
C SER A 5 9.67 -3.69 -12.85
N SER A 6 9.77 -3.41 -11.56
CA SER A 6 10.11 -4.44 -10.58
C SER A 6 9.27 -4.28 -9.31
N GLY A 7 8.75 -5.40 -8.80
CA GLY A 7 7.95 -5.36 -7.60
C GLY A 7 8.35 -6.43 -6.60
N ASN A 8 8.54 -6.03 -5.36
CA ASN A 8 8.94 -6.97 -4.30
C ASN A 8 7.92 -6.95 -3.16
N SER A 9 7.26 -8.08 -2.94
CA SER A 9 6.26 -8.20 -1.88
C SER A 9 6.84 -8.91 -0.67
N THR A 10 8.17 -8.81 -0.50
CA THR A 10 8.84 -9.44 0.62
C THR A 10 9.87 -8.50 1.24
N TRP A 11 9.59 -8.06 2.47
CA TRP A 11 10.49 -7.15 3.17
C TRP A 11 10.76 -7.66 4.59
N SER A 12 11.73 -7.04 5.26
CA SER A 12 12.09 -7.42 6.61
C SER A 12 11.55 -6.41 7.64
N GLY A 13 10.49 -6.80 8.33
CA GLY A 13 9.89 -5.92 9.32
C GLY A 13 8.40 -6.14 9.48
N GLU A 14 7.72 -5.18 10.07
CA GLU A 14 6.28 -5.28 10.29
C GLU A 14 5.59 -3.95 9.98
N SER A 15 4.52 -4.01 9.18
CA SER A 15 3.78 -2.81 8.82
C SER A 15 2.35 -3.17 8.39
N LYS A 16 1.40 -2.89 9.26
CA LYS A 16 0.00 -3.17 8.98
C LYS A 16 -0.62 -2.08 8.12
N THR A 17 0.24 -1.28 7.47
CA THR A 17 -0.22 -0.20 6.62
C THR A 17 0.31 -0.35 5.20
N LEU A 18 -0.53 -0.81 4.29
CA LEU A 18 -0.14 -1.00 2.90
C LEU A 18 -0.42 0.25 2.08
N VAL A 19 0.55 0.63 1.25
CA VAL A 19 0.41 1.82 0.41
C VAL A 19 0.05 1.43 -1.03
N LEU A 20 -1.12 1.88 -1.47
CA LEU A 20 -1.58 1.59 -2.83
C LEU A 20 -1.03 2.60 -3.82
N SER A 21 -0.63 2.11 -5.00
CA SER A 21 -0.09 2.97 -6.04
C SER A 21 -0.80 2.72 -7.36
N ASN A 22 -1.04 3.80 -8.11
CA ASN A 22 -1.71 3.72 -9.39
C ASN A 22 -3.19 3.36 -9.22
N LEU A 23 -3.85 4.05 -8.30
CA LEU A 23 -5.26 3.81 -8.02
C LEU A 23 -6.14 4.51 -9.06
N SER A 24 -7.11 3.78 -9.59
CA SER A 24 -8.03 4.33 -10.59
C SER A 24 -8.95 5.38 -9.98
N TYR A 25 -9.02 6.55 -10.61
CA TYR A 25 -9.86 7.63 -10.12
C TYR A 25 -11.31 7.18 -10.00
N SER A 26 -11.67 6.15 -10.76
CA SER A 26 -13.03 5.63 -10.74
C SER A 26 -13.26 4.73 -9.53
N ALA A 27 -12.15 4.33 -8.89
CA ALA A 27 -12.23 3.46 -7.72
C ALA A 27 -12.23 4.28 -6.44
N THR A 28 -13.00 3.84 -5.45
CA THR A 28 -13.08 4.53 -4.16
C THR A 28 -13.06 3.55 -3.00
N GLU A 29 -13.04 4.07 -1.78
CA GLU A 29 -13.02 3.24 -0.59
C GLU A 29 -13.94 2.03 -0.75
N GLU A 30 -14.99 2.21 -1.56
CA GLU A 30 -15.95 1.13 -1.79
C GLU A 30 -15.30 -0.02 -2.53
N THR A 31 -14.61 0.29 -3.62
CA THR A 31 -13.94 -0.74 -4.43
C THR A 31 -12.82 -1.40 -3.64
N LEU A 32 -12.10 -0.61 -2.85
CA LEU A 32 -11.00 -1.13 -2.04
C LEU A 32 -11.53 -2.01 -0.91
N GLN A 33 -12.68 -1.64 -0.36
CA GLN A 33 -13.28 -2.40 0.73
C GLN A 33 -13.67 -3.80 0.27
N GLU A 34 -13.65 -4.01 -1.05
CA GLU A 34 -13.99 -5.32 -1.61
C GLU A 34 -12.74 -6.17 -1.82
N VAL A 35 -11.66 -5.52 -2.25
CA VAL A 35 -10.40 -6.22 -2.48
C VAL A 35 -9.77 -6.67 -1.17
N PHE A 36 -9.82 -5.80 -0.17
CA PHE A 36 -9.25 -6.10 1.14
C PHE A 36 -10.34 -6.26 2.19
N GLU A 37 -10.59 -7.50 2.60
CA GLU A 37 -11.61 -7.78 3.59
C GLU A 37 -11.05 -7.64 5.01
N LYS A 38 -9.75 -7.86 5.15
CA LYS A 38 -9.09 -7.76 6.44
C LYS A 38 -8.74 -6.30 6.76
N ALA A 39 -8.68 -5.47 5.73
CA ALA A 39 -8.36 -4.06 5.90
C ALA A 39 -9.22 -3.44 7.00
N THR A 40 -8.59 -3.15 8.13
CA THR A 40 -9.30 -2.54 9.26
C THR A 40 -9.76 -1.12 8.93
N PHE A 41 -9.14 -0.53 7.90
CA PHE A 41 -9.49 0.82 7.49
C PHE A 41 -8.85 1.16 6.14
N ILE A 42 -9.62 1.76 5.25
CA ILE A 42 -9.13 2.14 3.94
C ILE A 42 -9.27 3.64 3.70
N LYS A 43 -8.20 4.27 3.25
CA LYS A 43 -8.20 5.70 2.98
C LYS A 43 -7.78 5.99 1.54
N VAL A 44 -8.55 6.83 0.86
CA VAL A 44 -8.25 7.19 -0.52
C VAL A 44 -8.36 8.70 -0.74
N PRO A 45 -7.20 9.37 -0.76
CA PRO A 45 -7.14 10.82 -0.95
C PRO A 45 -7.53 11.23 -2.38
N GLN A 46 -8.48 12.14 -2.48
CA GLN A 46 -8.94 12.62 -3.79
C GLN A 46 -8.85 14.14 -3.87
N ASN A 47 -9.03 14.67 -5.08
CA ASN A 47 -8.97 16.11 -5.30
C ASN A 47 -10.34 16.75 -5.06
N GLN A 48 -10.37 18.08 -5.03
CA GLN A 48 -11.61 18.81 -4.82
C GLN A 48 -12.67 18.38 -5.83
N ASN A 49 -12.23 17.95 -7.01
CA ASN A 49 -13.14 17.52 -8.07
C ASN A 49 -13.68 16.12 -7.76
N GLY A 50 -12.78 15.22 -7.37
CA GLY A 50 -13.20 13.86 -7.06
C GLY A 50 -12.30 12.83 -7.72
N LYS A 51 -11.05 13.19 -7.98
CA LYS A 51 -10.10 12.29 -8.61
C LYS A 51 -9.00 11.88 -7.63
N SER A 52 -8.82 10.58 -7.46
CA SER A 52 -7.81 10.06 -6.54
C SER A 52 -6.42 10.56 -6.94
N LYS A 53 -5.61 10.90 -5.94
CA LYS A 53 -4.26 11.38 -6.18
C LYS A 53 -3.41 10.33 -6.89
N GLY A 54 -3.93 9.10 -6.92
CA GLY A 54 -3.20 8.02 -7.58
C GLY A 54 -2.67 7.01 -6.58
N TYR A 55 -2.99 7.20 -5.32
CA TYR A 55 -2.53 6.30 -4.26
C TYR A 55 -3.56 6.19 -3.15
N ALA A 56 -3.35 5.25 -2.23
CA ALA A 56 -4.25 5.05 -1.11
C ALA A 56 -3.51 4.53 0.11
N PHE A 57 -4.22 4.40 1.23
CA PHE A 57 -3.63 3.92 2.47
C PHE A 57 -4.48 2.82 3.09
N ILE A 58 -3.99 1.59 3.04
CA ILE A 58 -4.72 0.46 3.61
C ILE A 58 -4.22 0.13 5.01
N GLU A 59 -5.16 -0.05 5.93
CA GLU A 59 -4.82 -0.37 7.32
C GLU A 59 -5.30 -1.77 7.68
N PHE A 60 -4.51 -2.47 8.48
CA PHE A 60 -4.87 -3.82 8.92
C PHE A 60 -4.71 -3.97 10.42
N ALA A 61 -4.91 -5.18 10.92
CA ALA A 61 -4.80 -5.46 12.34
C ALA A 61 -3.33 -5.61 12.75
N SER A 62 -2.50 -6.01 11.81
CA SER A 62 -1.07 -6.19 12.07
C SER A 62 -0.32 -6.55 10.80
N PHE A 63 0.98 -6.81 10.93
CA PHE A 63 1.81 -7.17 9.78
C PHE A 63 1.36 -8.50 9.19
N GLU A 64 0.42 -9.16 9.86
CA GLU A 64 -0.10 -10.44 9.39
C GLU A 64 -1.14 -10.24 8.29
N ASP A 65 -2.27 -9.65 8.66
CA ASP A 65 -3.34 -9.41 7.70
C ASP A 65 -2.86 -8.55 6.55
N ALA A 66 -1.97 -7.62 6.85
CA ALA A 66 -1.42 -6.73 5.82
C ALA A 66 -0.65 -7.52 4.77
N LYS A 67 0.32 -8.31 5.21
CA LYS A 67 1.13 -9.11 4.31
C LYS A 67 0.28 -10.13 3.57
N GLU A 68 -0.79 -10.59 4.23
CA GLU A 68 -1.70 -11.57 3.62
C GLU A 68 -2.33 -11.01 2.35
N ALA A 69 -2.73 -9.74 2.40
CA ALA A 69 -3.36 -9.09 1.25
C ALA A 69 -2.30 -8.48 0.34
N LEU A 70 -1.21 -8.01 0.92
CA LEU A 70 -0.13 -7.40 0.16
C LEU A 70 0.51 -8.42 -0.79
N ASN A 71 0.43 -9.68 -0.42
CA ASN A 71 0.99 -10.76 -1.23
C ASN A 71 0.02 -11.17 -2.33
N SER A 72 -1.28 -11.07 -2.04
CA SER A 72 -2.30 -11.44 -3.00
C SER A 72 -2.76 -10.23 -3.81
N CYS A 73 -3.41 -9.28 -3.14
CA CYS A 73 -3.89 -8.07 -3.81
C CYS A 73 -2.80 -7.46 -4.69
N ASN A 74 -1.55 -7.74 -4.35
CA ASN A 74 -0.42 -7.22 -5.11
C ASN A 74 -0.76 -7.12 -6.60
N LYS A 75 -0.63 -5.92 -7.15
CA LYS A 75 -0.93 -5.69 -8.56
C LYS A 75 -2.34 -6.14 -8.89
N ARG A 76 -3.32 -5.65 -8.14
CA ARG A 76 -4.71 -6.01 -8.36
C ARG A 76 -5.32 -5.15 -9.47
N GLU A 77 -5.84 -5.80 -10.50
CA GLU A 77 -6.45 -5.09 -11.62
C GLU A 77 -7.80 -4.51 -11.22
N ILE A 78 -7.84 -3.19 -11.04
CA ILE A 78 -9.07 -2.51 -10.66
C ILE A 78 -9.42 -1.40 -11.66
N GLU A 79 -10.65 -1.42 -12.14
CA GLU A 79 -11.11 -0.42 -13.10
C GLU A 79 -10.25 -0.43 -14.35
N GLY A 80 -9.63 -1.57 -14.63
CA GLY A 80 -8.78 -1.69 -15.80
C GLY A 80 -7.35 -1.26 -15.53
N ARG A 81 -7.12 -0.71 -14.34
CA ARG A 81 -5.79 -0.25 -13.96
C ARG A 81 -5.23 -1.09 -12.81
N ALA A 82 -4.05 -1.65 -13.02
CA ALA A 82 -3.40 -2.47 -12.00
C ALA A 82 -2.99 -1.64 -10.79
N ILE A 83 -3.18 -2.18 -9.60
CA ILE A 83 -2.83 -1.48 -8.37
C ILE A 83 -1.78 -2.26 -7.58
N ARG A 84 -0.67 -1.59 -7.27
CA ARG A 84 0.41 -2.21 -6.52
C ARG A 84 0.37 -1.79 -5.05
N LEU A 85 0.84 -2.67 -4.18
CA LEU A 85 0.86 -2.39 -2.75
C LEU A 85 2.28 -2.47 -2.19
N GLU A 86 2.66 -1.49 -1.38
CA GLU A 86 3.98 -1.46 -0.77
C GLU A 86 3.91 -1.03 0.69
N LEU A 87 4.56 -1.80 1.55
CA LEU A 87 4.58 -1.51 2.98
C LEU A 87 5.18 -0.13 3.25
N GLN A 88 4.43 0.73 3.92
CA GLN A 88 4.89 2.07 4.25
C GLN A 88 6.07 2.02 5.22
N GLY A 89 6.89 3.06 5.19
CA GLY A 89 8.05 3.11 6.07
C GLY A 89 8.65 4.50 6.15
N PRO A 90 9.93 4.58 6.54
CA PRO A 90 10.65 5.85 6.66
C PRO A 90 10.93 6.49 5.30
N ARG A 91 11.71 7.56 5.32
CA ARG A 91 12.06 8.27 4.08
C ARG A 91 13.57 8.41 3.94
N GLY A 92 14.29 7.33 4.23
CA GLY A 92 15.73 7.36 4.12
C GLY A 92 16.37 6.03 4.50
N SER A 93 17.34 5.60 3.69
CA SER A 93 18.01 4.33 3.94
C SER A 93 18.17 4.08 5.44
N PRO A 94 17.93 2.82 5.85
CA PRO A 94 18.03 2.42 7.25
C PRO A 94 19.47 2.41 7.75
N ASN A 95 19.84 3.44 8.51
CA ASN A 95 21.19 3.55 9.04
C ASN A 95 21.24 4.54 10.21
N SER A 96 21.80 4.10 11.33
CA SER A 96 21.91 4.94 12.51
C SER A 96 22.75 6.19 12.23
N GLY A 97 24.00 5.97 11.81
CA GLY A 97 24.88 7.07 11.51
C GLY A 97 26.27 6.87 12.07
N PRO A 98 27.28 7.37 11.35
CA PRO A 98 28.69 7.25 11.75
C PRO A 98 29.01 8.10 12.98
N SER A 99 29.67 7.50 13.96
CA SER A 99 30.03 8.20 15.18
C SER A 99 31.41 8.85 15.04
N SER A 100 31.41 10.16 14.78
CA SER A 100 32.66 10.90 14.62
C SER A 100 32.40 12.40 14.68
N GLY A 101 33.48 13.18 14.72
CA GLY A 101 33.35 14.63 14.78
C GLY A 101 33.02 15.23 13.42
N GLY A 1 23.11 -16.62 1.61
CA GLY A 1 22.57 -16.74 0.26
C GLY A 1 21.29 -15.93 0.09
N SER A 2 20.16 -16.53 0.44
CA SER A 2 18.87 -15.87 0.31
C SER A 2 17.76 -16.70 0.95
N SER A 3 16.83 -16.03 1.61
CA SER A 3 15.72 -16.70 2.27
C SER A 3 14.38 -16.24 1.70
N GLY A 4 14.32 -16.10 0.38
CA GLY A 4 13.10 -15.66 -0.27
C GLY A 4 13.04 -14.15 -0.43
N SER A 5 12.31 -13.70 -1.44
CA SER A 5 12.17 -12.26 -1.71
C SER A 5 10.81 -11.76 -1.26
N SER A 6 9.75 -12.48 -1.63
CA SER A 6 8.40 -12.10 -1.27
C SER A 6 7.80 -13.10 -0.28
N GLY A 7 8.62 -13.56 0.66
CA GLY A 7 8.16 -14.51 1.65
C GLY A 7 8.27 -13.98 3.06
N ASN A 8 9.50 -13.81 3.53
CA ASN A 8 9.75 -13.31 4.87
C ASN A 8 10.04 -11.81 4.86
N SER A 9 10.11 -11.22 6.04
CA SER A 9 10.38 -9.79 6.16
C SER A 9 11.43 -9.34 5.13
N THR A 10 11.25 -8.13 4.61
CA THR A 10 12.18 -7.58 3.63
C THR A 10 12.99 -6.44 4.21
N TRP A 11 12.49 -5.85 5.29
CA TRP A 11 13.17 -4.73 5.94
C TRP A 11 13.18 -4.91 7.45
N SER A 12 13.17 -6.17 7.90
CA SER A 12 13.17 -6.47 9.32
C SER A 12 12.23 -5.53 10.08
N GLY A 13 10.97 -5.47 9.65
CA GLY A 13 10.00 -4.62 10.29
C GLY A 13 8.57 -5.08 10.06
N GLU A 14 7.64 -4.52 10.83
CA GLU A 14 6.23 -4.88 10.70
C GLU A 14 5.38 -3.64 10.43
N SER A 15 4.84 -3.57 9.22
CA SER A 15 3.99 -2.43 8.84
C SER A 15 2.61 -2.90 8.39
N LYS A 16 1.62 -2.68 9.24
CA LYS A 16 0.25 -3.08 8.94
C LYS A 16 -0.43 -2.06 8.04
N THR A 17 0.37 -1.13 7.51
CA THR A 17 -0.16 -0.09 6.63
C THR A 17 0.33 -0.28 5.19
N LEU A 18 -0.55 -0.75 4.32
CA LEU A 18 -0.21 -0.97 2.93
C LEU A 18 -0.47 0.29 2.10
N VAL A 19 0.46 0.60 1.20
CA VAL A 19 0.34 1.77 0.34
C VAL A 19 -0.06 1.37 -1.08
N LEU A 20 -1.24 1.80 -1.51
CA LEU A 20 -1.74 1.50 -2.84
C LEU A 20 -1.21 2.50 -3.86
N SER A 21 -0.91 2.02 -5.06
CA SER A 21 -0.40 2.88 -6.12
C SER A 21 -1.10 2.58 -7.44
N ASN A 22 -1.34 3.63 -8.23
CA ASN A 22 -2.01 3.49 -9.52
C ASN A 22 -3.49 3.23 -9.33
N LEU A 23 -4.08 3.89 -8.35
CA LEU A 23 -5.51 3.73 -8.06
C LEU A 23 -6.35 4.53 -9.05
N SER A 24 -7.32 3.85 -9.68
CA SER A 24 -8.20 4.50 -10.65
C SER A 24 -9.17 5.44 -9.96
N TYR A 25 -9.31 6.64 -10.50
CA TYR A 25 -10.21 7.64 -9.94
C TYR A 25 -11.60 7.06 -9.72
N SER A 26 -12.02 6.19 -10.64
CA SER A 26 -13.34 5.56 -10.55
C SER A 26 -13.42 4.66 -9.32
N ALA A 27 -12.27 4.20 -8.84
CA ALA A 27 -12.22 3.34 -7.67
C ALA A 27 -12.19 4.16 -6.38
N THR A 28 -12.98 3.73 -5.40
CA THR A 28 -13.05 4.42 -4.12
C THR A 28 -13.00 3.44 -2.96
N GLU A 29 -12.97 3.97 -1.74
CA GLU A 29 -12.93 3.13 -0.55
C GLU A 29 -13.90 1.95 -0.67
N GLU A 30 -14.94 2.13 -1.48
CA GLU A 30 -15.93 1.09 -1.69
C GLU A 30 -15.31 -0.12 -2.38
N THR A 31 -14.61 0.12 -3.48
CA THR A 31 -13.96 -0.95 -4.24
C THR A 31 -12.85 -1.61 -3.42
N LEU A 32 -12.17 -0.81 -2.61
CA LEU A 32 -11.09 -1.32 -1.77
C LEU A 32 -11.64 -2.16 -0.62
N GLN A 33 -12.77 -1.73 -0.07
CA GLN A 33 -13.41 -2.45 1.03
C GLN A 33 -13.80 -3.87 0.61
N GLU A 34 -13.81 -4.11 -0.69
CA GLU A 34 -14.16 -5.42 -1.22
C GLU A 34 -12.92 -6.30 -1.36
N VAL A 35 -11.86 -5.74 -1.92
CA VAL A 35 -10.61 -6.47 -2.11
C VAL A 35 -9.96 -6.81 -0.77
N PHE A 36 -9.98 -5.85 0.14
CA PHE A 36 -9.39 -6.03 1.46
C PHE A 36 -10.47 -6.18 2.53
N GLU A 37 -10.69 -7.41 2.98
CA GLU A 37 -11.70 -7.67 3.99
C GLU A 37 -11.10 -7.56 5.40
N LYS A 38 -9.79 -7.73 5.49
CA LYS A 38 -9.10 -7.63 6.77
C LYS A 38 -8.72 -6.19 7.09
N ALA A 39 -8.74 -5.35 6.05
CA ALA A 39 -8.40 -3.94 6.22
C ALA A 39 -9.27 -3.29 7.30
N THR A 40 -8.66 -2.98 8.43
CA THR A 40 -9.38 -2.36 9.54
C THR A 40 -9.80 -0.93 9.19
N PHE A 41 -9.12 -0.35 8.20
CA PHE A 41 -9.42 1.01 7.76
C PHE A 41 -8.82 1.29 6.39
N ILE A 42 -9.58 1.93 5.53
CA ILE A 42 -9.13 2.26 4.19
C ILE A 42 -9.26 3.75 3.91
N LYS A 43 -8.20 4.35 3.39
CA LYS A 43 -8.20 5.78 3.08
C LYS A 43 -7.80 6.02 1.63
N VAL A 44 -8.57 6.83 0.93
CA VAL A 44 -8.29 7.14 -0.47
C VAL A 44 -8.41 8.64 -0.74
N PRO A 45 -7.26 9.32 -0.75
CA PRO A 45 -7.20 10.77 -0.99
C PRO A 45 -7.55 11.13 -2.44
N GLN A 46 -8.53 12.01 -2.60
CA GLN A 46 -8.97 12.44 -3.92
C GLN A 46 -8.89 13.95 -4.06
N ASN A 47 -9.14 14.45 -5.27
CA ASN A 47 -9.09 15.89 -5.53
C ASN A 47 -10.40 16.55 -5.13
N GLN A 48 -10.41 17.88 -5.14
CA GLN A 48 -11.60 18.64 -4.77
C GLN A 48 -12.83 18.12 -5.53
N ASN A 49 -12.61 17.70 -6.77
CA ASN A 49 -13.69 17.19 -7.61
C ASN A 49 -14.13 15.80 -7.14
N GLY A 50 -13.25 14.82 -7.32
CA GLY A 50 -13.56 13.46 -6.90
C GLY A 50 -12.69 12.43 -7.60
N LYS A 51 -11.45 12.80 -7.89
CA LYS A 51 -10.52 11.90 -8.56
C LYS A 51 -9.35 11.54 -7.65
N SER A 52 -9.18 10.26 -7.39
CA SER A 52 -8.10 9.79 -6.53
C SER A 52 -6.75 10.32 -7.01
N LYS A 53 -5.90 10.69 -6.06
CA LYS A 53 -4.58 11.22 -6.37
C LYS A 53 -3.73 10.18 -7.09
N GLY A 54 -4.09 8.91 -6.91
CA GLY A 54 -3.35 7.84 -7.55
C GLY A 54 -2.80 6.83 -6.56
N TYR A 55 -3.12 7.02 -5.28
CA TYR A 55 -2.65 6.13 -4.24
C TYR A 55 -3.68 6.03 -3.10
N ALA A 56 -3.45 5.09 -2.20
CA ALA A 56 -4.35 4.89 -1.07
C ALA A 56 -3.62 4.31 0.13
N PHE A 57 -4.19 4.49 1.31
CA PHE A 57 -3.58 3.99 2.54
C PHE A 57 -4.46 2.93 3.18
N ILE A 58 -3.98 1.68 3.17
CA ILE A 58 -4.72 0.57 3.75
C ILE A 58 -4.20 0.24 5.14
N GLU A 59 -5.13 0.06 6.09
CA GLU A 59 -4.75 -0.27 7.46
C GLU A 59 -5.27 -1.65 7.84
N PHE A 60 -4.45 -2.40 8.58
CA PHE A 60 -4.82 -3.75 9.01
C PHE A 60 -4.60 -3.91 10.51
N ALA A 61 -4.89 -5.10 11.01
CA ALA A 61 -4.72 -5.39 12.43
C ALA A 61 -3.25 -5.50 12.80
N SER A 62 -2.43 -5.89 11.83
CA SER A 62 -1.00 -6.04 12.05
C SER A 62 -0.28 -6.40 10.75
N PHE A 63 1.03 -6.59 10.83
CA PHE A 63 1.84 -6.93 9.67
C PHE A 63 1.41 -8.28 9.08
N GLU A 64 0.52 -8.96 9.80
CA GLU A 64 0.03 -10.26 9.35
C GLU A 64 -1.02 -10.11 8.26
N ASP A 65 -2.16 -9.53 8.62
CA ASP A 65 -3.24 -9.32 7.67
C ASP A 65 -2.79 -8.45 6.51
N ALA A 66 -1.95 -7.47 6.81
CA ALA A 66 -1.43 -6.57 5.78
C ALA A 66 -0.67 -7.33 4.70
N LYS A 67 0.30 -8.14 5.13
CA LYS A 67 1.09 -8.92 4.20
C LYS A 67 0.22 -9.94 3.46
N GLU A 68 -0.88 -10.34 4.08
CA GLU A 68 -1.79 -11.30 3.49
C GLU A 68 -2.48 -10.72 2.25
N ALA A 69 -2.92 -9.47 2.37
CA ALA A 69 -3.59 -8.79 1.27
C ALA A 69 -2.59 -8.13 0.34
N LEU A 70 -1.40 -7.85 0.86
CA LEU A 70 -0.34 -7.22 0.06
C LEU A 70 0.35 -8.25 -0.83
N ASN A 71 0.25 -9.52 -0.45
CA ASN A 71 0.87 -10.59 -1.22
C ASN A 71 -0.04 -11.05 -2.35
N SER A 72 -1.35 -10.92 -2.13
CA SER A 72 -2.33 -11.33 -3.13
C SER A 72 -2.77 -10.13 -3.97
N CYS A 73 -3.47 -9.19 -3.34
CA CYS A 73 -3.95 -8.01 -4.03
C CYS A 73 -2.85 -7.41 -4.90
N ASN A 74 -1.60 -7.61 -4.49
CA ASN A 74 -0.46 -7.09 -5.24
C ASN A 74 -0.75 -7.07 -6.74
N LYS A 75 -0.81 -5.87 -7.30
CA LYS A 75 -1.08 -5.71 -8.73
C LYS A 75 -2.47 -6.23 -9.09
N ARG A 76 -3.46 -5.87 -8.27
CA ARG A 76 -4.84 -6.29 -8.50
C ARG A 76 -5.51 -5.40 -9.55
N GLU A 77 -5.92 -6.02 -10.65
CA GLU A 77 -6.58 -5.28 -11.73
C GLU A 77 -7.96 -4.81 -11.29
N ILE A 78 -8.08 -3.51 -11.03
CA ILE A 78 -9.35 -2.93 -10.60
C ILE A 78 -9.78 -1.82 -11.55
N GLU A 79 -11.04 -1.87 -11.99
CA GLU A 79 -11.59 -0.88 -12.89
C GLU A 79 -10.72 -0.75 -14.15
N GLY A 80 -10.08 -1.86 -14.52
CA GLY A 80 -9.24 -1.86 -15.70
C GLY A 80 -7.88 -1.24 -15.45
N ARG A 81 -7.48 -1.19 -14.18
CA ARG A 81 -6.19 -0.62 -13.79
C ARG A 81 -5.53 -1.45 -12.69
N ALA A 82 -4.32 -1.91 -12.97
CA ALA A 82 -3.57 -2.71 -12.00
C ALA A 82 -3.19 -1.88 -10.78
N ILE A 83 -3.47 -2.43 -9.59
CA ILE A 83 -3.16 -1.73 -8.35
C ILE A 83 -2.03 -2.44 -7.60
N ARG A 84 -1.00 -1.68 -7.25
CA ARG A 84 0.14 -2.24 -6.53
C ARG A 84 0.14 -1.78 -5.08
N LEU A 85 0.62 -2.64 -4.19
CA LEU A 85 0.68 -2.32 -2.77
C LEU A 85 2.11 -2.40 -2.24
N GLU A 86 2.45 -1.49 -1.34
CA GLU A 86 3.79 -1.46 -0.76
C GLU A 86 3.75 -1.01 0.71
N LEU A 87 4.44 -1.75 1.56
CA LEU A 87 4.47 -1.43 2.99
C LEU A 87 5.06 -0.05 3.22
N GLN A 88 4.37 0.75 4.03
CA GLN A 88 4.82 2.10 4.34
C GLN A 88 5.88 2.09 5.44
N GLY A 89 7.03 2.69 5.15
CA GLY A 89 8.11 2.73 6.13
C GLY A 89 7.63 3.20 7.49
N PRO A 90 8.46 2.97 8.53
CA PRO A 90 8.14 3.37 9.90
C PRO A 90 8.18 4.88 10.08
N ARG A 91 7.48 5.37 11.10
CA ARG A 91 7.43 6.80 11.38
C ARG A 91 8.81 7.31 11.80
N GLY A 92 9.17 8.50 11.32
CA GLY A 92 10.45 9.07 11.66
C GLY A 92 10.49 10.58 11.46
N SER A 93 9.87 11.31 12.38
CA SER A 93 9.83 12.77 12.29
C SER A 93 11.12 13.38 12.80
N PRO A 94 11.55 14.47 12.14
CA PRO A 94 12.78 15.18 12.52
C PRO A 94 12.66 15.90 13.84
N ASN A 95 13.78 16.46 14.31
CA ASN A 95 13.79 17.18 15.58
C ASN A 95 14.01 18.67 15.35
N SER A 96 12.91 19.41 15.24
CA SER A 96 12.98 20.85 15.02
C SER A 96 12.68 21.62 16.31
N GLY A 97 13.14 22.86 16.37
CA GLY A 97 12.92 23.68 17.54
C GLY A 97 13.07 25.17 17.25
N PRO A 98 12.10 25.96 17.74
CA PRO A 98 12.10 27.42 17.54
C PRO A 98 13.20 28.11 18.33
N SER A 99 13.42 29.38 18.04
CA SER A 99 14.45 30.16 18.73
C SER A 99 13.88 31.48 19.24
N SER A 100 14.64 32.14 20.11
CA SER A 100 14.21 33.42 20.68
C SER A 100 14.82 34.59 19.91
N GLY A 101 14.35 35.80 20.22
CA GLY A 101 14.86 36.98 19.55
C GLY A 101 14.78 38.22 20.42
N GLY A 1 15.18 -22.90 -19.25
CA GLY A 1 16.20 -22.09 -18.62
C GLY A 1 15.63 -20.89 -17.89
N SER A 2 16.35 -20.42 -16.88
CA SER A 2 15.91 -19.27 -16.10
C SER A 2 17.09 -18.53 -15.48
N SER A 3 16.80 -17.43 -14.80
CA SER A 3 17.85 -16.63 -14.17
C SER A 3 17.97 -16.98 -12.68
N GLY A 4 16.83 -16.94 -11.98
CA GLY A 4 16.83 -17.26 -10.57
C GLY A 4 15.47 -17.06 -9.93
N SER A 5 15.36 -17.39 -8.65
CA SER A 5 14.10 -17.25 -7.92
C SER A 5 13.75 -15.78 -7.72
N SER A 6 12.52 -15.41 -8.09
CA SER A 6 12.06 -14.04 -7.95
C SER A 6 10.55 -13.95 -8.15
N GLY A 7 9.91 -13.05 -7.40
CA GLY A 7 8.47 -12.88 -7.51
C GLY A 7 7.87 -12.24 -6.28
N ASN A 8 8.35 -12.64 -5.10
CA ASN A 8 7.85 -12.09 -3.84
C ASN A 8 8.99 -11.46 -3.04
N SER A 9 9.08 -10.13 -3.10
CA SER A 9 10.13 -9.41 -2.39
C SER A 9 9.73 -9.21 -0.93
N THR A 10 10.61 -9.63 -0.02
CA THR A 10 10.36 -9.50 1.41
C THR A 10 11.43 -8.66 2.08
N TRP A 11 11.01 -7.68 2.89
CA TRP A 11 11.94 -6.81 3.59
C TRP A 11 12.09 -7.23 5.05
N SER A 12 13.12 -6.71 5.71
CA SER A 12 13.36 -7.04 7.11
C SER A 12 12.65 -6.05 8.04
N GLY A 13 11.37 -5.80 7.75
CA GLY A 13 10.60 -4.88 8.56
C GLY A 13 9.18 -5.36 8.80
N GLU A 14 8.42 -4.59 9.56
CA GLU A 14 7.04 -4.95 9.86
C GLU A 14 6.12 -3.73 9.77
N SER A 15 5.15 -3.79 8.87
CA SER A 15 4.22 -2.69 8.67
C SER A 15 2.85 -3.21 8.26
N LYS A 16 1.83 -2.89 9.06
CA LYS A 16 0.47 -3.32 8.77
C LYS A 16 -0.22 -2.37 7.79
N THR A 17 0.37 -1.19 7.62
CA THR A 17 -0.18 -0.19 6.71
C THR A 17 0.34 -0.39 5.29
N LEU A 18 -0.57 -0.70 4.37
CA LEU A 18 -0.21 -0.91 2.98
C LEU A 18 -0.44 0.35 2.15
N VAL A 19 0.42 0.57 1.16
CA VAL A 19 0.31 1.73 0.30
C VAL A 19 -0.12 1.34 -1.11
N LEU A 20 -1.29 1.81 -1.52
CA LEU A 20 -1.81 1.50 -2.85
C LEU A 20 -1.32 2.51 -3.88
N SER A 21 -0.97 2.03 -5.06
CA SER A 21 -0.49 2.89 -6.12
C SER A 21 -1.18 2.56 -7.45
N ASN A 22 -1.36 3.59 -8.28
CA ASN A 22 -2.01 3.42 -9.57
C ASN A 22 -3.50 3.12 -9.40
N LEU A 23 -4.14 3.87 -8.51
CA LEU A 23 -5.56 3.70 -8.25
C LEU A 23 -6.40 4.44 -9.27
N SER A 24 -7.51 3.82 -9.69
CA SER A 24 -8.40 4.43 -10.67
C SER A 24 -9.39 5.38 -10.00
N TYR A 25 -9.57 6.56 -10.59
CA TYR A 25 -10.49 7.55 -10.04
C TYR A 25 -11.84 6.93 -9.74
N SER A 26 -12.32 6.10 -10.66
CA SER A 26 -13.61 5.43 -10.49
C SER A 26 -13.61 4.55 -9.25
N ALA A 27 -12.43 4.13 -8.82
CA ALA A 27 -12.30 3.29 -7.64
C ALA A 27 -12.33 4.12 -6.36
N THR A 28 -13.11 3.67 -5.39
CA THR A 28 -13.23 4.36 -4.11
C THR A 28 -13.20 3.39 -2.94
N GLU A 29 -13.12 3.93 -1.73
CA GLU A 29 -13.08 3.11 -0.53
C GLU A 29 -14.03 1.92 -0.65
N GLU A 30 -15.11 2.12 -1.39
CA GLU A 30 -16.11 1.08 -1.58
C GLU A 30 -15.49 -0.15 -2.26
N THR A 31 -14.81 0.09 -3.38
CA THR A 31 -14.18 -0.98 -4.13
C THR A 31 -13.00 -1.58 -3.35
N LEU A 32 -12.30 -0.73 -2.62
CA LEU A 32 -11.15 -1.17 -1.83
C LEU A 32 -11.61 -2.09 -0.69
N GLN A 33 -12.75 -1.78 -0.11
CA GLN A 33 -13.29 -2.57 0.99
C GLN A 33 -13.55 -4.01 0.55
N GLU A 34 -13.77 -4.19 -0.75
CA GLU A 34 -14.02 -5.53 -1.29
C GLU A 34 -12.71 -6.28 -1.51
N VAL A 35 -11.72 -5.59 -2.06
CA VAL A 35 -10.42 -6.19 -2.32
C VAL A 35 -9.73 -6.59 -1.02
N PHE A 36 -9.85 -5.74 0.00
CA PHE A 36 -9.24 -6.00 1.29
C PHE A 36 -10.30 -6.22 2.37
N GLU A 37 -10.44 -7.47 2.80
CA GLU A 37 -11.42 -7.81 3.82
C GLU A 37 -10.82 -7.69 5.22
N LYS A 38 -9.52 -7.95 5.32
CA LYS A 38 -8.82 -7.86 6.60
C LYS A 38 -8.47 -6.42 6.94
N ALA A 39 -8.46 -5.56 5.92
CA ALA A 39 -8.15 -4.15 6.12
C ALA A 39 -9.06 -3.53 7.18
N THR A 40 -8.48 -3.24 8.34
CA THR A 40 -9.22 -2.65 9.44
C THR A 40 -9.70 -1.24 9.08
N PHE A 41 -9.09 -0.66 8.06
CA PHE A 41 -9.45 0.68 7.61
C PHE A 41 -8.86 0.98 6.24
N ILE A 42 -9.59 1.74 5.44
CA ILE A 42 -9.14 2.10 4.10
C ILE A 42 -9.25 3.60 3.86
N LYS A 43 -8.17 4.21 3.42
CA LYS A 43 -8.14 5.64 3.14
C LYS A 43 -7.76 5.92 1.69
N VAL A 44 -8.54 6.79 1.05
CA VAL A 44 -8.29 7.15 -0.35
C VAL A 44 -8.36 8.65 -0.56
N PRO A 45 -7.19 9.28 -0.71
CA PRO A 45 -7.09 10.73 -0.91
C PRO A 45 -7.59 11.16 -2.28
N GLN A 46 -8.64 11.99 -2.29
CA GLN A 46 -9.23 12.47 -3.54
C GLN A 46 -8.86 13.93 -3.78
N ASN A 47 -9.24 14.44 -4.95
CA ASN A 47 -8.95 15.82 -5.31
C ASN A 47 -10.19 16.70 -5.11
N GLN A 48 -10.01 18.01 -5.31
CA GLN A 48 -11.11 18.95 -5.15
C GLN A 48 -12.34 18.51 -5.94
N ASN A 49 -12.10 17.97 -7.14
CA ASN A 49 -13.19 17.51 -7.99
C ASN A 49 -13.79 16.22 -7.44
N GLY A 50 -12.95 15.20 -7.26
CA GLY A 50 -13.43 13.94 -6.73
C GLY A 50 -12.73 12.75 -7.37
N LYS A 51 -11.47 12.94 -7.75
CA LYS A 51 -10.68 11.88 -8.36
C LYS A 51 -9.61 11.36 -7.41
N SER A 52 -9.17 10.13 -7.64
CA SER A 52 -8.14 9.53 -6.80
C SER A 52 -6.75 9.97 -7.23
N LYS A 53 -6.06 10.69 -6.34
CA LYS A 53 -4.72 11.18 -6.62
C LYS A 53 -3.90 10.12 -7.35
N GLY A 54 -4.18 8.85 -7.07
CA GLY A 54 -3.46 7.76 -7.71
C GLY A 54 -2.89 6.78 -6.72
N TYR A 55 -3.21 6.97 -5.44
CA TYR A 55 -2.72 6.10 -4.38
C TYR A 55 -3.75 5.98 -3.26
N ALA A 56 -3.45 5.12 -2.29
CA ALA A 56 -4.33 4.91 -1.15
C ALA A 56 -3.57 4.37 0.05
N PHE A 57 -4.19 4.45 1.23
CA PHE A 57 -3.57 3.98 2.46
C PHE A 57 -4.45 2.92 3.13
N ILE A 58 -4.00 1.67 3.11
CA ILE A 58 -4.74 0.58 3.72
C ILE A 58 -4.22 0.28 5.12
N GLU A 59 -5.13 -0.06 6.02
CA GLU A 59 -4.75 -0.37 7.40
C GLU A 59 -5.21 -1.77 7.78
N PHE A 60 -4.38 -2.47 8.55
CA PHE A 60 -4.70 -3.83 8.98
C PHE A 60 -4.50 -3.98 10.49
N ALA A 61 -4.65 -5.21 10.98
CA ALA A 61 -4.48 -5.49 12.39
C ALA A 61 -3.01 -5.57 12.78
N SER A 62 -2.18 -5.96 11.81
CA SER A 62 -0.74 -6.08 12.03
C SER A 62 -0.01 -6.46 10.75
N PHE A 63 1.32 -6.46 10.81
CA PHE A 63 2.13 -6.80 9.64
C PHE A 63 1.66 -8.12 9.03
N GLU A 64 0.90 -8.90 9.81
CA GLU A 64 0.40 -10.18 9.34
C GLU A 64 -0.76 -9.99 8.36
N ASP A 65 -1.92 -9.60 8.90
CA ASP A 65 -3.10 -9.37 8.08
C ASP A 65 -2.77 -8.55 6.84
N ALA A 66 -1.93 -7.52 7.02
CA ALA A 66 -1.53 -6.67 5.93
C ALA A 66 -0.75 -7.45 4.87
N LYS A 67 0.17 -8.29 5.32
CA LYS A 67 0.99 -9.10 4.42
C LYS A 67 0.13 -10.15 3.73
N GLU A 68 -0.98 -10.52 4.36
CA GLU A 68 -1.88 -11.53 3.79
C GLU A 68 -2.57 -11.00 2.56
N ALA A 69 -2.93 -9.72 2.58
CA ALA A 69 -3.61 -9.08 1.46
C ALA A 69 -2.61 -8.45 0.50
N LEU A 70 -1.46 -8.05 1.03
CA LEU A 70 -0.42 -7.43 0.22
C LEU A 70 0.22 -8.45 -0.71
N ASN A 71 0.14 -9.72 -0.33
CA ASN A 71 0.71 -10.80 -1.13
C ASN A 71 -0.22 -11.17 -2.29
N SER A 72 -1.53 -11.09 -2.04
CA SER A 72 -2.52 -11.42 -3.06
C SER A 72 -2.92 -10.18 -3.84
N CYS A 73 -3.58 -9.25 -3.16
CA CYS A 73 -4.03 -8.01 -3.78
C CYS A 73 -2.95 -7.45 -4.71
N ASN A 74 -1.70 -7.71 -4.37
CA ASN A 74 -0.58 -7.23 -5.16
C ASN A 74 -0.93 -7.22 -6.65
N LYS A 75 -0.83 -6.06 -7.27
CA LYS A 75 -1.13 -5.92 -8.69
C LYS A 75 -2.56 -6.38 -9.00
N ARG A 76 -3.51 -5.79 -8.29
CA ARG A 76 -4.92 -6.14 -8.48
C ARG A 76 -5.56 -5.28 -9.56
N GLU A 77 -6.10 -5.92 -10.59
CA GLU A 77 -6.74 -5.20 -11.69
C GLU A 77 -8.08 -4.62 -11.25
N ILE A 78 -8.09 -3.30 -11.03
CA ILE A 78 -9.31 -2.61 -10.61
C ILE A 78 -9.68 -1.49 -11.58
N GLU A 79 -10.93 -1.49 -12.02
CA GLU A 79 -11.40 -0.46 -12.95
C GLU A 79 -10.54 -0.43 -14.20
N GLY A 80 -10.01 -1.60 -14.57
CA GLY A 80 -9.18 -1.68 -15.76
C GLY A 80 -7.78 -1.15 -15.53
N ARG A 81 -7.39 -1.06 -14.26
CA ARG A 81 -6.07 -0.55 -13.91
C ARG A 81 -5.46 -1.38 -12.78
N ALA A 82 -4.29 -1.95 -13.04
CA ALA A 82 -3.60 -2.77 -12.05
C ALA A 82 -3.10 -1.92 -10.89
N ILE A 83 -3.46 -2.32 -9.68
CA ILE A 83 -3.04 -1.59 -8.49
C ILE A 83 -1.95 -2.34 -7.73
N ARG A 84 -0.92 -1.62 -7.32
CA ARG A 84 0.20 -2.21 -6.59
C ARG A 84 0.17 -1.80 -5.12
N LEU A 85 0.69 -2.66 -4.26
CA LEU A 85 0.73 -2.39 -2.83
C LEU A 85 2.16 -2.46 -2.30
N GLU A 86 2.52 -1.50 -1.44
CA GLU A 86 3.85 -1.46 -0.86
C GLU A 86 3.78 -1.06 0.62
N LEU A 87 4.49 -1.80 1.46
CA LEU A 87 4.52 -1.52 2.89
C LEU A 87 5.11 -0.14 3.16
N GLN A 88 4.35 0.69 3.88
CA GLN A 88 4.80 2.05 4.20
C GLN A 88 5.97 2.00 5.18
N GLY A 89 7.07 2.66 4.80
CA GLY A 89 8.25 2.68 5.66
C GLY A 89 8.39 3.99 6.41
N PRO A 90 9.31 4.02 7.38
CA PRO A 90 9.55 5.21 8.20
C PRO A 90 10.23 6.32 7.40
N ARG A 91 9.62 7.51 7.43
CA ARG A 91 10.14 8.66 6.70
C ARG A 91 11.08 9.47 7.59
N GLY A 92 12.03 10.16 6.97
CA GLY A 92 12.98 10.97 7.72
C GLY A 92 13.41 12.21 6.96
N SER A 93 14.52 12.81 7.41
CA SER A 93 15.03 14.02 6.76
C SER A 93 14.16 15.22 7.08
N PRO A 94 13.91 15.44 8.38
CA PRO A 94 13.09 16.56 8.86
C PRO A 94 13.77 17.91 8.65
N ASN A 95 15.08 17.96 8.91
CA ASN A 95 15.85 19.19 8.75
C ASN A 95 15.72 19.73 7.33
N SER A 96 15.72 21.05 7.21
CA SER A 96 15.59 21.70 5.92
C SER A 96 16.88 21.54 5.10
N GLY A 97 18.01 21.73 5.76
CA GLY A 97 19.29 21.59 5.07
C GLY A 97 19.60 22.77 4.18
N PRO A 98 19.77 23.96 4.77
CA PRO A 98 20.07 25.19 4.04
C PRO A 98 21.48 25.18 3.44
N SER A 99 21.56 24.90 2.14
CA SER A 99 22.84 24.85 1.45
C SER A 99 22.82 25.73 0.21
N SER A 100 23.59 26.81 0.24
CA SER A 100 23.67 27.73 -0.89
C SER A 100 24.92 27.49 -1.71
N GLY A 101 24.93 28.00 -2.95
CA GLY A 101 26.07 27.83 -3.82
C GLY A 101 26.07 28.81 -4.97
N GLY A 1 11.98 -6.85 -24.46
CA GLY A 1 13.06 -6.71 -23.51
C GLY A 1 12.69 -5.80 -22.34
N SER A 2 11.99 -6.35 -21.36
CA SER A 2 11.58 -5.58 -20.19
C SER A 2 12.75 -5.33 -19.25
N SER A 3 12.63 -4.32 -18.40
CA SER A 3 13.67 -3.98 -17.46
C SER A 3 13.20 -2.91 -16.48
N GLY A 4 13.41 -3.15 -15.19
CA GLY A 4 13.01 -2.20 -14.18
C GLY A 4 12.33 -2.86 -13.00
N SER A 5 11.16 -2.34 -12.60
CA SER A 5 10.43 -2.89 -11.48
C SER A 5 11.38 -3.40 -10.40
N SER A 6 12.43 -2.62 -10.13
CA SER A 6 13.42 -3.00 -9.13
C SER A 6 13.18 -2.25 -7.82
N GLY A 7 12.84 -2.99 -6.77
CA GLY A 7 12.57 -2.37 -5.48
C GLY A 7 13.76 -2.47 -4.55
N ASN A 8 14.50 -1.38 -4.41
CA ASN A 8 15.68 -1.36 -3.54
C ASN A 8 15.37 -0.64 -2.22
N SER A 9 15.33 -1.42 -1.14
CA SER A 9 15.04 -0.87 0.17
C SER A 9 15.63 -1.74 1.28
N THR A 10 16.15 -1.11 2.32
CA THR A 10 16.74 -1.83 3.44
C THR A 10 15.84 -1.78 4.67
N TRP A 11 14.54 -1.90 4.44
CA TRP A 11 13.57 -1.88 5.53
C TRP A 11 13.44 -3.25 6.17
N SER A 12 13.74 -3.32 7.47
CA SER A 12 13.67 -4.58 8.22
C SER A 12 12.87 -4.40 9.49
N GLY A 13 11.56 -4.60 9.40
CA GLY A 13 10.70 -4.46 10.56
C GLY A 13 9.31 -5.03 10.33
N GLU A 14 8.29 -4.26 10.72
CA GLU A 14 6.91 -4.69 10.55
C GLU A 14 6.01 -3.51 10.20
N SER A 15 5.15 -3.70 9.22
CA SER A 15 4.23 -2.64 8.79
C SER A 15 2.86 -3.22 8.45
N LYS A 16 1.85 -2.84 9.22
CA LYS A 16 0.49 -3.31 9.00
C LYS A 16 -0.23 -2.46 7.96
N THR A 17 0.32 -1.27 7.69
CA THR A 17 -0.27 -0.35 6.73
C THR A 17 0.28 -0.61 5.33
N LEU A 18 -0.62 -0.71 4.35
CA LEU A 18 -0.22 -0.96 2.97
C LEU A 18 -0.44 0.28 2.11
N VAL A 19 0.42 0.48 1.13
CA VAL A 19 0.32 1.62 0.23
C VAL A 19 -0.06 1.19 -1.18
N LEU A 20 -1.21 1.66 -1.65
CA LEU A 20 -1.69 1.32 -2.99
C LEU A 20 -1.15 2.30 -4.02
N SER A 21 -0.86 1.79 -5.22
CA SER A 21 -0.34 2.62 -6.29
C SER A 21 -1.08 2.35 -7.61
N ASN A 22 -1.29 3.40 -8.39
CA ASN A 22 -1.98 3.27 -9.67
C ASN A 22 -3.48 3.07 -9.45
N LEU A 23 -4.03 3.75 -8.46
CA LEU A 23 -5.45 3.65 -8.15
C LEU A 23 -6.29 4.43 -9.17
N SER A 24 -7.41 3.83 -9.56
CA SER A 24 -8.29 4.46 -10.54
C SER A 24 -9.22 5.46 -9.86
N TYR A 25 -9.39 6.63 -10.49
CA TYR A 25 -10.25 7.68 -9.94
C TYR A 25 -11.66 7.16 -9.72
N SER A 26 -12.08 6.23 -10.58
CA SER A 26 -13.42 5.66 -10.47
C SER A 26 -13.53 4.74 -9.26
N ALA A 27 -12.39 4.33 -8.74
CA ALA A 27 -12.35 3.46 -7.57
C ALA A 27 -12.40 4.26 -6.27
N THR A 28 -13.19 3.78 -5.31
CA THR A 28 -13.32 4.46 -4.03
C THR A 28 -13.29 3.46 -2.87
N GLU A 29 -13.19 3.98 -1.65
CA GLU A 29 -13.15 3.14 -0.47
C GLU A 29 -14.11 1.96 -0.61
N GLU A 30 -15.22 2.18 -1.31
CA GLU A 30 -16.21 1.15 -1.52
C GLU A 30 -15.63 -0.02 -2.32
N THR A 31 -14.94 0.31 -3.41
CA THR A 31 -14.34 -0.71 -4.25
C THR A 31 -13.16 -1.38 -3.56
N LEU A 32 -12.39 -0.59 -2.81
CA LEU A 32 -11.24 -1.12 -2.09
C LEU A 32 -11.67 -2.06 -0.97
N GLN A 33 -12.68 -1.63 -0.21
CA GLN A 33 -13.20 -2.45 0.89
C GLN A 33 -13.56 -3.85 0.41
N GLU A 34 -13.81 -3.98 -0.89
CA GLU A 34 -14.16 -5.27 -1.46
C GLU A 34 -12.92 -6.15 -1.63
N VAL A 35 -11.85 -5.55 -2.14
CA VAL A 35 -10.60 -6.28 -2.36
C VAL A 35 -9.94 -6.64 -1.03
N PHE A 36 -9.94 -5.69 -0.10
CA PHE A 36 -9.33 -5.91 1.21
C PHE A 36 -10.40 -6.08 2.28
N GLU A 37 -10.64 -7.34 2.67
CA GLU A 37 -11.65 -7.64 3.68
C GLU A 37 -11.04 -7.60 5.09
N LYS A 38 -9.73 -7.82 5.15
CA LYS A 38 -9.02 -7.81 6.43
C LYS A 38 -8.63 -6.39 6.82
N ALA A 39 -8.58 -5.50 5.84
CA ALA A 39 -8.22 -4.11 6.09
C ALA A 39 -9.16 -3.48 7.11
N THR A 40 -8.62 -3.14 8.27
CA THR A 40 -9.41 -2.52 9.33
C THR A 40 -9.86 -1.12 8.95
N PHE A 41 -9.21 -0.55 7.93
CA PHE A 41 -9.54 0.78 7.46
C PHE A 41 -8.93 1.05 6.09
N ILE A 42 -9.63 1.82 5.27
CA ILE A 42 -9.15 2.14 3.93
C ILE A 42 -9.26 3.64 3.66
N LYS A 43 -8.21 4.20 3.08
CA LYS A 43 -8.19 5.64 2.77
C LYS A 43 -7.83 5.86 1.29
N VAL A 44 -8.54 6.77 0.65
CA VAL A 44 -8.31 7.08 -0.75
C VAL A 44 -8.28 8.59 -0.98
N PRO A 45 -7.06 9.16 -1.04
CA PRO A 45 -6.86 10.60 -1.25
C PRO A 45 -7.23 11.02 -2.67
N GLN A 46 -8.19 11.93 -2.77
CA GLN A 46 -8.64 12.43 -4.07
C GLN A 46 -8.58 13.96 -4.11
N ASN A 47 -8.49 14.50 -5.33
CA ASN A 47 -8.42 15.95 -5.52
C ASN A 47 -9.74 16.60 -5.11
N GLN A 48 -9.75 17.93 -5.13
CA GLN A 48 -10.95 18.68 -4.77
C GLN A 48 -12.09 18.39 -5.73
N ASN A 49 -11.74 17.93 -6.93
CA ASN A 49 -12.74 17.60 -7.94
C ASN A 49 -13.39 16.25 -7.66
N GLY A 50 -12.58 15.31 -7.20
CA GLY A 50 -13.09 13.98 -6.91
C GLY A 50 -12.36 12.88 -7.66
N LYS A 51 -11.05 13.08 -7.85
CA LYS A 51 -10.23 12.10 -8.55
C LYS A 51 -9.03 11.69 -7.71
N SER A 52 -8.92 10.39 -7.45
CA SER A 52 -7.81 9.86 -6.66
C SER A 52 -6.48 10.35 -7.19
N LYS A 53 -5.56 10.67 -6.28
CA LYS A 53 -4.24 11.14 -6.66
C LYS A 53 -3.45 10.06 -7.37
N GLY A 54 -3.87 8.81 -7.19
CA GLY A 54 -3.19 7.69 -7.82
C GLY A 54 -2.70 6.67 -6.82
N TYR A 55 -2.93 6.94 -5.53
CA TYR A 55 -2.50 6.04 -4.47
C TYR A 55 -3.50 6.02 -3.33
N ALA A 56 -3.33 5.08 -2.41
CA ALA A 56 -4.22 4.96 -1.26
C ALA A 56 -3.47 4.47 -0.03
N PHE A 57 -4.18 4.38 1.10
CA PHE A 57 -3.57 3.93 2.34
C PHE A 57 -4.46 2.90 3.02
N ILE A 58 -4.03 1.63 2.98
CA ILE A 58 -4.78 0.54 3.60
C ILE A 58 -4.27 0.25 5.01
N GLU A 59 -5.19 -0.02 5.92
CA GLU A 59 -4.84 -0.32 7.30
C GLU A 59 -5.30 -1.71 7.69
N PHE A 60 -4.49 -2.40 8.49
CA PHE A 60 -4.82 -3.74 8.94
C PHE A 60 -4.60 -3.89 10.44
N ALA A 61 -4.77 -5.11 10.94
CA ALA A 61 -4.59 -5.38 12.37
C ALA A 61 -3.11 -5.42 12.73
N SER A 62 -2.28 -5.84 11.79
CA SER A 62 -0.84 -5.93 12.02
C SER A 62 -0.12 -6.32 10.74
N PHE A 63 1.21 -6.24 10.77
CA PHE A 63 2.03 -6.59 9.61
C PHE A 63 1.58 -7.92 9.02
N GLU A 64 0.88 -8.72 9.82
CA GLU A 64 0.39 -10.02 9.36
C GLU A 64 -0.72 -9.85 8.32
N ASP A 65 -1.89 -9.46 8.80
CA ASP A 65 -3.04 -9.26 7.91
C ASP A 65 -2.66 -8.42 6.71
N ALA A 66 -1.88 -7.37 6.95
CA ALA A 66 -1.45 -6.48 5.87
C ALA A 66 -0.65 -7.24 4.82
N LYS A 67 0.21 -8.14 5.27
CA LYS A 67 1.04 -8.94 4.36
C LYS A 67 0.20 -10.01 3.68
N GLU A 68 -0.90 -10.40 4.32
CA GLU A 68 -1.78 -11.42 3.76
C GLU A 68 -2.48 -10.90 2.51
N ALA A 69 -2.86 -9.63 2.52
CA ALA A 69 -3.54 -9.01 1.38
C ALA A 69 -2.52 -8.41 0.41
N LEU A 70 -1.40 -7.95 0.95
CA LEU A 70 -0.35 -7.34 0.13
C LEU A 70 0.31 -8.38 -0.77
N ASN A 71 0.23 -9.65 -0.36
CA ASN A 71 0.81 -10.74 -1.14
C ASN A 71 -0.10 -11.14 -2.30
N SER A 72 -1.40 -11.09 -2.05
CA SER A 72 -2.38 -11.46 -3.07
C SER A 72 -2.83 -10.23 -3.85
N CYS A 73 -3.51 -9.31 -3.16
CA CYS A 73 -4.00 -8.09 -3.79
C CYS A 73 -2.94 -7.51 -4.73
N ASN A 74 -1.68 -7.74 -4.40
CA ASN A 74 -0.57 -7.23 -5.21
C ASN A 74 -0.94 -7.24 -6.69
N LYS A 75 -0.87 -6.07 -7.32
CA LYS A 75 -1.19 -5.94 -8.74
C LYS A 75 -2.62 -6.41 -9.01
N ARG A 76 -3.57 -5.82 -8.31
CA ARG A 76 -4.97 -6.18 -8.49
C ARG A 76 -5.61 -5.37 -9.62
N GLU A 77 -6.24 -6.06 -10.56
CA GLU A 77 -6.87 -5.42 -11.69
C GLU A 77 -8.19 -4.77 -11.27
N ILE A 78 -8.17 -3.45 -11.12
CA ILE A 78 -9.37 -2.70 -10.73
C ILE A 78 -9.64 -1.55 -11.69
N GLU A 79 -10.87 -1.47 -12.17
CA GLU A 79 -11.27 -0.41 -13.09
C GLU A 79 -10.48 -0.51 -14.40
N GLY A 80 -10.07 -1.74 -14.74
CA GLY A 80 -9.32 -1.95 -15.96
C GLY A 80 -7.84 -1.67 -15.79
N ARG A 81 -7.47 -1.16 -14.62
CA ARG A 81 -6.07 -0.86 -14.33
C ARG A 81 -5.58 -1.64 -13.11
N ALA A 82 -4.37 -2.15 -13.20
CA ALA A 82 -3.78 -2.93 -12.12
C ALA A 82 -3.29 -2.00 -11.00
N ILE A 83 -3.38 -2.48 -9.76
CA ILE A 83 -2.95 -1.70 -8.60
C ILE A 83 -1.87 -2.44 -7.82
N ARG A 84 -0.76 -1.76 -7.54
CA ARG A 84 0.33 -2.35 -6.80
C ARG A 84 0.29 -1.91 -5.33
N LEU A 85 0.74 -2.79 -4.45
CA LEU A 85 0.75 -2.51 -3.02
C LEU A 85 2.16 -2.62 -2.45
N GLU A 86 2.50 -1.73 -1.52
CA GLU A 86 3.82 -1.75 -0.89
C GLU A 86 3.74 -1.31 0.57
N LEU A 87 4.44 -2.03 1.43
CA LEU A 87 4.45 -1.72 2.86
C LEU A 87 5.00 -0.32 3.11
N GLN A 88 4.28 0.46 3.89
CA GLN A 88 4.69 1.82 4.21
C GLN A 88 5.84 1.82 5.22
N GLY A 89 6.76 2.75 5.06
CA GLY A 89 7.90 2.84 5.97
C GLY A 89 7.83 4.05 6.88
N PRO A 90 8.61 4.04 7.96
CA PRO A 90 8.65 5.14 8.93
C PRO A 90 9.31 6.38 8.36
N ARG A 91 8.99 7.54 8.94
CA ARG A 91 9.56 8.81 8.48
C ARG A 91 10.52 9.37 9.52
N GLY A 92 10.23 9.12 10.80
CA GLY A 92 11.08 9.62 11.86
C GLY A 92 11.60 11.00 11.58
N SER A 93 12.93 11.15 11.59
CA SER A 93 13.56 12.43 11.34
C SER A 93 12.83 13.55 12.08
N PRO A 94 12.66 13.36 13.41
CA PRO A 94 11.97 14.34 14.26
C PRO A 94 12.79 15.61 14.45
N ASN A 95 12.18 16.75 14.18
CA ASN A 95 12.86 18.04 14.33
C ASN A 95 13.15 18.33 15.79
N SER A 96 14.34 17.94 16.24
CA SER A 96 14.74 18.16 17.62
C SER A 96 15.40 19.53 17.79
N GLY A 97 15.62 19.92 19.04
CA GLY A 97 16.24 21.21 19.31
C GLY A 97 16.03 21.66 20.75
N PRO A 98 17.08 22.29 21.32
CA PRO A 98 17.03 22.78 22.71
C PRO A 98 16.09 23.96 22.87
N SER A 99 15.14 23.84 23.79
CA SER A 99 14.17 24.90 24.04
C SER A 99 14.22 25.34 25.50
N SER A 100 14.62 26.59 25.72
CA SER A 100 14.71 27.14 27.07
C SER A 100 13.33 27.26 27.70
N GLY A 101 13.09 26.46 28.74
CA GLY A 101 11.81 26.49 29.42
C GLY A 101 11.70 25.42 30.49
N GLY A 1 16.56 -21.95 -16.67
CA GLY A 1 16.36 -20.86 -15.73
C GLY A 1 15.00 -20.21 -15.90
N SER A 2 14.04 -20.60 -15.07
CA SER A 2 12.70 -20.04 -15.13
C SER A 2 12.23 -19.58 -13.76
N SER A 3 12.37 -20.45 -12.77
CA SER A 3 11.97 -20.12 -11.40
C SER A 3 13.09 -19.41 -10.66
N GLY A 4 12.88 -18.13 -10.36
CA GLY A 4 13.88 -17.36 -9.66
C GLY A 4 14.13 -17.87 -8.25
N SER A 5 13.36 -17.36 -7.29
CA SER A 5 13.50 -17.77 -5.90
C SER A 5 14.98 -17.90 -5.52
N SER A 6 15.78 -16.93 -5.95
CA SER A 6 17.21 -16.93 -5.66
C SER A 6 17.49 -16.22 -4.34
N GLY A 7 18.39 -16.79 -3.55
CA GLY A 7 18.74 -16.20 -2.27
C GLY A 7 17.77 -16.59 -1.17
N ASN A 8 17.37 -15.61 -0.36
CA ASN A 8 16.44 -15.85 0.74
C ASN A 8 15.70 -14.58 1.12
N SER A 9 14.38 -14.62 1.03
CA SER A 9 13.55 -13.46 1.36
C SER A 9 13.59 -13.18 2.87
N THR A 10 13.88 -11.94 3.22
CA THR A 10 13.94 -11.54 4.61
C THR A 10 13.42 -10.12 4.82
N TRP A 11 12.47 -9.97 5.74
CA TRP A 11 11.89 -8.66 6.03
C TRP A 11 11.55 -8.53 7.50
N SER A 12 11.99 -7.43 8.11
CA SER A 12 11.73 -7.18 9.53
C SER A 12 11.06 -5.83 9.72
N GLY A 13 10.29 -5.40 8.73
CA GLY A 13 9.60 -4.13 8.82
C GLY A 13 8.12 -4.28 9.09
N GLU A 14 7.78 -5.15 10.04
CA GLU A 14 6.39 -5.39 10.39
C GLU A 14 5.56 -4.12 10.26
N SER A 15 4.73 -4.06 9.24
CA SER A 15 3.88 -2.90 8.99
C SER A 15 2.45 -3.31 8.69
N LYS A 16 1.49 -2.61 9.30
CA LYS A 16 0.09 -2.91 9.09
C LYS A 16 -0.56 -1.87 8.17
N THR A 17 0.27 -1.05 7.54
CA THR A 17 -0.21 -0.01 6.64
C THR A 17 0.31 -0.23 5.22
N LEU A 18 -0.58 -0.64 4.32
CA LEU A 18 -0.21 -0.89 2.93
C LEU A 18 -0.45 0.35 2.08
N VAL A 19 0.51 0.66 1.22
CA VAL A 19 0.41 1.82 0.34
C VAL A 19 0.04 1.40 -1.08
N LEU A 20 -1.10 1.88 -1.55
CA LEU A 20 -1.57 1.56 -2.89
C LEU A 20 -1.07 2.57 -3.90
N SER A 21 -0.74 2.09 -5.10
CA SER A 21 -0.25 2.97 -6.16
C SER A 21 -0.95 2.68 -7.48
N ASN A 22 -1.20 3.73 -8.25
CA ASN A 22 -1.87 3.59 -9.54
C ASN A 22 -3.36 3.33 -9.36
N LEU A 23 -3.95 3.96 -8.34
CA LEU A 23 -5.36 3.81 -8.05
C LEU A 23 -6.22 4.58 -9.06
N SER A 24 -7.27 3.93 -9.54
CA SER A 24 -8.16 4.56 -10.52
C SER A 24 -9.07 5.58 -9.84
N TYR A 25 -9.24 6.73 -10.49
CA TYR A 25 -10.09 7.79 -9.96
C TYR A 25 -11.50 7.30 -9.73
N SER A 26 -11.89 6.26 -10.44
CA SER A 26 -13.22 5.69 -10.32
C SER A 26 -13.31 4.77 -9.10
N ALA A 27 -12.15 4.30 -8.65
CA ALA A 27 -12.09 3.40 -7.50
C ALA A 27 -12.28 4.18 -6.19
N THR A 28 -13.16 3.67 -5.34
CA THR A 28 -13.43 4.32 -4.06
C THR A 28 -13.35 3.32 -2.90
N GLU A 29 -13.33 3.83 -1.69
CA GLU A 29 -13.26 2.98 -0.50
C GLU A 29 -14.17 1.77 -0.64
N GLU A 30 -15.24 1.94 -1.42
CA GLU A 30 -16.20 0.86 -1.64
C GLU A 30 -15.55 -0.33 -2.35
N THR A 31 -14.88 -0.04 -3.46
CA THR A 31 -14.20 -1.07 -4.24
C THR A 31 -13.05 -1.68 -3.45
N LEU A 32 -12.34 -0.84 -2.72
CA LEU A 32 -11.20 -1.31 -1.92
C LEU A 32 -11.66 -2.24 -0.80
N GLN A 33 -12.80 -1.92 -0.21
CA GLN A 33 -13.35 -2.72 0.87
C GLN A 33 -13.61 -4.16 0.41
N GLU A 34 -13.70 -4.34 -0.91
CA GLU A 34 -13.95 -5.66 -1.48
C GLU A 34 -12.64 -6.43 -1.63
N VAL A 35 -11.58 -5.73 -2.03
CA VAL A 35 -10.28 -6.35 -2.21
C VAL A 35 -9.62 -6.65 -0.87
N PHE A 36 -9.81 -5.76 0.09
CA PHE A 36 -9.24 -5.93 1.42
C PHE A 36 -10.34 -6.08 2.47
N GLU A 37 -10.61 -7.32 2.87
CA GLU A 37 -11.63 -7.59 3.86
C GLU A 37 -11.07 -7.46 5.27
N LYS A 38 -9.78 -7.76 5.43
CA LYS A 38 -9.12 -7.67 6.72
C LYS A 38 -8.73 -6.22 7.04
N ALA A 39 -8.67 -5.39 6.00
CA ALA A 39 -8.31 -3.99 6.16
C ALA A 39 -9.16 -3.33 7.24
N THR A 40 -8.54 -3.03 8.39
CA THR A 40 -9.24 -2.41 9.50
C THR A 40 -9.69 -0.99 9.14
N PHE A 41 -9.11 -0.45 8.06
CA PHE A 41 -9.45 0.89 7.61
C PHE A 41 -8.85 1.17 6.24
N ILE A 42 -9.61 1.85 5.39
CA ILE A 42 -9.15 2.19 4.05
C ILE A 42 -9.28 3.68 3.78
N LYS A 43 -8.23 4.28 3.22
CA LYS A 43 -8.22 5.70 2.92
C LYS A 43 -7.89 5.93 1.45
N VAL A 44 -8.65 6.81 0.80
CA VAL A 44 -8.42 7.13 -0.60
C VAL A 44 -8.44 8.63 -0.84
N PRO A 45 -7.24 9.23 -0.95
CA PRO A 45 -7.09 10.67 -1.17
C PRO A 45 -7.53 11.09 -2.57
N GLN A 46 -8.61 11.87 -2.64
CA GLN A 46 -9.13 12.33 -3.91
C GLN A 46 -9.29 13.84 -3.92
N ASN A 47 -9.38 14.43 -5.11
CA ASN A 47 -9.54 15.88 -5.25
C ASN A 47 -10.95 16.30 -4.85
N GLN A 48 -11.17 17.62 -4.84
CA GLN A 48 -12.48 18.16 -4.48
C GLN A 48 -13.51 17.87 -5.56
N ASN A 49 -13.04 17.36 -6.70
CA ASN A 49 -13.92 17.04 -7.81
C ASN A 49 -14.42 15.60 -7.73
N GLY A 50 -13.60 14.74 -7.13
CA GLY A 50 -13.97 13.35 -6.99
C GLY A 50 -13.05 12.42 -7.77
N LYS A 51 -11.76 12.75 -7.78
CA LYS A 51 -10.78 11.93 -8.50
C LYS A 51 -9.58 11.62 -7.61
N SER A 52 -9.31 10.34 -7.44
CA SER A 52 -8.19 9.90 -6.61
C SER A 52 -6.86 10.43 -7.16
N LYS A 53 -5.96 10.80 -6.26
CA LYS A 53 -4.66 11.32 -6.65
C LYS A 53 -3.85 10.26 -7.38
N GLY A 54 -4.17 9.00 -7.14
CA GLY A 54 -3.47 7.91 -7.78
C GLY A 54 -2.90 6.91 -6.78
N TYR A 55 -3.20 7.12 -5.51
CA TYR A 55 -2.72 6.24 -4.45
C TYR A 55 -3.72 6.15 -3.30
N ALA A 56 -3.51 5.19 -2.41
CA ALA A 56 -4.39 5.00 -1.27
C ALA A 56 -3.64 4.44 -0.07
N PHE A 57 -4.27 4.48 1.10
CA PHE A 57 -3.65 3.99 2.33
C PHE A 57 -4.53 2.93 2.98
N ILE A 58 -4.02 1.71 3.06
CA ILE A 58 -4.74 0.61 3.67
C ILE A 58 -4.23 0.31 5.07
N GLU A 59 -5.15 0.04 5.99
CA GLU A 59 -4.79 -0.26 7.37
C GLU A 59 -5.26 -1.66 7.76
N PHE A 60 -4.44 -2.36 8.54
CA PHE A 60 -4.77 -3.70 8.99
C PHE A 60 -4.56 -3.85 10.49
N ALA A 61 -4.88 -5.02 11.01
CA ALA A 61 -4.73 -5.29 12.44
C ALA A 61 -3.26 -5.37 12.83
N SER A 62 -2.44 -5.90 11.93
CA SER A 62 -1.01 -6.04 12.18
C SER A 62 -0.27 -6.48 10.91
N PHE A 63 1.04 -6.62 11.02
CA PHE A 63 1.86 -7.04 9.88
C PHE A 63 1.39 -8.39 9.35
N GLU A 64 0.55 -9.06 10.11
CA GLU A 64 0.04 -10.36 9.71
C GLU A 64 -1.01 -10.23 8.60
N ASP A 65 -2.13 -9.61 8.94
CA ASP A 65 -3.21 -9.41 7.98
C ASP A 65 -2.75 -8.56 6.81
N ALA A 66 -1.93 -7.55 7.11
CA ALA A 66 -1.42 -6.65 6.08
C ALA A 66 -0.66 -7.42 5.00
N LYS A 67 0.31 -8.24 5.43
CA LYS A 67 1.11 -9.03 4.51
C LYS A 67 0.26 -10.10 3.85
N GLU A 68 -0.86 -10.44 4.48
CA GLU A 68 -1.76 -11.47 3.94
C GLU A 68 -2.46 -10.96 2.69
N ALA A 69 -2.82 -9.68 2.69
CA ALA A 69 -3.50 -9.08 1.55
C ALA A 69 -2.50 -8.49 0.56
N LEU A 70 -1.34 -8.07 1.07
CA LEU A 70 -0.30 -7.49 0.23
C LEU A 70 0.34 -8.56 -0.64
N ASN A 71 0.25 -9.81 -0.21
CA ASN A 71 0.82 -10.92 -0.97
C ASN A 71 -0.04 -11.27 -2.17
N SER A 72 -1.34 -11.17 -2.01
CA SER A 72 -2.28 -11.47 -3.09
C SER A 72 -2.70 -10.20 -3.82
N CYS A 73 -3.43 -9.33 -3.12
CA CYS A 73 -3.89 -8.08 -3.69
C CYS A 73 -2.83 -7.47 -4.60
N ASN A 74 -1.57 -7.72 -4.28
CA ASN A 74 -0.46 -7.20 -5.07
C ASN A 74 -0.83 -7.14 -6.55
N LYS A 75 -0.76 -5.94 -7.12
CA LYS A 75 -1.07 -5.75 -8.53
C LYS A 75 -2.50 -6.20 -8.83
N ARG A 76 -3.46 -5.66 -8.10
CA ARG A 76 -4.86 -6.01 -8.28
C ARG A 76 -5.50 -5.15 -9.37
N GLU A 77 -6.03 -5.79 -10.40
CA GLU A 77 -6.66 -5.08 -11.51
C GLU A 77 -8.01 -4.51 -11.08
N ILE A 78 -8.04 -3.20 -10.83
CA ILE A 78 -9.27 -2.55 -10.42
C ILE A 78 -9.67 -1.46 -11.41
N GLU A 79 -10.93 -1.50 -11.85
CA GLU A 79 -11.43 -0.52 -12.81
C GLU A 79 -10.57 -0.49 -14.06
N GLY A 80 -9.99 -1.64 -14.41
CA GLY A 80 -9.15 -1.72 -15.58
C GLY A 80 -7.76 -1.15 -15.35
N ARG A 81 -7.37 -1.05 -14.08
CA ARG A 81 -6.06 -0.51 -13.72
C ARG A 81 -5.42 -1.34 -12.62
N ALA A 82 -4.22 -1.84 -12.88
CA ALA A 82 -3.49 -2.65 -11.91
C ALA A 82 -3.01 -1.80 -10.74
N ILE A 83 -3.38 -2.20 -9.53
CA ILE A 83 -2.98 -1.47 -8.33
C ILE A 83 -1.89 -2.22 -7.57
N ARG A 84 -0.81 -1.51 -7.24
CA ARG A 84 0.30 -2.11 -6.51
C ARG A 84 0.27 -1.70 -5.04
N LEU A 85 0.72 -2.60 -4.17
CA LEU A 85 0.74 -2.33 -2.74
C LEU A 85 2.16 -2.45 -2.19
N GLU A 86 2.51 -1.54 -1.27
CA GLU A 86 3.83 -1.54 -0.67
C GLU A 86 3.76 -1.13 0.80
N LEU A 87 4.45 -1.88 1.65
CA LEU A 87 4.48 -1.58 3.08
C LEU A 87 5.05 -0.20 3.35
N GLN A 88 4.25 0.66 3.99
CA GLN A 88 4.68 2.01 4.31
C GLN A 88 5.91 1.99 5.22
N GLY A 89 6.73 3.04 5.11
CA GLY A 89 7.93 3.13 5.92
C GLY A 89 7.65 3.70 7.29
N PRO A 90 8.56 3.45 8.25
CA PRO A 90 8.43 3.95 9.62
C PRO A 90 8.61 5.45 9.72
N ARG A 91 7.60 6.15 10.21
CA ARG A 91 7.65 7.59 10.35
C ARG A 91 7.89 7.99 11.80
N GLY A 92 9.16 8.17 12.16
CA GLY A 92 9.49 8.54 13.53
C GLY A 92 10.98 8.42 13.81
N SER A 93 11.35 8.59 15.07
CA SER A 93 12.75 8.49 15.46
C SER A 93 12.87 8.21 16.96
N PRO A 94 13.88 7.41 17.33
CA PRO A 94 14.13 7.05 18.73
C PRO A 94 14.64 8.22 19.55
N ASN A 95 14.45 8.15 20.87
CA ASN A 95 14.90 9.20 21.76
C ASN A 95 15.32 8.64 23.11
N SER A 96 16.57 8.88 23.49
CA SER A 96 17.09 8.38 24.76
C SER A 96 18.15 9.35 25.32
N GLY A 97 18.65 9.03 26.51
CA GLY A 97 19.65 9.87 27.13
C GLY A 97 19.04 10.90 28.07
N PRO A 98 19.90 11.74 28.67
CA PRO A 98 19.47 12.79 29.60
C PRO A 98 18.72 13.92 28.89
N SER A 99 18.62 13.82 27.57
CA SER A 99 17.94 14.82 26.77
C SER A 99 18.56 16.20 26.99
N SER A 100 19.89 16.25 26.98
CA SER A 100 20.61 17.51 27.18
C SER A 100 20.97 18.15 25.84
N GLY A 101 20.92 19.47 25.80
CA GLY A 101 21.24 20.19 24.58
C GLY A 101 20.19 20.01 23.51
N GLY A 1 7.71 -27.23 19.32
CA GLY A 1 8.67 -26.21 19.73
C GLY A 1 8.26 -24.83 19.28
N SER A 2 9.09 -24.21 18.43
CA SER A 2 8.82 -22.87 17.93
C SER A 2 8.79 -22.85 16.40
N SER A 3 7.62 -22.60 15.83
CA SER A 3 7.47 -22.55 14.39
C SER A 3 6.83 -21.23 13.95
N GLY A 4 6.89 -20.96 12.64
CA GLY A 4 6.33 -19.73 12.11
C GLY A 4 5.78 -19.90 10.71
N SER A 5 5.99 -18.90 9.86
CA SER A 5 5.51 -18.94 8.49
C SER A 5 6.67 -18.82 7.51
N SER A 6 6.65 -19.66 6.48
CA SER A 6 7.70 -19.65 5.47
C SER A 6 7.77 -18.29 4.76
N GLY A 7 8.98 -17.79 4.57
CA GLY A 7 9.17 -16.51 3.91
C GLY A 7 10.52 -16.39 3.24
N ASN A 8 10.55 -15.69 2.11
CA ASN A 8 11.79 -15.50 1.36
C ASN A 8 12.10 -14.02 1.18
N SER A 9 11.09 -13.27 0.75
CA SER A 9 11.25 -11.83 0.52
C SER A 9 10.80 -11.04 1.75
N THR A 10 11.75 -10.65 2.58
CA THR A 10 11.46 -9.88 3.79
C THR A 10 12.32 -8.62 3.87
N TRP A 11 11.68 -7.50 4.19
CA TRP A 11 12.40 -6.23 4.29
C TRP A 11 12.84 -5.98 5.73
N SER A 12 13.18 -7.05 6.44
CA SER A 12 13.62 -6.95 7.83
C SER A 12 12.83 -5.87 8.56
N GLY A 13 11.54 -5.80 8.29
CA GLY A 13 10.71 -4.80 8.94
C GLY A 13 9.28 -5.27 9.13
N GLU A 14 8.48 -4.49 9.85
CA GLU A 14 7.09 -4.84 10.11
C GLU A 14 6.19 -3.63 9.90
N SER A 15 5.23 -3.77 8.98
CA SER A 15 4.29 -2.69 8.68
C SER A 15 2.92 -3.25 8.32
N LYS A 16 1.93 -2.90 9.13
CA LYS A 16 0.56 -3.36 8.90
C LYS A 16 -0.16 -2.46 7.88
N THR A 17 0.36 -1.25 7.72
CA THR A 17 -0.23 -0.30 6.77
C THR A 17 0.32 -0.49 5.37
N LEU A 18 -0.58 -0.67 4.41
CA LEU A 18 -0.18 -0.87 3.02
C LEU A 18 -0.42 0.39 2.20
N VAL A 19 0.44 0.62 1.21
CA VAL A 19 0.32 1.80 0.35
C VAL A 19 -0.09 1.39 -1.07
N LEU A 20 -1.28 1.80 -1.48
CA LEU A 20 -1.79 1.48 -2.80
C LEU A 20 -1.38 2.56 -3.81
N SER A 21 -0.97 2.11 -5.00
CA SER A 21 -0.55 3.03 -6.05
C SER A 21 -1.24 2.70 -7.37
N ASN A 22 -1.49 3.73 -8.17
CA ASN A 22 -2.15 3.56 -9.46
C ASN A 22 -3.64 3.29 -9.27
N LEU A 23 -4.25 3.98 -8.31
CA LEU A 23 -5.67 3.81 -8.04
C LEU A 23 -6.52 4.62 -9.01
N SER A 24 -7.55 3.99 -9.56
CA SER A 24 -8.43 4.66 -10.51
C SER A 24 -9.42 5.57 -9.78
N TYR A 25 -9.57 6.78 -10.30
CA TYR A 25 -10.48 7.76 -9.69
C TYR A 25 -11.88 7.16 -9.52
N SER A 26 -12.24 6.26 -10.42
CA SER A 26 -13.55 5.61 -10.38
C SER A 26 -13.66 4.69 -9.16
N ALA A 27 -12.51 4.25 -8.66
CA ALA A 27 -12.48 3.37 -7.51
C ALA A 27 -12.43 4.16 -6.21
N THR A 28 -13.19 3.71 -5.21
CA THR A 28 -13.24 4.38 -3.92
C THR A 28 -13.18 3.37 -2.77
N GLU A 29 -13.09 3.88 -1.55
CA GLU A 29 -13.03 3.03 -0.37
C GLU A 29 -14.00 1.86 -0.49
N GLU A 30 -15.09 2.07 -1.24
CA GLU A 30 -16.09 1.03 -1.43
C GLU A 30 -15.49 -0.18 -2.16
N THR A 31 -14.87 0.09 -3.31
CA THR A 31 -14.26 -0.96 -4.11
C THR A 31 -13.12 -1.63 -3.35
N LEU A 32 -12.34 -0.83 -2.63
CA LEU A 32 -11.21 -1.34 -1.86
C LEU A 32 -11.69 -2.27 -0.73
N GLN A 33 -12.78 -1.88 -0.09
CA GLN A 33 -13.34 -2.68 1.00
C GLN A 33 -13.63 -4.10 0.54
N GLU A 34 -13.77 -4.27 -0.77
CA GLU A 34 -14.05 -5.59 -1.34
C GLU A 34 -12.76 -6.39 -1.53
N VAL A 35 -11.72 -5.70 -1.99
CA VAL A 35 -10.42 -6.34 -2.21
C VAL A 35 -9.74 -6.68 -0.89
N PHE A 36 -9.83 -5.77 0.07
CA PHE A 36 -9.21 -5.97 1.37
C PHE A 36 -10.28 -6.18 2.45
N GLU A 37 -10.49 -7.44 2.81
CA GLU A 37 -11.48 -7.78 3.83
C GLU A 37 -10.89 -7.67 5.23
N LYS A 38 -9.57 -7.82 5.31
CA LYS A 38 -8.87 -7.74 6.60
C LYS A 38 -8.53 -6.30 6.94
N ALA A 39 -8.51 -5.43 5.92
CA ALA A 39 -8.21 -4.02 6.12
C ALA A 39 -9.12 -3.41 7.19
N THR A 40 -8.55 -3.11 8.34
CA THR A 40 -9.30 -2.51 9.44
C THR A 40 -9.77 -1.11 9.09
N PHE A 41 -9.11 -0.50 8.12
CA PHE A 41 -9.45 0.86 7.68
C PHE A 41 -8.83 1.17 6.32
N ILE A 42 -9.61 1.80 5.45
CA ILE A 42 -9.14 2.16 4.12
C ILE A 42 -9.28 3.65 3.87
N LYS A 43 -8.21 4.27 3.38
CA LYS A 43 -8.21 5.70 3.09
C LYS A 43 -7.86 5.96 1.64
N VAL A 44 -8.65 6.79 0.98
CA VAL A 44 -8.43 7.14 -0.43
C VAL A 44 -8.54 8.64 -0.65
N PRO A 45 -7.39 9.32 -0.67
CA PRO A 45 -7.34 10.78 -0.88
C PRO A 45 -7.70 11.17 -2.31
N GLN A 46 -8.70 12.03 -2.44
CA GLN A 46 -9.15 12.49 -3.75
C GLN A 46 -8.94 13.99 -3.90
N ASN A 47 -9.29 14.51 -5.08
CA ASN A 47 -9.14 15.94 -5.35
C ASN A 47 -10.43 16.69 -5.01
N GLN A 48 -10.34 18.02 -5.04
CA GLN A 48 -11.51 18.86 -4.74
C GLN A 48 -12.72 18.42 -5.56
N ASN A 49 -12.47 17.91 -6.75
CA ASN A 49 -13.55 17.46 -7.63
C ASN A 49 -14.06 16.09 -7.19
N GLY A 50 -13.14 15.16 -6.95
CA GLY A 50 -13.52 13.83 -6.54
C GLY A 50 -12.72 12.75 -7.24
N LYS A 51 -11.47 13.06 -7.58
CA LYS A 51 -10.62 12.10 -8.26
C LYS A 51 -9.47 11.67 -7.36
N SER A 52 -9.31 10.35 -7.20
CA SER A 52 -8.25 9.81 -6.36
C SER A 52 -6.88 10.27 -6.85
N LYS A 53 -6.11 10.87 -5.95
CA LYS A 53 -4.78 11.36 -6.29
C LYS A 53 -4.00 10.30 -7.07
N GLY A 54 -4.34 9.04 -6.86
CA GLY A 54 -3.67 7.96 -7.56
C GLY A 54 -3.10 6.92 -6.60
N TYR A 55 -3.39 7.09 -5.32
CA TYR A 55 -2.90 6.15 -4.30
C TYR A 55 -3.91 6.02 -3.16
N ALA A 56 -3.59 5.15 -2.22
CA ALA A 56 -4.47 4.92 -1.06
C ALA A 56 -3.68 4.35 0.12
N PHE A 57 -4.22 4.52 1.31
CA PHE A 57 -3.57 4.03 2.52
C PHE A 57 -4.44 2.98 3.21
N ILE A 58 -4.02 1.72 3.12
CA ILE A 58 -4.76 0.62 3.73
C ILE A 58 -4.24 0.32 5.14
N GLU A 59 -5.15 0.02 6.05
CA GLU A 59 -4.79 -0.28 7.43
C GLU A 59 -5.26 -1.68 7.83
N PHE A 60 -4.43 -2.40 8.57
CA PHE A 60 -4.76 -3.74 9.02
C PHE A 60 -4.53 -3.90 10.51
N ALA A 61 -4.70 -5.11 11.01
CA ALA A 61 -4.51 -5.40 12.43
C ALA A 61 -3.03 -5.40 12.79
N SER A 62 -2.20 -5.83 11.84
CA SER A 62 -0.76 -5.89 12.05
C SER A 62 -0.03 -6.24 10.77
N PHE A 63 1.30 -6.23 10.82
CA PHE A 63 2.11 -6.55 9.65
C PHE A 63 1.70 -7.88 9.05
N GLU A 64 0.95 -8.67 9.81
CA GLU A 64 0.48 -9.97 9.34
C GLU A 64 -0.65 -9.81 8.33
N ASP A 65 -1.82 -9.42 8.81
CA ASP A 65 -2.98 -9.23 7.95
C ASP A 65 -2.60 -8.44 6.70
N ALA A 66 -1.84 -7.36 6.89
CA ALA A 66 -1.41 -6.52 5.78
C ALA A 66 -0.64 -7.34 4.75
N LYS A 67 0.34 -8.08 5.21
CA LYS A 67 1.16 -8.91 4.32
C LYS A 67 0.31 -9.97 3.64
N GLU A 68 -0.75 -10.41 4.31
CA GLU A 68 -1.64 -11.43 3.77
C GLU A 68 -2.40 -10.89 2.55
N ALA A 69 -2.79 -9.62 2.63
CA ALA A 69 -3.54 -8.99 1.55
C ALA A 69 -2.58 -8.37 0.53
N LEU A 70 -1.41 -7.96 1.00
CA LEU A 70 -0.41 -7.36 0.13
C LEU A 70 0.22 -8.38 -0.80
N ASN A 71 0.15 -9.65 -0.38
CA ASN A 71 0.72 -10.74 -1.18
C ASN A 71 -0.19 -11.08 -2.36
N SER A 72 -1.50 -10.95 -2.16
CA SER A 72 -2.47 -11.25 -3.21
C SER A 72 -2.90 -9.97 -3.90
N CYS A 73 -3.59 -9.09 -3.17
CA CYS A 73 -4.07 -7.82 -3.72
C CYS A 73 -3.02 -7.22 -4.64
N ASN A 74 -1.76 -7.56 -4.42
CA ASN A 74 -0.67 -7.04 -5.24
C ASN A 74 -1.04 -7.05 -6.72
N LYS A 75 -0.69 -5.98 -7.42
CA LYS A 75 -0.98 -5.87 -8.85
C LYS A 75 -2.39 -6.35 -9.15
N ARG A 76 -3.36 -5.80 -8.45
CA ARG A 76 -4.76 -6.17 -8.65
C ARG A 76 -5.42 -5.27 -9.69
N GLU A 77 -5.97 -5.90 -10.73
CA GLU A 77 -6.63 -5.17 -11.80
C GLU A 77 -7.99 -4.63 -11.34
N ILE A 78 -8.05 -3.34 -11.06
CA ILE A 78 -9.29 -2.71 -10.63
C ILE A 78 -9.67 -1.55 -11.54
N GLU A 79 -10.93 -1.56 -11.99
CA GLU A 79 -11.42 -0.50 -12.87
C GLU A 79 -10.58 -0.42 -14.15
N GLY A 80 -10.03 -1.56 -14.56
CA GLY A 80 -9.22 -1.61 -15.76
C GLY A 80 -7.83 -1.05 -15.54
N ARG A 81 -7.49 -0.79 -14.28
CA ARG A 81 -6.17 -0.25 -13.94
C ARG A 81 -5.52 -1.09 -12.84
N ALA A 82 -4.34 -1.62 -13.15
CA ALA A 82 -3.60 -2.44 -12.19
C ALA A 82 -3.22 -1.63 -10.96
N ILE A 83 -3.42 -2.20 -9.78
CA ILE A 83 -3.10 -1.54 -8.52
C ILE A 83 -1.97 -2.26 -7.80
N ARG A 84 -0.97 -1.50 -7.36
CA ARG A 84 0.17 -2.06 -6.64
C ARG A 84 0.15 -1.64 -5.17
N LEU A 85 0.63 -2.51 -4.30
CA LEU A 85 0.67 -2.23 -2.87
C LEU A 85 2.09 -2.35 -2.34
N GLU A 86 2.46 -1.44 -1.45
CA GLU A 86 3.80 -1.43 -0.86
C GLU A 86 3.74 -1.00 0.61
N LEU A 87 4.48 -1.72 1.45
CA LEU A 87 4.52 -1.42 2.88
C LEU A 87 5.07 -0.01 3.12
N GLN A 88 4.35 0.77 3.92
CA GLN A 88 4.76 2.13 4.23
C GLN A 88 5.99 2.13 5.14
N GLY A 89 6.78 3.19 5.06
CA GLY A 89 7.97 3.30 5.88
C GLY A 89 8.96 4.33 5.34
N PRO A 90 9.88 4.77 6.21
CA PRO A 90 10.89 5.77 5.84
C PRO A 90 11.93 5.20 4.88
N ARG A 91 11.64 5.32 3.58
CA ARG A 91 12.55 4.82 2.55
C ARG A 91 12.76 5.87 1.46
N GLY A 92 13.88 5.77 0.76
CA GLY A 92 14.18 6.72 -0.31
C GLY A 92 14.56 8.08 0.22
N SER A 93 15.56 8.11 1.10
CA SER A 93 16.03 9.36 1.68
C SER A 93 17.53 9.33 1.94
N PRO A 94 18.26 10.24 1.30
CA PRO A 94 19.73 10.33 1.44
C PRO A 94 20.15 10.82 2.82
N ASN A 95 21.41 10.61 3.17
CA ASN A 95 21.94 11.03 4.46
C ASN A 95 22.27 12.52 4.46
N SER A 96 21.57 13.28 5.28
CA SER A 96 21.80 14.72 5.38
C SER A 96 23.28 15.03 5.59
N GLY A 97 23.86 15.76 4.65
CA GLY A 97 25.27 16.12 4.76
C GLY A 97 25.48 17.61 4.96
N PRO A 98 26.64 17.98 5.54
CA PRO A 98 26.97 19.38 5.79
C PRO A 98 27.27 20.14 4.50
N SER A 99 26.46 21.17 4.23
CA SER A 99 26.63 21.98 3.03
C SER A 99 27.87 22.86 3.15
N SER A 100 28.63 22.95 2.06
CA SER A 100 29.85 23.75 2.04
C SER A 100 29.53 25.20 1.63
N GLY A 101 30.14 26.14 2.33
CA GLY A 101 29.91 27.55 2.03
C GLY A 101 29.49 28.35 3.24
N GLY A 1 12.34 10.78 -5.99
CA GLY A 1 12.40 9.46 -6.60
C GLY A 1 11.05 8.77 -6.64
N SER A 2 10.66 8.31 -7.82
CA SER A 2 9.37 7.64 -7.99
C SER A 2 9.57 6.26 -8.60
N SER A 3 10.23 6.21 -9.75
CA SER A 3 10.47 4.94 -10.44
C SER A 3 11.22 3.98 -9.53
N GLY A 4 10.76 2.73 -9.50
CA GLY A 4 11.40 1.72 -8.69
C GLY A 4 11.22 1.98 -7.20
N SER A 5 12.34 2.13 -6.48
CA SER A 5 12.30 2.38 -5.05
C SER A 5 11.65 1.21 -4.32
N SER A 6 12.00 -0.01 -4.72
CA SER A 6 11.45 -1.20 -4.10
C SER A 6 12.57 -2.12 -3.60
N GLY A 7 12.36 -2.70 -2.42
CA GLY A 7 13.36 -3.59 -1.84
C GLY A 7 12.89 -5.03 -1.80
N ASN A 8 13.44 -5.85 -2.68
CA ASN A 8 13.07 -7.26 -2.74
C ASN A 8 13.18 -7.91 -1.37
N SER A 9 14.30 -7.68 -0.70
CA SER A 9 14.53 -8.24 0.64
C SER A 9 13.77 -7.45 1.69
N THR A 10 13.35 -8.14 2.75
CA THR A 10 12.61 -7.51 3.84
C THR A 10 13.36 -6.29 4.37
N TRP A 11 12.80 -5.67 5.39
CA TRP A 11 13.41 -4.49 6.00
C TRP A 11 13.39 -4.59 7.52
N SER A 12 13.51 -5.81 8.04
CA SER A 12 13.51 -6.03 9.47
C SER A 12 12.50 -5.11 10.16
N GLY A 13 11.29 -5.06 9.64
CA GLY A 13 10.26 -4.22 10.21
C GLY A 13 8.86 -4.80 10.03
N GLU A 14 7.91 -4.29 10.81
CA GLU A 14 6.54 -4.77 10.73
C GLU A 14 5.59 -3.61 10.44
N SER A 15 5.04 -3.58 9.22
CA SER A 15 4.13 -2.53 8.82
C SER A 15 2.77 -3.12 8.41
N LYS A 16 1.73 -2.77 9.17
CA LYS A 16 0.39 -3.26 8.88
C LYS A 16 -0.31 -2.37 7.86
N THR A 17 0.26 -1.20 7.61
CA THR A 17 -0.32 -0.25 6.66
C THR A 17 0.22 -0.51 5.25
N LEU A 18 -0.68 -0.83 4.33
CA LEU A 18 -0.30 -1.09 2.95
C LEU A 18 -0.50 0.14 2.07
N VAL A 19 0.44 0.40 1.17
CA VAL A 19 0.35 1.55 0.28
C VAL A 19 0.00 1.11 -1.14
N LEU A 20 -1.12 1.63 -1.65
CA LEU A 20 -1.57 1.29 -2.99
C LEU A 20 -1.06 2.30 -4.01
N SER A 21 -0.70 1.81 -5.19
CA SER A 21 -0.19 2.69 -6.25
C SER A 21 -0.94 2.45 -7.56
N ASN A 22 -1.18 3.53 -8.29
CA ASN A 22 -1.89 3.45 -9.56
C ASN A 22 -3.38 3.25 -9.33
N LEU A 23 -3.93 3.98 -8.36
CA LEU A 23 -5.35 3.88 -8.04
C LEU A 23 -6.19 4.63 -9.06
N SER A 24 -7.16 3.93 -9.66
CA SER A 24 -8.03 4.52 -10.66
C SER A 24 -8.97 5.55 -10.02
N TYR A 25 -9.14 6.68 -10.69
CA TYR A 25 -10.01 7.74 -10.20
C TYR A 25 -11.41 7.20 -9.92
N SER A 26 -11.85 6.26 -10.75
CA SER A 26 -13.18 5.67 -10.59
C SER A 26 -13.23 4.77 -9.36
N ALA A 27 -12.07 4.35 -8.89
CA ALA A 27 -11.98 3.49 -7.72
C ALA A 27 -12.15 4.28 -6.44
N THR A 28 -12.96 3.76 -5.52
CA THR A 28 -13.21 4.42 -4.24
C THR A 28 -13.17 3.43 -3.09
N GLU A 29 -13.12 3.95 -1.87
CA GLU A 29 -13.07 3.11 -0.68
C GLU A 29 -14.06 1.95 -0.80
N GLU A 30 -15.16 2.17 -1.50
CA GLU A 30 -16.17 1.15 -1.69
C GLU A 30 -15.59 -0.07 -2.42
N THR A 31 -14.86 0.21 -3.50
CA THR A 31 -14.25 -0.85 -4.29
C THR A 31 -13.14 -1.55 -3.51
N LEU A 32 -12.31 -0.75 -2.84
CA LEU A 32 -11.20 -1.28 -2.07
C LEU A 32 -11.70 -2.21 -0.96
N GLN A 33 -12.74 -1.77 -0.26
CA GLN A 33 -13.32 -2.55 0.83
C GLN A 33 -13.66 -3.96 0.34
N GLU A 34 -13.82 -4.11 -0.96
CA GLU A 34 -14.15 -5.41 -1.55
C GLU A 34 -12.90 -6.27 -1.74
N VAL A 35 -11.83 -5.63 -2.19
CA VAL A 35 -10.56 -6.33 -2.41
C VAL A 35 -9.92 -6.74 -1.09
N PHE A 36 -9.94 -5.84 -0.12
CA PHE A 36 -9.38 -6.11 1.19
C PHE A 36 -10.46 -6.23 2.25
N GLU A 37 -10.72 -7.46 2.69
CA GLU A 37 -11.74 -7.71 3.70
C GLU A 37 -11.15 -7.60 5.11
N LYS A 38 -9.84 -7.80 5.22
CA LYS A 38 -9.15 -7.72 6.50
C LYS A 38 -8.81 -6.27 6.84
N ALA A 39 -8.75 -5.43 5.81
CA ALA A 39 -8.43 -4.01 6.01
C ALA A 39 -9.33 -3.38 7.06
N THR A 40 -8.75 -3.06 8.21
CA THR A 40 -9.50 -2.44 9.29
C THR A 40 -9.90 -1.02 8.96
N PHE A 41 -9.25 -0.44 7.95
CA PHE A 41 -9.53 0.91 7.52
C PHE A 41 -8.89 1.21 6.17
N ILE A 42 -9.65 1.86 5.30
CA ILE A 42 -9.16 2.21 3.97
C ILE A 42 -9.26 3.71 3.71
N LYS A 43 -8.19 4.28 3.18
CA LYS A 43 -8.17 5.71 2.88
C LYS A 43 -7.74 5.96 1.43
N VAL A 44 -8.44 6.86 0.76
CA VAL A 44 -8.12 7.19 -0.62
C VAL A 44 -8.12 8.70 -0.84
N PRO A 45 -6.92 9.26 -1.02
CA PRO A 45 -6.75 10.70 -1.23
C PRO A 45 -7.25 11.14 -2.61
N GLN A 46 -8.17 12.10 -2.60
CA GLN A 46 -8.75 12.60 -3.85
C GLN A 46 -8.21 14.00 -4.16
N ASN A 47 -8.50 14.48 -5.37
CA ASN A 47 -8.04 15.80 -5.79
C ASN A 47 -9.16 16.83 -5.65
N GLN A 48 -8.83 18.09 -5.92
CA GLN A 48 -9.79 19.18 -5.82
C GLN A 48 -11.12 18.77 -6.46
N ASN A 49 -11.05 18.20 -7.65
CA ASN A 49 -12.25 17.77 -8.37
C ASN A 49 -12.85 16.53 -7.72
N GLY A 50 -12.12 15.42 -7.77
CA GLY A 50 -12.60 14.18 -7.18
C GLY A 50 -11.95 12.96 -7.79
N LYS A 51 -10.67 13.09 -8.14
CA LYS A 51 -9.93 11.99 -8.73
C LYS A 51 -8.81 11.53 -7.81
N SER A 52 -8.75 10.22 -7.56
CA SER A 52 -7.73 9.66 -6.68
C SER A 52 -6.33 10.07 -7.14
N LYS A 53 -5.65 10.83 -6.29
CA LYS A 53 -4.31 11.31 -6.61
C LYS A 53 -3.52 10.26 -7.37
N GLY A 54 -3.81 8.98 -7.09
CA GLY A 54 -3.12 7.90 -7.77
C GLY A 54 -2.66 6.82 -6.81
N TYR A 55 -2.93 7.02 -5.53
CA TYR A 55 -2.54 6.05 -4.51
C TYR A 55 -3.55 6.01 -3.37
N ALA A 56 -3.36 5.08 -2.45
CA ALA A 56 -4.25 4.94 -1.30
C ALA A 56 -3.51 4.46 -0.07
N PHE A 57 -4.22 4.29 1.03
CA PHE A 57 -3.62 3.83 2.29
C PHE A 57 -4.52 2.81 2.98
N ILE A 58 -4.09 1.56 2.97
CA ILE A 58 -4.85 0.48 3.59
C ILE A 58 -4.34 0.21 5.01
N GLU A 59 -5.27 -0.07 5.92
CA GLU A 59 -4.92 -0.35 7.30
C GLU A 59 -5.46 -1.71 7.73
N PHE A 60 -4.61 -2.49 8.39
CA PHE A 60 -4.99 -3.82 8.86
C PHE A 60 -4.77 -3.95 10.37
N ALA A 61 -4.99 -5.16 10.88
CA ALA A 61 -4.81 -5.42 12.31
C ALA A 61 -3.34 -5.42 12.68
N SER A 62 -2.49 -5.80 11.73
CA SER A 62 -1.05 -5.84 11.96
C SER A 62 -0.30 -6.19 10.68
N PHE A 63 1.01 -6.33 10.79
CA PHE A 63 1.85 -6.66 9.63
C PHE A 63 1.49 -8.04 9.08
N GLU A 64 0.64 -8.76 9.80
CA GLU A 64 0.22 -10.09 9.39
C GLU A 64 -0.83 -10.00 8.29
N ASP A 65 -2.00 -9.47 8.64
CA ASP A 65 -3.09 -9.34 7.69
C ASP A 65 -2.67 -8.50 6.49
N ALA A 66 -1.97 -7.40 6.76
CA ALA A 66 -1.51 -6.51 5.71
C ALA A 66 -0.70 -7.27 4.66
N LYS A 67 0.29 -8.03 5.11
CA LYS A 67 1.13 -8.81 4.23
C LYS A 67 0.30 -9.81 3.44
N GLU A 68 -0.69 -10.41 4.09
CA GLU A 68 -1.56 -11.40 3.46
C GLU A 68 -2.22 -10.81 2.21
N ALA A 69 -2.80 -9.63 2.36
CA ALA A 69 -3.46 -8.95 1.25
C ALA A 69 -2.45 -8.33 0.29
N LEU A 70 -1.29 -7.97 0.83
CA LEU A 70 -0.23 -7.36 0.03
C LEU A 70 0.40 -8.38 -0.92
N ASN A 71 0.34 -9.65 -0.52
CA ASN A 71 0.90 -10.73 -1.32
C ASN A 71 -0.12 -11.24 -2.32
N SER A 72 -1.40 -11.14 -1.97
CA SER A 72 -2.48 -11.60 -2.84
C SER A 72 -2.97 -10.47 -3.74
N CYS A 73 -3.57 -9.45 -3.12
CA CYS A 73 -4.08 -8.30 -3.85
C CYS A 73 -3.00 -7.69 -4.74
N ASN A 74 -1.75 -7.98 -4.42
CA ASN A 74 -0.63 -7.45 -5.19
C ASN A 74 -0.98 -7.34 -6.66
N LYS A 75 -0.91 -6.12 -7.20
CA LYS A 75 -1.21 -5.89 -8.61
C LYS A 75 -2.64 -6.33 -8.93
N ARG A 76 -3.60 -5.82 -8.17
CA ARG A 76 -4.99 -6.16 -8.38
C ARG A 76 -5.61 -5.30 -9.49
N GLU A 77 -6.19 -5.97 -10.49
CA GLU A 77 -6.82 -5.26 -11.60
C GLU A 77 -8.15 -4.66 -11.19
N ILE A 78 -8.15 -3.35 -10.95
CA ILE A 78 -9.36 -2.64 -10.54
C ILE A 78 -9.71 -1.55 -11.53
N GLU A 79 -10.95 -1.56 -12.01
CA GLU A 79 -11.41 -0.55 -12.97
C GLU A 79 -10.55 -0.57 -14.24
N GLY A 80 -9.95 -1.72 -14.52
CA GLY A 80 -9.12 -1.85 -15.69
C GLY A 80 -7.69 -1.40 -15.45
N ARG A 81 -7.39 -1.04 -14.20
CA ARG A 81 -6.06 -0.58 -13.85
C ARG A 81 -5.47 -1.45 -12.73
N ALA A 82 -4.25 -1.91 -12.93
CA ALA A 82 -3.57 -2.75 -11.95
C ALA A 82 -3.08 -1.92 -10.77
N ILE A 83 -3.42 -2.36 -9.56
CA ILE A 83 -3.02 -1.65 -8.35
C ILE A 83 -1.95 -2.44 -7.59
N ARG A 84 -0.84 -1.78 -7.31
CA ARG A 84 0.26 -2.42 -6.58
C ARG A 84 0.25 -2.01 -5.11
N LEU A 85 0.66 -2.94 -4.25
CA LEU A 85 0.69 -2.66 -2.81
C LEU A 85 2.12 -2.75 -2.28
N GLU A 86 2.46 -1.86 -1.36
CA GLU A 86 3.78 -1.84 -0.76
C GLU A 86 3.73 -1.37 0.69
N LEU A 87 4.45 -2.07 1.57
CA LEU A 87 4.49 -1.73 2.98
C LEU A 87 5.04 -0.32 3.18
N GLN A 88 4.37 0.46 4.03
CA GLN A 88 4.80 1.82 4.32
C GLN A 88 5.90 1.84 5.37
N GLY A 89 7.04 2.44 5.03
CA GLY A 89 8.15 2.51 5.96
C GLY A 89 9.48 2.67 5.26
N PRO A 90 10.47 3.24 5.97
CA PRO A 90 11.81 3.46 5.44
C PRO A 90 12.57 2.16 5.23
N ARG A 91 12.81 1.81 3.97
CA ARG A 91 13.53 0.58 3.64
C ARG A 91 15.03 0.83 3.63
N GLY A 92 15.70 0.47 4.72
CA GLY A 92 17.13 0.66 4.81
C GLY A 92 17.90 -0.64 4.73
N SER A 93 18.77 -0.89 5.71
CA SER A 93 19.58 -2.11 5.73
C SER A 93 18.69 -3.34 5.54
N PRO A 94 19.10 -4.24 4.63
CA PRO A 94 18.38 -5.47 4.35
C PRO A 94 18.43 -6.47 5.50
N ASN A 95 19.60 -6.58 6.11
CA ASN A 95 19.79 -7.50 7.23
C ASN A 95 20.17 -6.75 8.50
N SER A 96 19.51 -7.08 9.60
CA SER A 96 19.78 -6.43 10.88
C SER A 96 20.87 -7.16 11.65
N GLY A 97 20.77 -8.49 11.67
CA GLY A 97 21.76 -9.29 12.38
C GLY A 97 21.17 -10.56 12.96
N PRO A 98 22.00 -11.33 13.69
CA PRO A 98 21.57 -12.58 14.31
C PRO A 98 20.60 -12.36 15.46
N SER A 99 19.90 -13.43 15.85
CA SER A 99 18.94 -13.34 16.94
C SER A 99 19.14 -14.48 17.94
N SER A 100 19.27 -15.70 17.41
CA SER A 100 19.47 -16.87 18.25
C SER A 100 20.45 -16.57 19.38
N GLY A 101 20.45 -17.44 20.40
CA GLY A 101 21.34 -17.25 21.53
C GLY A 101 20.75 -17.78 22.82
N GLY A 1 17.19 -2.91 -14.06
CA GLY A 1 16.25 -2.30 -13.14
C GLY A 1 16.69 -0.92 -12.70
N SER A 2 16.38 0.10 -13.50
CA SER A 2 16.76 1.47 -13.19
C SER A 2 16.56 1.76 -11.70
N SER A 3 15.34 1.53 -11.22
CA SER A 3 15.02 1.78 -9.82
C SER A 3 15.92 0.95 -8.90
N GLY A 4 16.29 1.53 -7.76
CA GLY A 4 17.14 0.83 -6.82
C GLY A 4 18.22 0.01 -7.51
N SER A 5 19.31 0.66 -7.86
CA SER A 5 20.42 -0.01 -8.53
C SER A 5 20.86 -1.24 -7.76
N SER A 6 20.79 -1.15 -6.43
CA SER A 6 21.19 -2.26 -5.57
C SER A 6 19.97 -3.12 -5.20
N GLY A 7 20.20 -4.41 -5.00
CA GLY A 7 19.12 -5.32 -4.64
C GLY A 7 19.15 -5.70 -3.17
N ASN A 8 18.62 -4.81 -2.33
CA ASN A 8 18.59 -5.06 -0.89
C ASN A 8 17.21 -4.76 -0.33
N SER A 9 17.03 -5.06 0.96
CA SER A 9 15.74 -4.83 1.62
C SER A 9 15.91 -3.86 2.79
N THR A 10 16.84 -4.18 3.69
CA THR A 10 17.10 -3.35 4.86
C THR A 10 15.80 -2.96 5.54
N TRP A 11 14.83 -3.86 5.54
CA TRP A 11 13.54 -3.61 6.17
C TRP A 11 13.38 -4.46 7.43
N SER A 12 13.25 -5.77 7.25
CA SER A 12 13.08 -6.68 8.37
C SER A 12 12.16 -6.08 9.43
N GLY A 13 11.29 -5.17 9.00
CA GLY A 13 10.36 -4.54 9.91
C GLY A 13 8.95 -5.10 9.79
N GLU A 14 7.99 -4.45 10.45
CA GLU A 14 6.61 -4.90 10.42
C GLU A 14 5.66 -3.72 10.23
N SER A 15 5.07 -3.62 9.04
CA SER A 15 4.15 -2.53 8.73
C SER A 15 2.77 -3.08 8.36
N LYS A 16 1.80 -2.84 9.23
CA LYS A 16 0.44 -3.31 9.00
C LYS A 16 -0.28 -2.41 8.00
N THR A 17 0.33 -1.27 7.68
CA THR A 17 -0.25 -0.33 6.74
C THR A 17 0.30 -0.54 5.33
N LEU A 18 -0.59 -0.78 4.38
CA LEU A 18 -0.18 -1.00 2.99
C LEU A 18 -0.43 0.25 2.14
N VAL A 19 0.42 0.46 1.14
CA VAL A 19 0.29 1.61 0.26
C VAL A 19 -0.12 1.19 -1.14
N LEU A 20 -1.32 1.58 -1.54
CA LEU A 20 -1.83 1.24 -2.86
C LEU A 20 -1.47 2.31 -3.88
N SER A 21 -1.10 1.88 -5.08
CA SER A 21 -0.72 2.80 -6.15
C SER A 21 -1.45 2.46 -7.45
N ASN A 22 -1.51 3.43 -8.35
CA ASN A 22 -2.18 3.23 -9.63
C ASN A 22 -3.69 3.11 -9.45
N LEU A 23 -4.21 3.75 -8.41
CA LEU A 23 -5.65 3.70 -8.13
C LEU A 23 -6.43 4.51 -9.16
N SER A 24 -7.54 3.95 -9.62
CA SER A 24 -8.39 4.62 -10.60
C SER A 24 -9.34 5.59 -9.92
N TYR A 25 -9.50 6.77 -10.53
CA TYR A 25 -10.38 7.79 -9.99
C TYR A 25 -11.79 7.24 -9.76
N SER A 26 -12.20 6.32 -10.64
CA SER A 26 -13.52 5.71 -10.55
C SER A 26 -13.61 4.78 -9.34
N ALA A 27 -12.45 4.36 -8.84
CA ALA A 27 -12.40 3.47 -7.68
C ALA A 27 -12.37 4.26 -6.38
N THR A 28 -13.13 3.80 -5.39
CA THR A 28 -13.19 4.47 -4.10
C THR A 28 -13.16 3.45 -2.96
N GLU A 29 -13.04 3.95 -1.73
CA GLU A 29 -13.00 3.09 -0.56
C GLU A 29 -13.98 1.93 -0.70
N GLU A 30 -15.12 2.19 -1.35
CA GLU A 30 -16.13 1.17 -1.56
C GLU A 30 -15.55 -0.02 -2.31
N THR A 31 -14.86 0.25 -3.39
CA THR A 31 -14.26 -0.80 -4.21
C THR A 31 -13.11 -1.48 -3.47
N LEU A 32 -12.34 -0.69 -2.73
CA LEU A 32 -11.21 -1.22 -1.98
C LEU A 32 -11.69 -2.17 -0.88
N GLN A 33 -12.71 -1.76 -0.14
CA GLN A 33 -13.26 -2.57 0.94
C GLN A 33 -13.59 -3.98 0.44
N GLU A 34 -13.70 -4.12 -0.88
CA GLU A 34 -14.01 -5.42 -1.47
C GLU A 34 -12.75 -6.25 -1.66
N VAL A 35 -11.68 -5.60 -2.10
CA VAL A 35 -10.41 -6.28 -2.31
C VAL A 35 -9.77 -6.70 -0.99
N PHE A 36 -9.80 -5.79 -0.01
CA PHE A 36 -9.23 -6.06 1.30
C PHE A 36 -10.33 -6.20 2.35
N GLU A 37 -10.55 -7.43 2.81
CA GLU A 37 -11.57 -7.70 3.82
C GLU A 37 -11.01 -7.51 5.23
N LYS A 38 -9.74 -7.85 5.39
CA LYS A 38 -9.08 -7.72 6.69
C LYS A 38 -8.69 -6.26 6.98
N ALA A 39 -8.77 -5.43 5.94
CA ALA A 39 -8.44 -4.02 6.08
C ALA A 39 -9.29 -3.36 7.16
N THR A 40 -8.66 -3.02 8.28
CA THR A 40 -9.35 -2.39 9.40
C THR A 40 -9.78 -0.97 9.03
N PHE A 41 -9.15 -0.40 8.02
CA PHE A 41 -9.46 0.95 7.58
C PHE A 41 -8.84 1.23 6.21
N ILE A 42 -9.62 1.85 5.33
CA ILE A 42 -9.15 2.19 3.99
C ILE A 42 -9.28 3.68 3.71
N LYS A 43 -8.24 4.28 3.16
CA LYS A 43 -8.25 5.70 2.84
C LYS A 43 -7.79 5.93 1.40
N VAL A 44 -8.54 6.78 0.69
CA VAL A 44 -8.20 7.09 -0.70
C VAL A 44 -8.26 8.59 -0.94
N PRO A 45 -7.08 9.23 -0.99
CA PRO A 45 -6.97 10.67 -1.21
C PRO A 45 -7.33 11.06 -2.65
N GLN A 46 -8.21 12.05 -2.79
CA GLN A 46 -8.64 12.51 -4.09
C GLN A 46 -8.31 13.99 -4.29
N ASN A 47 -8.68 14.52 -5.45
CA ASN A 47 -8.41 15.93 -5.76
C ASN A 47 -9.63 16.79 -5.43
N GLN A 48 -9.47 18.10 -5.53
CA GLN A 48 -10.55 19.03 -5.25
C GLN A 48 -11.81 18.66 -6.03
N ASN A 49 -11.61 18.19 -7.27
CA ASN A 49 -12.74 17.79 -8.11
C ASN A 49 -13.30 16.45 -7.67
N GLY A 50 -12.42 15.51 -7.37
CA GLY A 50 -12.85 14.19 -6.94
C GLY A 50 -12.11 13.07 -7.65
N LYS A 51 -10.81 13.28 -7.88
CA LYS A 51 -9.99 12.29 -8.55
C LYS A 51 -8.91 11.76 -7.62
N SER A 52 -8.76 10.44 -7.58
CA SER A 52 -7.75 9.81 -6.72
C SER A 52 -6.35 10.21 -7.15
N LYS A 53 -5.60 10.80 -6.22
CA LYS A 53 -4.24 11.24 -6.50
C LYS A 53 -3.47 10.16 -7.26
N GLY A 54 -3.84 8.90 -7.03
CA GLY A 54 -3.18 7.80 -7.71
C GLY A 54 -2.69 6.74 -6.74
N TYR A 55 -2.98 6.93 -5.45
CA TYR A 55 -2.56 5.99 -4.43
C TYR A 55 -3.59 5.93 -3.29
N ALA A 56 -3.40 4.97 -2.39
CA ALA A 56 -4.30 4.81 -1.26
C ALA A 56 -3.55 4.32 -0.02
N PHE A 57 -4.24 4.28 1.11
CA PHE A 57 -3.64 3.84 2.36
C PHE A 57 -4.52 2.81 3.06
N ILE A 58 -4.08 1.55 3.03
CA ILE A 58 -4.82 0.46 3.64
C ILE A 58 -4.29 0.17 5.05
N GLU A 59 -5.22 -0.05 5.98
CA GLU A 59 -4.84 -0.35 7.36
C GLU A 59 -5.38 -1.72 7.79
N PHE A 60 -4.55 -2.47 8.49
CA PHE A 60 -4.93 -3.80 8.96
C PHE A 60 -4.70 -3.94 10.46
N ALA A 61 -4.92 -5.13 10.98
CA ALA A 61 -4.74 -5.39 12.41
C ALA A 61 -3.26 -5.42 12.77
N SER A 62 -2.43 -5.81 11.82
CA SER A 62 -0.99 -5.88 12.05
C SER A 62 -0.25 -6.24 10.75
N PHE A 63 1.06 -6.43 10.87
CA PHE A 63 1.88 -6.77 9.71
C PHE A 63 1.51 -8.16 9.18
N GLU A 64 0.65 -8.85 9.91
CA GLU A 64 0.21 -10.19 9.52
C GLU A 64 -0.83 -10.11 8.42
N ASP A 65 -1.99 -9.53 8.74
CA ASP A 65 -3.07 -9.40 7.78
C ASP A 65 -2.64 -8.55 6.58
N ALA A 66 -1.85 -7.53 6.85
CA ALA A 66 -1.36 -6.64 5.80
C ALA A 66 -0.56 -7.42 4.76
N LYS A 67 0.32 -8.29 5.22
CA LYS A 67 1.15 -9.09 4.33
C LYS A 67 0.30 -10.13 3.60
N GLU A 68 -0.74 -10.62 4.26
CA GLU A 68 -1.62 -11.62 3.67
C GLU A 68 -2.32 -11.07 2.44
N ALA A 69 -2.75 -9.82 2.52
CA ALA A 69 -3.44 -9.17 1.41
C ALA A 69 -2.45 -8.51 0.46
N LEU A 70 -1.32 -8.07 1.01
CA LEU A 70 -0.29 -7.42 0.21
C LEU A 70 0.35 -8.41 -0.77
N ASN A 71 0.36 -9.68 -0.39
CA ASN A 71 0.94 -10.72 -1.24
C ASN A 71 -0.06 -11.18 -2.29
N SER A 72 -1.35 -11.12 -1.96
CA SER A 72 -2.39 -11.52 -2.88
C SER A 72 -2.87 -10.35 -3.73
N CYS A 73 -3.50 -9.37 -3.07
CA CYS A 73 -4.00 -8.19 -3.76
C CYS A 73 -2.95 -7.62 -4.69
N ASN A 74 -1.69 -7.86 -4.36
CA ASN A 74 -0.57 -7.36 -5.17
C ASN A 74 -0.94 -7.35 -6.65
N LYS A 75 -0.83 -6.19 -7.28
CA LYS A 75 -1.14 -6.04 -8.69
C LYS A 75 -2.58 -6.48 -8.98
N ARG A 76 -3.52 -5.89 -8.24
CA ARG A 76 -4.94 -6.22 -8.41
C ARG A 76 -5.56 -5.36 -9.51
N GLU A 77 -6.13 -6.02 -10.53
CA GLU A 77 -6.76 -5.32 -11.64
C GLU A 77 -8.12 -4.76 -11.22
N ILE A 78 -8.15 -3.48 -10.90
CA ILE A 78 -9.39 -2.82 -10.49
C ILE A 78 -9.80 -1.74 -11.50
N GLU A 79 -10.99 -1.89 -12.05
CA GLU A 79 -11.50 -0.94 -13.03
C GLU A 79 -10.63 -0.90 -14.28
N GLY A 80 -10.08 -2.06 -14.64
CA GLY A 80 -9.22 -2.15 -15.80
C GLY A 80 -7.83 -1.61 -15.54
N ARG A 81 -7.58 -1.18 -14.31
CA ARG A 81 -6.28 -0.64 -13.93
C ARG A 81 -5.65 -1.48 -12.82
N ALA A 82 -4.41 -1.92 -13.04
CA ALA A 82 -3.70 -2.72 -12.06
C ALA A 82 -3.24 -1.86 -10.88
N ILE A 83 -3.40 -2.39 -9.67
CA ILE A 83 -3.00 -1.68 -8.47
C ILE A 83 -1.93 -2.45 -7.71
N ARG A 84 -0.89 -1.73 -7.28
CA ARG A 84 0.20 -2.35 -6.53
C ARG A 84 0.16 -1.94 -5.06
N LEU A 85 0.70 -2.79 -4.21
CA LEU A 85 0.73 -2.51 -2.77
C LEU A 85 2.15 -2.55 -2.23
N GLU A 86 2.48 -1.60 -1.37
CA GLU A 86 3.81 -1.53 -0.79
C GLU A 86 3.74 -1.09 0.68
N LEU A 87 4.44 -1.82 1.54
CA LEU A 87 4.46 -1.51 2.97
C LEU A 87 5.01 -0.11 3.22
N GLN A 88 4.29 0.66 4.04
CA GLN A 88 4.70 2.01 4.36
C GLN A 88 5.81 2.02 5.41
N GLY A 89 6.68 3.02 5.34
CA GLY A 89 7.77 3.11 6.29
C GLY A 89 8.55 4.41 6.17
N PRO A 90 9.12 4.88 7.29
CA PRO A 90 9.89 6.12 7.31
C PRO A 90 11.23 5.99 6.57
N ARG A 91 11.66 7.08 5.94
CA ARG A 91 12.91 7.09 5.20
C ARG A 91 14.08 6.76 6.11
N GLY A 92 14.49 5.50 6.12
CA GLY A 92 15.60 5.08 6.95
C GLY A 92 16.42 3.96 6.31
N SER A 93 16.77 4.13 5.05
CA SER A 93 17.54 3.13 4.32
C SER A 93 19.00 3.57 4.19
N PRO A 94 19.84 3.09 5.12
CA PRO A 94 21.27 3.42 5.12
C PRO A 94 22.01 2.76 3.97
N ASN A 95 22.51 3.59 3.05
CA ASN A 95 23.25 3.09 1.90
C ASN A 95 24.19 1.96 2.30
N SER A 96 24.26 0.94 1.45
CA SER A 96 25.12 -0.21 1.72
C SER A 96 26.60 0.20 1.72
N GLY A 97 27.43 -0.64 2.33
CA GLY A 97 28.85 -0.35 2.39
C GLY A 97 29.71 -1.55 2.03
N PRO A 98 29.64 -1.96 0.76
CA PRO A 98 30.41 -3.10 0.26
C PRO A 98 31.91 -2.81 0.19
N SER A 99 32.59 -3.00 1.32
CA SER A 99 34.03 -2.75 1.39
C SER A 99 34.80 -3.82 0.61
N SER A 100 35.73 -3.37 -0.22
CA SER A 100 36.53 -4.28 -1.03
C SER A 100 37.92 -4.47 -0.42
N GLY A 101 38.15 -5.65 0.15
CA GLY A 101 39.44 -5.94 0.77
C GLY A 101 39.40 -7.21 1.60
N GLY A 1 5.94 -17.29 -16.94
CA GLY A 1 5.27 -16.10 -16.47
C GLY A 1 5.92 -15.52 -15.22
N SER A 2 6.02 -14.20 -15.16
CA SER A 2 6.63 -13.53 -14.02
C SER A 2 6.00 -14.00 -12.71
N SER A 3 6.70 -14.87 -12.00
CA SER A 3 6.20 -15.40 -10.74
C SER A 3 7.27 -16.26 -10.05
N GLY A 4 7.33 -16.16 -8.72
CA GLY A 4 8.30 -16.92 -7.97
C GLY A 4 8.75 -16.21 -6.70
N SER A 5 8.48 -16.83 -5.56
CA SER A 5 8.85 -16.26 -4.27
C SER A 5 8.93 -17.34 -3.19
N SER A 6 9.68 -17.05 -2.14
CA SER A 6 9.84 -18.00 -1.04
C SER A 6 10.20 -17.26 0.25
N GLY A 7 9.49 -17.58 1.33
CA GLY A 7 9.75 -16.94 2.61
C GLY A 7 8.75 -15.86 2.93
N ASN A 8 8.66 -15.49 4.20
CA ASN A 8 7.73 -14.46 4.65
C ASN A 8 8.45 -13.12 4.79
N SER A 9 9.49 -13.10 5.63
CA SER A 9 10.26 -11.88 5.88
C SER A 9 10.94 -11.42 4.59
N THR A 10 10.41 -10.33 4.01
CA THR A 10 10.97 -9.79 2.78
C THR A 10 11.71 -8.48 3.05
N TRP A 11 11.38 -7.84 4.17
CA TRP A 11 12.02 -6.58 4.55
C TRP A 11 12.22 -6.50 6.05
N SER A 12 13.39 -6.05 6.47
CA SER A 12 13.71 -5.93 7.88
C SER A 12 12.79 -4.92 8.56
N GLY A 13 11.57 -5.36 8.89
CA GLY A 13 10.62 -4.48 9.53
C GLY A 13 9.19 -4.95 9.36
N GLU A 14 8.25 -4.19 9.91
CA GLU A 14 6.84 -4.54 9.81
C GLU A 14 5.97 -3.29 9.65
N SER A 15 4.90 -3.42 8.87
CA SER A 15 4.00 -2.30 8.62
C SER A 15 2.59 -2.79 8.32
N LYS A 16 1.67 -2.54 9.24
CA LYS A 16 0.29 -2.95 9.08
C LYS A 16 -0.44 -2.06 8.07
N THR A 17 0.26 -1.02 7.59
CA THR A 17 -0.32 -0.10 6.63
C THR A 17 0.23 -0.35 5.23
N LEU A 18 -0.66 -0.69 4.31
CA LEU A 18 -0.26 -0.96 2.92
C LEU A 18 -0.49 0.27 2.05
N VAL A 19 0.48 0.54 1.17
CA VAL A 19 0.39 1.69 0.27
C VAL A 19 0.00 1.25 -1.14
N LEU A 20 -1.13 1.74 -1.62
CA LEU A 20 -1.61 1.41 -2.96
C LEU A 20 -1.18 2.46 -3.98
N SER A 21 -0.82 2.01 -5.17
CA SER A 21 -0.39 2.91 -6.23
C SER A 21 -1.11 2.61 -7.54
N ASN A 22 -1.41 3.65 -8.30
CA ASN A 22 -2.11 3.50 -9.57
C ASN A 22 -3.59 3.19 -9.34
N LEU A 23 -4.23 3.98 -8.49
CA LEU A 23 -5.65 3.80 -8.19
C LEU A 23 -6.52 4.54 -9.19
N SER A 24 -7.55 3.88 -9.67
CA SER A 24 -8.48 4.47 -10.64
C SER A 24 -9.38 5.50 -9.97
N TYR A 25 -9.50 6.66 -10.59
CA TYR A 25 -10.34 7.74 -10.06
C TYR A 25 -11.75 7.23 -9.78
N SER A 26 -12.22 6.33 -10.62
CA SER A 26 -13.56 5.76 -10.48
C SER A 26 -13.64 4.84 -9.26
N ALA A 27 -12.47 4.37 -8.82
CA ALA A 27 -12.40 3.49 -7.66
C ALA A 27 -12.40 4.28 -6.36
N THR A 28 -13.18 3.81 -5.38
CA THR A 28 -13.28 4.47 -4.09
C THR A 28 -13.23 3.46 -2.95
N GLU A 29 -13.31 3.96 -1.72
CA GLU A 29 -13.27 3.10 -0.54
C GLU A 29 -14.20 1.90 -0.73
N GLU A 30 -15.29 2.11 -1.45
CA GLU A 30 -16.27 1.04 -1.70
C GLU A 30 -15.62 -0.11 -2.47
N THR A 31 -14.84 0.24 -3.50
CA THR A 31 -14.17 -0.75 -4.32
C THR A 31 -13.05 -1.45 -3.54
N LEU A 32 -12.30 -0.68 -2.78
CA LEU A 32 -11.20 -1.21 -1.99
C LEU A 32 -11.72 -2.13 -0.89
N GLN A 33 -12.83 -1.73 -0.27
CA GLN A 33 -13.43 -2.52 0.80
C GLN A 33 -13.75 -3.93 0.33
N GLU A 34 -13.83 -4.10 -0.99
CA GLU A 34 -14.13 -5.40 -1.57
C GLU A 34 -12.86 -6.22 -1.76
N VAL A 35 -11.78 -5.56 -2.18
CA VAL A 35 -10.51 -6.22 -2.40
C VAL A 35 -9.86 -6.62 -1.08
N PHE A 36 -9.90 -5.71 -0.11
CA PHE A 36 -9.33 -5.96 1.20
C PHE A 36 -10.41 -6.11 2.26
N GLU A 37 -10.64 -7.35 2.69
CA GLU A 37 -11.66 -7.63 3.70
C GLU A 37 -11.06 -7.54 5.10
N LYS A 38 -9.76 -7.78 5.20
CA LYS A 38 -9.06 -7.74 6.49
C LYS A 38 -8.67 -6.31 6.84
N ALA A 39 -8.74 -5.42 5.86
CA ALA A 39 -8.39 -4.02 6.07
C ALA A 39 -9.28 -3.39 7.14
N THR A 40 -8.68 -3.06 8.28
CA THR A 40 -9.41 -2.45 9.38
C THR A 40 -9.82 -1.01 9.04
N PHE A 41 -9.18 -0.45 8.03
CA PHE A 41 -9.49 0.92 7.60
C PHE A 41 -8.87 1.22 6.24
N ILE A 42 -9.63 1.89 5.39
CA ILE A 42 -9.16 2.24 4.05
C ILE A 42 -9.28 3.74 3.80
N LYS A 43 -8.19 4.33 3.30
CA LYS A 43 -8.18 5.77 3.01
C LYS A 43 -7.85 6.02 1.54
N VAL A 44 -8.63 6.89 0.90
CA VAL A 44 -8.42 7.22 -0.49
C VAL A 44 -8.46 8.72 -0.72
N PRO A 45 -7.27 9.34 -0.79
CA PRO A 45 -7.14 10.79 -1.01
C PRO A 45 -7.57 11.21 -2.40
N GLN A 46 -8.65 11.96 -2.49
CA GLN A 46 -9.16 12.43 -3.78
C GLN A 46 -9.23 13.95 -3.81
N ASN A 47 -9.13 14.51 -5.01
CA ASN A 47 -9.17 15.96 -5.19
C ASN A 47 -10.58 16.50 -4.98
N GLN A 48 -10.68 17.77 -4.64
CA GLN A 48 -11.97 18.41 -4.40
C GLN A 48 -12.96 18.04 -5.51
N ASN A 49 -12.45 17.87 -6.72
CA ASN A 49 -13.29 17.53 -7.86
C ASN A 49 -13.90 16.14 -7.68
N GLY A 50 -13.15 15.23 -7.07
CA GLY A 50 -13.64 13.89 -6.84
C GLY A 50 -12.82 12.84 -7.57
N LYS A 51 -11.55 13.14 -7.79
CA LYS A 51 -10.66 12.21 -8.48
C LYS A 51 -9.50 11.81 -7.59
N SER A 52 -9.36 10.50 -7.35
CA SER A 52 -8.29 9.98 -6.51
C SER A 52 -6.94 10.46 -7.01
N LYS A 53 -6.06 10.79 -6.07
CA LYS A 53 -4.72 11.26 -6.40
C LYS A 53 -3.96 10.21 -7.19
N GLY A 54 -4.26 8.94 -6.93
CA GLY A 54 -3.59 7.86 -7.62
C GLY A 54 -3.05 6.81 -6.68
N TYR A 55 -3.33 6.98 -5.39
CA TYR A 55 -2.85 6.04 -4.38
C TYR A 55 -3.85 5.94 -3.23
N ALA A 56 -3.64 4.95 -2.36
CA ALA A 56 -4.52 4.74 -1.21
C ALA A 56 -3.74 4.19 -0.02
N PHE A 57 -4.32 4.33 1.17
CA PHE A 57 -3.69 3.85 2.39
C PHE A 57 -4.56 2.81 3.08
N ILE A 58 -4.11 1.56 3.06
CA ILE A 58 -4.86 0.47 3.69
C ILE A 58 -4.33 0.19 5.09
N GLU A 59 -5.26 -0.08 6.02
CA GLU A 59 -4.89 -0.36 7.40
C GLU A 59 -5.42 -1.73 7.82
N PHE A 60 -4.58 -2.48 8.53
CA PHE A 60 -4.96 -3.81 9.00
C PHE A 60 -4.68 -3.96 10.50
N ALA A 61 -5.00 -5.13 11.04
CA ALA A 61 -4.77 -5.39 12.45
C ALA A 61 -3.29 -5.39 12.79
N SER A 62 -2.47 -5.80 11.82
CA SER A 62 -1.03 -5.84 12.02
C SER A 62 -0.31 -6.22 10.72
N PHE A 63 1.01 -6.29 10.78
CA PHE A 63 1.81 -6.62 9.60
C PHE A 63 1.46 -8.02 9.08
N GLU A 64 0.66 -8.74 9.87
CA GLU A 64 0.25 -10.10 9.49
C GLU A 64 -0.81 -10.05 8.40
N ASP A 65 -1.94 -9.39 8.70
CA ASP A 65 -3.03 -9.28 7.75
C ASP A 65 -2.62 -8.44 6.54
N ALA A 66 -1.98 -7.31 6.81
CA ALA A 66 -1.53 -6.41 5.76
C ALA A 66 -0.72 -7.16 4.71
N LYS A 67 0.18 -8.03 5.17
CA LYS A 67 1.02 -8.82 4.27
C LYS A 67 0.20 -9.88 3.56
N GLU A 68 -0.84 -10.36 4.22
CA GLU A 68 -1.71 -11.39 3.65
C GLU A 68 -2.40 -10.87 2.39
N ALA A 69 -2.80 -9.60 2.41
CA ALA A 69 -3.48 -9.00 1.27
C ALA A 69 -2.47 -8.40 0.29
N LEU A 70 -1.36 -7.90 0.83
CA LEU A 70 -0.31 -7.31 -0.01
C LEU A 70 0.34 -8.36 -0.89
N ASN A 71 0.26 -9.61 -0.48
CA ASN A 71 0.84 -10.71 -1.24
C ASN A 71 -0.10 -11.18 -2.34
N SER A 72 -1.40 -11.02 -2.09
CA SER A 72 -2.42 -11.43 -3.06
C SER A 72 -2.88 -10.23 -3.89
N CYS A 73 -3.55 -9.29 -3.23
CA CYS A 73 -4.05 -8.10 -3.92
C CYS A 73 -2.98 -7.50 -4.83
N ASN A 74 -1.71 -7.78 -4.52
CA ASN A 74 -0.60 -7.28 -5.32
C ASN A 74 -0.95 -7.28 -6.80
N LYS A 75 -0.85 -6.12 -7.42
CA LYS A 75 -1.15 -5.98 -8.84
C LYS A 75 -2.58 -6.44 -9.14
N ARG A 76 -3.54 -5.86 -8.44
CA ARG A 76 -4.94 -6.20 -8.63
C ARG A 76 -5.57 -5.35 -9.74
N GLU A 77 -6.15 -6.02 -10.73
CA GLU A 77 -6.78 -5.32 -11.84
C GLU A 77 -8.10 -4.68 -11.41
N ILE A 78 -8.09 -3.37 -11.25
CA ILE A 78 -9.29 -2.64 -10.84
C ILE A 78 -9.55 -1.45 -11.77
N GLU A 79 -10.79 -1.32 -12.23
CA GLU A 79 -11.17 -0.23 -13.12
C GLU A 79 -10.39 -0.30 -14.42
N GLY A 80 -9.95 -1.50 -14.78
CA GLY A 80 -9.19 -1.67 -16.01
C GLY A 80 -7.72 -1.37 -15.84
N ARG A 81 -7.33 -1.00 -14.62
CA ARG A 81 -5.94 -0.68 -14.33
C ARG A 81 -5.42 -1.50 -13.15
N ALA A 82 -4.20 -2.00 -13.28
CA ALA A 82 -3.59 -2.80 -12.22
C ALA A 82 -3.15 -1.93 -11.04
N ILE A 83 -3.32 -2.46 -9.84
CA ILE A 83 -2.94 -1.72 -8.64
C ILE A 83 -1.87 -2.48 -7.85
N ARG A 84 -0.81 -1.77 -7.48
CA ARG A 84 0.29 -2.37 -6.73
C ARG A 84 0.25 -1.91 -5.27
N LEU A 85 0.74 -2.77 -4.37
CA LEU A 85 0.77 -2.45 -2.95
C LEU A 85 2.19 -2.53 -2.40
N GLU A 86 2.51 -1.64 -1.47
CA GLU A 86 3.84 -1.61 -0.86
C GLU A 86 3.76 -1.16 0.59
N LEU A 87 4.46 -1.89 1.46
CA LEU A 87 4.46 -1.57 2.89
C LEU A 87 5.03 -0.17 3.13
N GLN A 88 4.29 0.64 3.88
CA GLN A 88 4.71 2.00 4.19
C GLN A 88 5.86 1.99 5.19
N GLY A 89 6.94 2.68 4.85
CA GLY A 89 8.09 2.75 5.73
C GLY A 89 8.00 3.88 6.73
N PRO A 90 9.14 4.28 7.29
CA PRO A 90 9.20 5.36 8.28
C PRO A 90 8.94 6.72 7.66
N ARG A 91 8.24 7.58 8.40
CA ARG A 91 7.92 8.92 7.93
C ARG A 91 9.10 9.53 7.17
N GLY A 92 8.80 10.22 6.08
CA GLY A 92 9.85 10.84 5.29
C GLY A 92 9.58 12.31 5.02
N SER A 93 10.64 13.06 4.72
CA SER A 93 10.52 14.49 4.46
C SER A 93 11.36 14.88 3.25
N PRO A 94 10.84 15.84 2.46
CA PRO A 94 11.53 16.33 1.26
C PRO A 94 12.77 17.15 1.60
N ASN A 95 13.90 16.46 1.74
CA ASN A 95 15.16 17.11 2.07
C ASN A 95 14.97 18.14 3.19
N SER A 96 14.40 17.69 4.30
CA SER A 96 14.16 18.55 5.45
C SER A 96 15.25 18.38 6.50
N GLY A 97 15.61 17.12 6.76
CA GLY A 97 16.63 16.84 7.75
C GLY A 97 18.01 16.68 7.13
N PRO A 98 19.02 17.27 7.78
CA PRO A 98 20.41 17.21 7.30
C PRO A 98 21.01 15.82 7.43
N SER A 99 20.90 15.03 6.37
CA SER A 99 21.43 13.67 6.37
C SER A 99 22.56 13.52 5.35
N SER A 100 23.25 12.39 5.40
CA SER A 100 24.35 12.12 4.48
C SER A 100 23.83 11.80 3.08
N GLY A 101 24.33 12.54 2.10
CA GLY A 101 23.91 12.32 0.73
C GLY A 101 22.62 13.06 0.40
N GLY A 1 28.76 12.96 3.47
CA GLY A 1 27.34 13.06 3.75
C GLY A 1 27.03 13.06 5.23
N SER A 2 26.95 11.88 5.82
CA SER A 2 26.65 11.74 7.24
C SER A 2 27.94 11.65 8.05
N SER A 3 28.15 12.64 8.92
CA SER A 3 29.34 12.67 9.76
C SER A 3 29.08 11.99 11.10
N GLY A 4 29.53 10.75 11.23
CA GLY A 4 29.33 10.01 12.47
C GLY A 4 27.87 9.93 12.87
N SER A 5 27.62 9.87 14.18
CA SER A 5 26.26 9.78 14.70
C SER A 5 25.38 8.94 13.77
N SER A 6 25.93 7.83 13.29
CA SER A 6 25.20 6.93 12.40
C SER A 6 24.12 6.17 13.16
N GLY A 7 22.88 6.57 12.98
CA GLY A 7 21.78 5.90 13.66
C GLY A 7 20.52 6.76 13.71
N ASN A 8 19.81 6.83 12.60
CA ASN A 8 18.58 7.61 12.51
C ASN A 8 17.38 6.73 12.19
N SER A 9 17.46 6.05 11.05
CA SER A 9 16.37 5.17 10.62
C SER A 9 16.46 3.81 11.31
N THR A 10 15.49 3.52 12.17
CA THR A 10 15.47 2.25 12.90
C THR A 10 14.21 1.47 12.58
N TRP A 11 14.28 0.62 11.56
CA TRP A 11 13.15 -0.20 11.16
C TRP A 11 13.60 -1.60 10.75
N SER A 12 12.98 -2.61 11.35
CA SER A 12 13.33 -4.00 11.06
C SER A 12 12.70 -4.43 9.73
N GLY A 13 11.38 -4.44 9.68
CA GLY A 13 10.68 -4.84 8.47
C GLY A 13 9.27 -5.31 8.75
N GLU A 14 8.50 -4.49 9.45
CA GLU A 14 7.12 -4.84 9.79
C GLU A 14 6.21 -3.62 9.65
N SER A 15 5.07 -3.81 8.98
CA SER A 15 4.12 -2.74 8.77
C SER A 15 2.73 -3.30 8.47
N LYS A 16 1.72 -2.80 9.19
CA LYS A 16 0.35 -3.24 8.99
C LYS A 16 -0.38 -2.35 8.00
N THR A 17 0.20 -1.17 7.74
CA THR A 17 -0.39 -0.23 6.81
C THR A 17 0.18 -0.40 5.40
N LEU A 18 -0.68 -0.77 4.46
CA LEU A 18 -0.26 -0.97 3.08
C LEU A 18 -0.50 0.29 2.24
N VAL A 19 0.37 0.51 1.27
CA VAL A 19 0.24 1.68 0.39
C VAL A 19 -0.10 1.26 -1.03
N LEU A 20 -1.23 1.74 -1.52
CA LEU A 20 -1.66 1.42 -2.88
C LEU A 20 -1.23 2.50 -3.86
N SER A 21 -0.86 2.07 -5.08
CA SER A 21 -0.42 3.00 -6.11
C SER A 21 -1.13 2.73 -7.42
N ASN A 22 -1.36 3.79 -8.20
CA ASN A 22 -2.03 3.66 -9.49
C ASN A 22 -3.53 3.44 -9.30
N LEU A 23 -4.09 4.05 -8.26
CA LEU A 23 -5.50 3.93 -7.97
C LEU A 23 -6.34 4.77 -8.93
N SER A 24 -7.40 4.18 -9.45
CA SER A 24 -8.28 4.88 -10.38
C SER A 24 -9.17 5.89 -9.65
N TYR A 25 -9.29 7.08 -10.21
CA TYR A 25 -10.10 8.13 -9.60
C TYR A 25 -11.55 7.67 -9.43
N SER A 26 -11.97 6.72 -10.27
CA SER A 26 -13.32 6.18 -10.22
C SER A 26 -13.48 5.22 -9.05
N ALA A 27 -12.36 4.77 -8.50
CA ALA A 27 -12.37 3.84 -7.39
C ALA A 27 -12.47 4.58 -6.05
N THR A 28 -13.25 4.02 -5.14
CA THR A 28 -13.43 4.63 -3.82
C THR A 28 -13.33 3.59 -2.71
N GLU A 29 -13.32 4.06 -1.47
CA GLU A 29 -13.23 3.16 -0.31
C GLU A 29 -14.20 2.00 -0.46
N GLU A 30 -15.21 2.17 -1.29
CA GLU A 30 -16.21 1.14 -1.52
C GLU A 30 -15.63 -0.02 -2.33
N THR A 31 -14.86 0.33 -3.37
CA THR A 31 -14.24 -0.67 -4.22
C THR A 31 -13.09 -1.36 -3.51
N LEU A 32 -12.34 -0.60 -2.72
CA LEU A 32 -11.21 -1.14 -1.98
C LEU A 32 -11.67 -2.08 -0.88
N GLN A 33 -12.79 -1.74 -0.24
CA GLN A 33 -13.34 -2.56 0.83
C GLN A 33 -13.63 -3.97 0.34
N GLU A 34 -13.79 -4.12 -0.97
CA GLU A 34 -14.08 -5.42 -1.56
C GLU A 34 -12.79 -6.23 -1.77
N VAL A 35 -11.74 -5.55 -2.21
CA VAL A 35 -10.45 -6.19 -2.44
C VAL A 35 -9.77 -6.56 -1.13
N PHE A 36 -9.85 -5.64 -0.16
CA PHE A 36 -9.24 -5.87 1.15
C PHE A 36 -10.31 -6.09 2.22
N GLU A 37 -10.54 -7.35 2.57
CA GLU A 37 -11.53 -7.69 3.58
C GLU A 37 -10.96 -7.55 4.99
N LYS A 38 -9.67 -7.80 5.11
CA LYS A 38 -8.99 -7.71 6.40
C LYS A 38 -8.65 -6.25 6.72
N ALA A 39 -8.66 -5.40 5.70
CA ALA A 39 -8.35 -3.99 5.88
C ALA A 39 -9.22 -3.38 6.97
N THR A 40 -8.61 -3.14 8.14
CA THR A 40 -9.34 -2.56 9.26
C THR A 40 -9.77 -1.13 8.96
N PHE A 41 -9.18 -0.55 7.91
CA PHE A 41 -9.50 0.81 7.52
C PHE A 41 -8.86 1.16 6.18
N ILE A 42 -9.63 1.81 5.30
CA ILE A 42 -9.13 2.19 3.99
C ILE A 42 -9.28 3.69 3.77
N LYS A 43 -8.23 4.30 3.21
CA LYS A 43 -8.25 5.73 2.94
C LYS A 43 -7.83 6.02 1.50
N VAL A 44 -8.62 6.86 0.83
CA VAL A 44 -8.33 7.21 -0.56
C VAL A 44 -8.41 8.73 -0.76
N PRO A 45 -7.25 9.39 -0.76
CA PRO A 45 -7.17 10.85 -0.94
C PRO A 45 -7.51 11.26 -2.36
N GLN A 46 -8.51 12.12 -2.50
CA GLN A 46 -8.93 12.61 -3.81
C GLN A 46 -8.69 14.11 -3.94
N ASN A 47 -8.90 14.62 -5.15
CA ASN A 47 -8.70 16.05 -5.41
C ASN A 47 -9.95 16.84 -5.08
N GLN A 48 -9.85 18.17 -5.14
CA GLN A 48 -10.99 19.04 -4.86
C GLN A 48 -12.25 18.54 -5.55
N ASN A 49 -12.10 18.10 -6.80
CA ASN A 49 -13.23 17.60 -7.56
C ASN A 49 -13.67 16.23 -7.06
N GLY A 50 -12.69 15.39 -6.72
CA GLY A 50 -13.00 14.06 -6.21
C GLY A 50 -12.30 12.97 -6.99
N LYS A 51 -11.03 13.21 -7.33
CA LYS A 51 -10.24 12.25 -8.09
C LYS A 51 -9.08 11.73 -7.25
N SER A 52 -9.04 10.41 -7.06
CA SER A 52 -7.97 9.79 -6.27
C SER A 52 -6.60 10.22 -6.78
N LYS A 53 -5.87 10.95 -5.94
CA LYS A 53 -4.55 11.41 -6.30
C LYS A 53 -3.77 10.36 -7.07
N GLY A 54 -4.12 9.09 -6.84
CA GLY A 54 -3.46 7.99 -7.53
C GLY A 54 -2.91 6.96 -6.56
N TYR A 55 -3.19 7.15 -5.27
CA TYR A 55 -2.71 6.23 -4.25
C TYR A 55 -3.71 6.14 -3.10
N ALA A 56 -3.52 5.15 -2.23
CA ALA A 56 -4.40 4.96 -1.08
C ALA A 56 -3.63 4.40 0.11
N PHE A 57 -4.23 4.49 1.29
CA PHE A 57 -3.59 3.99 2.51
C PHE A 57 -4.47 2.92 3.17
N ILE A 58 -4.02 1.67 3.09
CA ILE A 58 -4.75 0.57 3.67
C ILE A 58 -4.25 0.26 5.08
N GLU A 59 -5.18 -0.02 5.99
CA GLU A 59 -4.83 -0.32 7.37
C GLU A 59 -5.33 -1.71 7.76
N PHE A 60 -4.53 -2.43 8.55
CA PHE A 60 -4.90 -3.76 8.99
C PHE A 60 -4.64 -3.93 10.49
N ALA A 61 -4.89 -5.13 11.00
CA ALA A 61 -4.70 -5.42 12.42
C ALA A 61 -3.21 -5.44 12.76
N SER A 62 -2.39 -5.84 11.79
CA SER A 62 -0.95 -5.91 11.99
C SER A 62 -0.23 -6.27 10.69
N PHE A 63 1.09 -6.43 10.78
CA PHE A 63 1.89 -6.76 9.61
C PHE A 63 1.52 -8.15 9.08
N GLU A 64 0.67 -8.85 9.82
CA GLU A 64 0.23 -10.18 9.42
C GLU A 64 -0.83 -10.11 8.34
N ASP A 65 -1.98 -9.55 8.68
CA ASP A 65 -3.09 -9.41 7.73
C ASP A 65 -2.68 -8.54 6.55
N ALA A 66 -2.00 -7.44 6.84
CA ALA A 66 -1.55 -6.52 5.80
C ALA A 66 -0.73 -7.25 4.75
N LYS A 67 0.19 -8.09 5.20
CA LYS A 67 1.05 -8.84 4.29
C LYS A 67 0.24 -9.88 3.51
N GLU A 68 -0.80 -10.41 4.16
CA GLU A 68 -1.66 -11.41 3.53
C GLU A 68 -2.33 -10.84 2.29
N ALA A 69 -2.84 -9.62 2.41
CA ALA A 69 -3.51 -8.97 1.29
C ALA A 69 -2.50 -8.33 0.35
N LEU A 70 -1.37 -7.90 0.89
CA LEU A 70 -0.32 -7.27 0.09
C LEU A 70 0.36 -8.28 -0.82
N ASN A 71 0.30 -9.55 -0.43
CA ASN A 71 0.90 -10.62 -1.23
C ASN A 71 -0.04 -11.06 -2.34
N SER A 72 -1.33 -10.99 -2.08
CA SER A 72 -2.33 -11.39 -3.07
C SER A 72 -2.79 -10.18 -3.89
N CYS A 73 -3.47 -9.25 -3.23
CA CYS A 73 -3.97 -8.05 -3.91
C CYS A 73 -2.89 -7.45 -4.80
N ASN A 74 -1.63 -7.70 -4.45
CA ASN A 74 -0.51 -7.17 -5.23
C ASN A 74 -0.84 -7.15 -6.71
N LYS A 75 -0.82 -5.95 -7.30
CA LYS A 75 -1.11 -5.79 -8.71
C LYS A 75 -2.53 -6.24 -9.04
N ARG A 76 -3.50 -5.66 -8.33
CA ARG A 76 -4.90 -6.00 -8.54
C ARG A 76 -5.49 -5.17 -9.67
N GLU A 77 -6.12 -5.85 -10.63
CA GLU A 77 -6.73 -5.19 -11.77
C GLU A 77 -8.07 -4.57 -11.38
N ILE A 78 -8.06 -3.28 -11.08
CA ILE A 78 -9.28 -2.57 -10.70
C ILE A 78 -9.54 -1.38 -11.63
N GLU A 79 -10.79 -1.24 -12.05
CA GLU A 79 -11.17 -0.14 -12.94
C GLU A 79 -10.43 -0.24 -14.27
N GLY A 80 -10.05 -1.46 -14.65
CA GLY A 80 -9.35 -1.67 -15.90
C GLY A 80 -7.87 -1.40 -15.77
N ARG A 81 -7.43 -0.99 -14.59
CA ARG A 81 -6.03 -0.69 -14.34
C ARG A 81 -5.51 -1.49 -13.15
N ALA A 82 -4.24 -1.89 -13.23
CA ALA A 82 -3.61 -2.67 -12.16
C ALA A 82 -3.20 -1.77 -11.01
N ILE A 83 -3.25 -2.30 -9.79
CA ILE A 83 -2.86 -1.55 -8.61
C ILE A 83 -1.80 -2.28 -7.80
N ARG A 84 -0.71 -1.59 -7.49
CA ARG A 84 0.37 -2.19 -6.72
C ARG A 84 0.30 -1.76 -5.25
N LEU A 85 0.76 -2.64 -4.36
CA LEU A 85 0.75 -2.35 -2.94
C LEU A 85 2.15 -2.45 -2.34
N GLU A 86 2.46 -1.55 -1.42
CA GLU A 86 3.77 -1.54 -0.78
C GLU A 86 3.65 -1.11 0.69
N LEU A 87 4.33 -1.85 1.56
CA LEU A 87 4.31 -1.55 2.99
C LEU A 87 4.86 -0.15 3.27
N GLN A 88 4.12 0.62 4.06
CA GLN A 88 4.53 1.98 4.41
C GLN A 88 5.77 1.97 5.28
N GLY A 89 6.77 2.76 4.90
CA GLY A 89 8.00 2.82 5.67
C GLY A 89 8.18 4.15 6.36
N PRO A 90 9.45 4.55 6.58
CA PRO A 90 9.79 5.82 7.24
C PRO A 90 9.46 7.02 6.36
N ARG A 91 8.83 8.03 6.97
CA ARG A 91 8.47 9.24 6.25
C ARG A 91 9.70 10.09 5.96
N GLY A 92 9.57 11.01 5.00
CA GLY A 92 10.67 11.88 4.65
C GLY A 92 11.14 11.66 3.22
N SER A 93 11.52 12.75 2.55
CA SER A 93 11.99 12.68 1.18
C SER A 93 13.48 12.99 1.09
N PRO A 94 14.14 12.43 0.07
CA PRO A 94 15.57 12.63 -0.16
C PRO A 94 15.91 14.05 -0.59
N ASN A 95 17.20 14.37 -0.61
CA ASN A 95 17.64 15.70 -1.00
C ASN A 95 18.16 15.70 -2.44
N SER A 96 17.87 16.77 -3.17
CA SER A 96 18.30 16.89 -4.56
C SER A 96 18.65 18.34 -4.90
N GLY A 97 19.88 18.56 -5.33
CA GLY A 97 20.31 19.91 -5.68
C GLY A 97 21.73 19.94 -6.21
N PRO A 98 21.99 20.86 -7.15
CA PRO A 98 23.31 21.01 -7.76
C PRO A 98 24.35 21.57 -6.79
N SER A 99 23.86 22.30 -5.79
CA SER A 99 24.74 22.89 -4.77
C SER A 99 25.25 21.84 -3.80
N SER A 100 26.50 21.43 -3.97
CA SER A 100 27.10 20.42 -3.11
C SER A 100 28.17 21.04 -2.21
N GLY A 101 27.90 21.09 -0.91
CA GLY A 101 28.84 21.66 0.02
C GLY A 101 28.47 21.39 1.47
#